data_3PR9
# 
_entry.id   3PR9 
# 
_audit_conform.dict_name       mmcif_pdbx.dic 
_audit_conform.dict_version    5.387 
_audit_conform.dict_location   http://mmcif.pdb.org/dictionaries/ascii/mmcif_pdbx.dic 
# 
loop_
_database_2.database_id 
_database_2.database_code 
_database_2.pdbx_database_accession 
_database_2.pdbx_DOI 
PDB   3PR9         pdb_00003pr9 10.2210/pdb3pr9/pdb 
RCSB  RCSB062723   ?            ?                   
WWPDB D_1000062723 ?            ?                   
# 
loop_
_pdbx_audit_revision_history.ordinal 
_pdbx_audit_revision_history.data_content_type 
_pdbx_audit_revision_history.major_revision 
_pdbx_audit_revision_history.minor_revision 
_pdbx_audit_revision_history.revision_date 
1 'Structure model' 1 0 2011-01-19 
2 'Structure model' 1 1 2011-07-13 
3 'Structure model' 1 2 2019-07-17 
4 'Structure model' 1 3 2024-02-21 
# 
_pdbx_audit_revision_details.ordinal             1 
_pdbx_audit_revision_details.revision_ordinal    1 
_pdbx_audit_revision_details.data_content_type   'Structure model' 
_pdbx_audit_revision_details.provider            repository 
_pdbx_audit_revision_details.type                'Initial release' 
_pdbx_audit_revision_details.description         ? 
_pdbx_audit_revision_details.details             ? 
# 
loop_
_pdbx_audit_revision_group.ordinal 
_pdbx_audit_revision_group.revision_ordinal 
_pdbx_audit_revision_group.data_content_type 
_pdbx_audit_revision_group.group 
1 2 'Structure model' 'Version format compliance' 
2 3 'Structure model' 'Data collection'           
3 3 'Structure model' 'Refinement description'    
4 4 'Structure model' 'Data collection'           
5 4 'Structure model' 'Database references'       
# 
loop_
_pdbx_audit_revision_category.ordinal 
_pdbx_audit_revision_category.revision_ordinal 
_pdbx_audit_revision_category.data_content_type 
_pdbx_audit_revision_category.category 
1 3 'Structure model' software           
2 4 'Structure model' chem_comp_atom     
3 4 'Structure model' chem_comp_bond     
4 4 'Structure model' database_2         
5 4 'Structure model' struct_ref_seq_dif 
# 
loop_
_pdbx_audit_revision_item.ordinal 
_pdbx_audit_revision_item.revision_ordinal 
_pdbx_audit_revision_item.data_content_type 
_pdbx_audit_revision_item.item 
1 3 'Structure model' '_software.contact_author'            
2 3 'Structure model' '_software.contact_author_email'      
3 3 'Structure model' '_software.location'                  
4 3 'Structure model' '_software.name'                      
5 3 'Structure model' '_software.type'                      
6 4 'Structure model' '_database_2.pdbx_DOI'                
7 4 'Structure model' '_database_2.pdbx_database_accession' 
8 4 'Structure model' '_struct_ref_seq_dif.details'         
# 
_pdbx_database_status.entry_id                        3PR9 
_pdbx_database_status.status_code                     REL 
_pdbx_database_status.deposit_site                    RCSB 
_pdbx_database_status.process_site                    RCSB 
_pdbx_database_status.recvd_initial_deposition_date   2010-11-29 
_pdbx_database_status.status_code_sf                  REL 
_pdbx_database_status.status_code_mr                  ? 
_pdbx_database_status.SG_entry                        ? 
_pdbx_database_status.status_code_cs                  ? 
_pdbx_database_status.pdb_format_compatible           Y 
_pdbx_database_status.methods_development_category    ? 
_pdbx_database_status.status_code_nmr_data            ? 
# 
loop_
_pdbx_database_related.db_name 
_pdbx_database_related.db_id 
_pdbx_database_related.details 
_pdbx_database_related.content_type 
PDB 3PRA . unspecified 
PDB 3PRB . unspecified 
PDB 3PRD . unspecified 
# 
loop_
_audit_author.name 
_audit_author.pdbx_ordinal 
'Martinez-Hackert, E.' 1 
'Hendrickson, W.A.'    2 
# 
_citation.id                        primary 
_citation.title                     'Structural Analysis of Protein Folding by the Long-Chain Archaeal Chaperone FKBP26.' 
_citation.journal_abbrev            J.Mol.Biol. 
_citation.journal_volume            407 
_citation.page_first                450 
_citation.page_last                 464 
_citation.year                      2011 
_citation.journal_id_ASTM           JMOBAK 
_citation.country                   UK 
_citation.journal_id_ISSN           0022-2836 
_citation.journal_id_CSD            0070 
_citation.book_publisher            ? 
_citation.pdbx_database_id_PubMed   21262232 
_citation.pdbx_database_id_DOI      10.1016/j.jmb.2011.01.027 
# 
loop_
_citation_author.citation_id 
_citation_author.name 
_citation_author.ordinal 
_citation_author.identifier_ORCID 
primary 'Martinez-Hackert, E.' 1 ? 
primary 'Hendrickson, W.A.'    2 ? 
# 
loop_
_entity.id 
_entity.type 
_entity.src_method 
_entity.pdbx_description 
_entity.formula_weight 
_entity.pdbx_number_of_molecules 
_entity.pdbx_ec 
_entity.pdbx_mutation 
_entity.pdbx_fragment 
_entity.details 
1 polymer man 'FKBP-type peptidyl-prolyl cis-trans isomerase' 17511.312 1   5.2.1.8 ? ? ? 
2 water   nat water                                           18.015    334 ?       ? ? ? 
# 
_entity_name_com.entity_id   1 
_entity_name_com.name        'PPIase, Rotamase, long-type FKBP' 
# 
_entity_poly.entity_id                      1 
_entity_poly.type                           'polypeptide(L)' 
_entity_poly.nstd_linkage                   no 
_entity_poly.nstd_monomer                   no 
_entity_poly.pdbx_seq_one_letter_code       
;MVEKGKMVKISYDGYVDGKLFDTTNEELAKKEGIYNPAMIYGPVAIFAGEGQVLPGLDEAILEMDVGEEREVVLPPEKAF
GKRDPSKIKLIPLSEFTKRGIKPIKGLTITIDGIPGKIVSINSGRVLVDFNHELAGKEVKYRIKIEEVVDLHHHHHH
;
_entity_poly.pdbx_seq_one_letter_code_can   
;MVEKGKMVKISYDGYVDGKLFDTTNEELAKKEGIYNPAMIYGPVAIFAGEGQVLPGLDEAILEMDVGEEREVVLPPEKAF
GKRDPSKIKLIPLSEFTKRGIKPIKGLTITIDGIPGKIVSINSGRVLVDFNHELAGKEVKYRIKIEEVVDLHHHHHH
;
_entity_poly.pdbx_strand_id                 A 
_entity_poly.pdbx_target_identifier         ? 
# 
_pdbx_entity_nonpoly.entity_id   2 
_pdbx_entity_nonpoly.name        water 
_pdbx_entity_nonpoly.comp_id     HOH 
# 
loop_
_entity_poly_seq.entity_id 
_entity_poly_seq.num 
_entity_poly_seq.mon_id 
_entity_poly_seq.hetero 
1 1   MET n 
1 2   VAL n 
1 3   GLU n 
1 4   LYS n 
1 5   GLY n 
1 6   LYS n 
1 7   MET n 
1 8   VAL n 
1 9   LYS n 
1 10  ILE n 
1 11  SER n 
1 12  TYR n 
1 13  ASP n 
1 14  GLY n 
1 15  TYR n 
1 16  VAL n 
1 17  ASP n 
1 18  GLY n 
1 19  LYS n 
1 20  LEU n 
1 21  PHE n 
1 22  ASP n 
1 23  THR n 
1 24  THR n 
1 25  ASN n 
1 26  GLU n 
1 27  GLU n 
1 28  LEU n 
1 29  ALA n 
1 30  LYS n 
1 31  LYS n 
1 32  GLU n 
1 33  GLY n 
1 34  ILE n 
1 35  TYR n 
1 36  ASN n 
1 37  PRO n 
1 38  ALA n 
1 39  MET n 
1 40  ILE n 
1 41  TYR n 
1 42  GLY n 
1 43  PRO n 
1 44  VAL n 
1 45  ALA n 
1 46  ILE n 
1 47  PHE n 
1 48  ALA n 
1 49  GLY n 
1 50  GLU n 
1 51  GLY n 
1 52  GLN n 
1 53  VAL n 
1 54  LEU n 
1 55  PRO n 
1 56  GLY n 
1 57  LEU n 
1 58  ASP n 
1 59  GLU n 
1 60  ALA n 
1 61  ILE n 
1 62  LEU n 
1 63  GLU n 
1 64  MET n 
1 65  ASP n 
1 66  VAL n 
1 67  GLY n 
1 68  GLU n 
1 69  GLU n 
1 70  ARG n 
1 71  GLU n 
1 72  VAL n 
1 73  VAL n 
1 74  LEU n 
1 75  PRO n 
1 76  PRO n 
1 77  GLU n 
1 78  LYS n 
1 79  ALA n 
1 80  PHE n 
1 81  GLY n 
1 82  LYS n 
1 83  ARG n 
1 84  ASP n 
1 85  PRO n 
1 86  SER n 
1 87  LYS n 
1 88  ILE n 
1 89  LYS n 
1 90  LEU n 
1 91  ILE n 
1 92  PRO n 
1 93  LEU n 
1 94  SER n 
1 95  GLU n 
1 96  PHE n 
1 97  THR n 
1 98  LYS n 
1 99  ARG n 
1 100 GLY n 
1 101 ILE n 
1 102 LYS n 
1 103 PRO n 
1 104 ILE n 
1 105 LYS n 
1 106 GLY n 
1 107 LEU n 
1 108 THR n 
1 109 ILE n 
1 110 THR n 
1 111 ILE n 
1 112 ASP n 
1 113 GLY n 
1 114 ILE n 
1 115 PRO n 
1 116 GLY n 
1 117 LYS n 
1 118 ILE n 
1 119 VAL n 
1 120 SER n 
1 121 ILE n 
1 122 ASN n 
1 123 SER n 
1 124 GLY n 
1 125 ARG n 
1 126 VAL n 
1 127 LEU n 
1 128 VAL n 
1 129 ASP n 
1 130 PHE n 
1 131 ASN n 
1 132 HIS n 
1 133 GLU n 
1 134 LEU n 
1 135 ALA n 
1 136 GLY n 
1 137 LYS n 
1 138 GLU n 
1 139 VAL n 
1 140 LYS n 
1 141 TYR n 
1 142 ARG n 
1 143 ILE n 
1 144 LYS n 
1 145 ILE n 
1 146 GLU n 
1 147 GLU n 
1 148 VAL n 
1 149 VAL n 
1 150 ASP n 
1 151 LEU n 
1 152 HIS n 
1 153 HIS n 
1 154 HIS n 
1 155 HIS n 
1 156 HIS n 
1 157 HIS n 
# 
_entity_src_gen.entity_id                          1 
_entity_src_gen.pdbx_src_id                        1 
_entity_src_gen.pdbx_alt_source_flag               sample 
_entity_src_gen.pdbx_seq_type                      ? 
_entity_src_gen.pdbx_beg_seq_num                   ? 
_entity_src_gen.pdbx_end_seq_num                   ? 
_entity_src_gen.gene_src_common_name               'Methanococcus jannaschii' 
_entity_src_gen.gene_src_genus                     ? 
_entity_src_gen.pdbx_gene_src_gene                 MJ0825 
_entity_src_gen.gene_src_species                   ? 
_entity_src_gen.gene_src_strain                    ? 
_entity_src_gen.gene_src_tissue                    ? 
_entity_src_gen.gene_src_tissue_fraction           ? 
_entity_src_gen.gene_src_details                   'truncation of C-terminal domain at residue 150' 
_entity_src_gen.pdbx_gene_src_fragment             ? 
_entity_src_gen.pdbx_gene_src_scientific_name      'Methanocaldococcus jannaschii' 
_entity_src_gen.pdbx_gene_src_ncbi_taxonomy_id     2190 
_entity_src_gen.pdbx_gene_src_variant              ? 
_entity_src_gen.pdbx_gene_src_cell_line            ? 
_entity_src_gen.pdbx_gene_src_atcc                 ? 
_entity_src_gen.pdbx_gene_src_organ                ? 
_entity_src_gen.pdbx_gene_src_organelle            ? 
_entity_src_gen.pdbx_gene_src_cell                 ? 
_entity_src_gen.pdbx_gene_src_cellular_location    ? 
_entity_src_gen.host_org_common_name               ? 
_entity_src_gen.pdbx_host_org_scientific_name      'Escherichia coli' 
_entity_src_gen.pdbx_host_org_ncbi_taxonomy_id     562 
_entity_src_gen.host_org_genus                     ? 
_entity_src_gen.pdbx_host_org_gene                 ? 
_entity_src_gen.pdbx_host_org_organ                ? 
_entity_src_gen.host_org_species                   ? 
_entity_src_gen.pdbx_host_org_tissue               ? 
_entity_src_gen.pdbx_host_org_tissue_fraction      ? 
_entity_src_gen.pdbx_host_org_strain               'BL21(DE3)' 
_entity_src_gen.pdbx_host_org_variant              ? 
_entity_src_gen.pdbx_host_org_cell_line            ? 
_entity_src_gen.pdbx_host_org_atcc                 ? 
_entity_src_gen.pdbx_host_org_culture_collection   ? 
_entity_src_gen.pdbx_host_org_cell                 ? 
_entity_src_gen.pdbx_host_org_organelle            ? 
_entity_src_gen.pdbx_host_org_cellular_location    ? 
_entity_src_gen.pdbx_host_org_vector_type          plasmid 
_entity_src_gen.pdbx_host_org_vector               ? 
_entity_src_gen.host_org_details                   ? 
_entity_src_gen.expression_system_id               ? 
_entity_src_gen.plasmid_name                       pET24 
_entity_src_gen.plasmid_details                    ? 
_entity_src_gen.pdbx_description                   ? 
# 
loop_
_chem_comp.id 
_chem_comp.type 
_chem_comp.mon_nstd_flag 
_chem_comp.name 
_chem_comp.pdbx_synonyms 
_chem_comp.formula 
_chem_comp.formula_weight 
ALA 'L-peptide linking' y ALANINE         ? 'C3 H7 N O2'     89.093  
ARG 'L-peptide linking' y ARGININE        ? 'C6 H15 N4 O2 1' 175.209 
ASN 'L-peptide linking' y ASPARAGINE      ? 'C4 H8 N2 O3'    132.118 
ASP 'L-peptide linking' y 'ASPARTIC ACID' ? 'C4 H7 N O4'     133.103 
GLN 'L-peptide linking' y GLUTAMINE       ? 'C5 H10 N2 O3'   146.144 
GLU 'L-peptide linking' y 'GLUTAMIC ACID' ? 'C5 H9 N O4'     147.129 
GLY 'peptide linking'   y GLYCINE         ? 'C2 H5 N O2'     75.067  
HIS 'L-peptide linking' y HISTIDINE       ? 'C6 H10 N3 O2 1' 156.162 
HOH non-polymer         . WATER           ? 'H2 O'           18.015  
ILE 'L-peptide linking' y ISOLEUCINE      ? 'C6 H13 N O2'    131.173 
LEU 'L-peptide linking' y LEUCINE         ? 'C6 H13 N O2'    131.173 
LYS 'L-peptide linking' y LYSINE          ? 'C6 H15 N2 O2 1' 147.195 
MET 'L-peptide linking' y METHIONINE      ? 'C5 H11 N O2 S'  149.211 
PHE 'L-peptide linking' y PHENYLALANINE   ? 'C9 H11 N O2'    165.189 
PRO 'L-peptide linking' y PROLINE         ? 'C5 H9 N O2'     115.130 
SER 'L-peptide linking' y SERINE          ? 'C3 H7 N O3'     105.093 
THR 'L-peptide linking' y THREONINE       ? 'C4 H9 N O3'     119.119 
TYR 'L-peptide linking' y TYROSINE        ? 'C9 H11 N O3'    181.189 
VAL 'L-peptide linking' y VALINE          ? 'C5 H11 N O2'    117.146 
# 
loop_
_pdbx_poly_seq_scheme.asym_id 
_pdbx_poly_seq_scheme.entity_id 
_pdbx_poly_seq_scheme.seq_id 
_pdbx_poly_seq_scheme.mon_id 
_pdbx_poly_seq_scheme.ndb_seq_num 
_pdbx_poly_seq_scheme.pdb_seq_num 
_pdbx_poly_seq_scheme.auth_seq_num 
_pdbx_poly_seq_scheme.pdb_mon_id 
_pdbx_poly_seq_scheme.auth_mon_id 
_pdbx_poly_seq_scheme.pdb_strand_id 
_pdbx_poly_seq_scheme.pdb_ins_code 
_pdbx_poly_seq_scheme.hetero 
A 1 1   MET 1   1   1   MET MET A . n 
A 1 2   VAL 2   2   2   VAL VAL A . n 
A 1 3   GLU 3   3   3   GLU GLU A . n 
A 1 4   LYS 4   4   4   LYS LYS A . n 
A 1 5   GLY 5   5   5   GLY GLY A . n 
A 1 6   LYS 6   6   6   LYS LYS A . n 
A 1 7   MET 7   7   7   MET MET A . n 
A 1 8   VAL 8   8   8   VAL VAL A . n 
A 1 9   LYS 9   9   9   LYS LYS A . n 
A 1 10  ILE 10  10  10  ILE ILE A . n 
A 1 11  SER 11  11  11  SER SER A . n 
A 1 12  TYR 12  12  12  TYR TYR A . n 
A 1 13  ASP 13  13  13  ASP ASP A . n 
A 1 14  GLY 14  14  14  GLY GLY A . n 
A 1 15  TYR 15  15  15  TYR TYR A . n 
A 1 16  VAL 16  16  16  VAL VAL A . n 
A 1 17  ASP 17  17  17  ASP ASP A . n 
A 1 18  GLY 18  18  18  GLY GLY A . n 
A 1 19  LYS 19  19  19  LYS LYS A . n 
A 1 20  LEU 20  20  20  LEU LEU A . n 
A 1 21  PHE 21  21  21  PHE PHE A . n 
A 1 22  ASP 22  22  22  ASP ASP A . n 
A 1 23  THR 23  23  23  THR THR A . n 
A 1 24  THR 24  24  24  THR THR A . n 
A 1 25  ASN 25  25  25  ASN ASN A . n 
A 1 26  GLU 26  26  26  GLU GLU A . n 
A 1 27  GLU 27  27  27  GLU GLU A . n 
A 1 28  LEU 28  28  28  LEU LEU A . n 
A 1 29  ALA 29  29  29  ALA ALA A . n 
A 1 30  LYS 30  30  30  LYS LYS A . n 
A 1 31  LYS 31  31  31  LYS LYS A . n 
A 1 32  GLU 32  32  32  GLU GLU A . n 
A 1 33  GLY 33  33  33  GLY GLY A . n 
A 1 34  ILE 34  34  34  ILE ILE A . n 
A 1 35  TYR 35  35  35  TYR TYR A . n 
A 1 36  ASN 36  36  36  ASN ASN A . n 
A 1 37  PRO 37  37  37  PRO PRO A . n 
A 1 38  ALA 38  38  38  ALA ALA A . n 
A 1 39  MET 39  39  39  MET MET A . n 
A 1 40  ILE 40  40  40  ILE ILE A . n 
A 1 41  TYR 41  41  41  TYR TYR A . n 
A 1 42  GLY 42  42  42  GLY GLY A . n 
A 1 43  PRO 43  43  43  PRO PRO A . n 
A 1 44  VAL 44  44  44  VAL VAL A . n 
A 1 45  ALA 45  45  45  ALA ALA A . n 
A 1 46  ILE 46  46  46  ILE ILE A . n 
A 1 47  PHE 47  47  47  PHE PHE A . n 
A 1 48  ALA 48  48  48  ALA ALA A . n 
A 1 49  GLY 49  49  49  GLY GLY A . n 
A 1 50  GLU 50  50  50  GLU GLU A . n 
A 1 51  GLY 51  51  51  GLY GLY A . n 
A 1 52  GLN 52  52  52  GLN GLN A . n 
A 1 53  VAL 53  53  53  VAL VAL A . n 
A 1 54  LEU 54  54  54  LEU LEU A . n 
A 1 55  PRO 55  55  55  PRO PRO A . n 
A 1 56  GLY 56  56  56  GLY GLY A . n 
A 1 57  LEU 57  57  57  LEU LEU A . n 
A 1 58  ASP 58  58  58  ASP ASP A . n 
A 1 59  GLU 59  59  59  GLU GLU A . n 
A 1 60  ALA 60  60  60  ALA ALA A . n 
A 1 61  ILE 61  61  61  ILE ILE A . n 
A 1 62  LEU 62  62  62  LEU LEU A . n 
A 1 63  GLU 63  63  63  GLU GLU A . n 
A 1 64  MET 64  64  64  MET MET A . n 
A 1 65  ASP 65  65  65  ASP ASP A . n 
A 1 66  VAL 66  66  66  VAL VAL A . n 
A 1 67  GLY 67  67  67  GLY GLY A . n 
A 1 68  GLU 68  68  68  GLU GLU A . n 
A 1 69  GLU 69  69  69  GLU GLU A . n 
A 1 70  ARG 70  70  70  ARG ARG A . n 
A 1 71  GLU 71  71  71  GLU GLU A . n 
A 1 72  VAL 72  72  72  VAL VAL A . n 
A 1 73  VAL 73  73  73  VAL VAL A . n 
A 1 74  LEU 74  74  74  LEU LEU A . n 
A 1 75  PRO 75  75  75  PRO PRO A . n 
A 1 76  PRO 76  76  76  PRO PRO A . n 
A 1 77  GLU 77  77  77  GLU GLU A . n 
A 1 78  LYS 78  78  78  LYS LYS A . n 
A 1 79  ALA 79  79  79  ALA ALA A . n 
A 1 80  PHE 80  80  80  PHE PHE A . n 
A 1 81  GLY 81  81  81  GLY GLY A . n 
A 1 82  LYS 82  82  82  LYS LYS A . n 
A 1 83  ARG 83  83  83  ARG ARG A . n 
A 1 84  ASP 84  84  84  ASP ASP A . n 
A 1 85  PRO 85  85  85  PRO PRO A . n 
A 1 86  SER 86  86  86  SER SER A . n 
A 1 87  LYS 87  87  87  LYS LYS A . n 
A 1 88  ILE 88  88  88  ILE ILE A . n 
A 1 89  LYS 89  89  89  LYS LYS A . n 
A 1 90  LEU 90  90  90  LEU LEU A . n 
A 1 91  ILE 91  91  91  ILE ILE A . n 
A 1 92  PRO 92  92  92  PRO PRO A . n 
A 1 93  LEU 93  93  93  LEU LEU A . n 
A 1 94  SER 94  94  94  SER SER A . n 
A 1 95  GLU 95  95  95  GLU GLU A . n 
A 1 96  PHE 96  96  96  PHE PHE A . n 
A 1 97  THR 97  97  97  THR THR A . n 
A 1 98  LYS 98  98  98  LYS LYS A . n 
A 1 99  ARG 99  99  99  ARG ARG A . n 
A 1 100 GLY 100 100 100 GLY GLY A . n 
A 1 101 ILE 101 101 101 ILE ILE A . n 
A 1 102 LYS 102 102 102 LYS LYS A . n 
A 1 103 PRO 103 103 103 PRO PRO A . n 
A 1 104 ILE 104 104 104 ILE ILE A . n 
A 1 105 LYS 105 105 105 LYS LYS A . n 
A 1 106 GLY 106 106 106 GLY GLY A . n 
A 1 107 LEU 107 107 107 LEU LEU A . n 
A 1 108 THR 108 108 108 THR THR A . n 
A 1 109 ILE 109 109 109 ILE ILE A . n 
A 1 110 THR 110 110 110 THR THR A . n 
A 1 111 ILE 111 111 111 ILE ILE A . n 
A 1 112 ASP 112 112 112 ASP ASP A . n 
A 1 113 GLY 113 113 113 GLY GLY A . n 
A 1 114 ILE 114 114 114 ILE ILE A . n 
A 1 115 PRO 115 115 115 PRO PRO A . n 
A 1 116 GLY 116 116 116 GLY GLY A . n 
A 1 117 LYS 117 117 117 LYS LYS A . n 
A 1 118 ILE 118 118 118 ILE ILE A . n 
A 1 119 VAL 119 119 119 VAL VAL A . n 
A 1 120 SER 120 120 120 SER SER A . n 
A 1 121 ILE 121 121 121 ILE ILE A . n 
A 1 122 ASN 122 122 122 ASN ASN A . n 
A 1 123 SER 123 123 123 SER SER A . n 
A 1 124 GLY 124 124 124 GLY GLY A . n 
A 1 125 ARG 125 125 125 ARG ARG A . n 
A 1 126 VAL 126 126 126 VAL VAL A . n 
A 1 127 LEU 127 127 127 LEU LEU A . n 
A 1 128 VAL 128 128 128 VAL VAL A . n 
A 1 129 ASP 129 129 129 ASP ASP A . n 
A 1 130 PHE 130 130 130 PHE PHE A . n 
A 1 131 ASN 131 131 131 ASN ASN A . n 
A 1 132 HIS 132 132 132 HIS HIS A . n 
A 1 133 GLU 133 133 133 GLU GLU A . n 
A 1 134 LEU 134 134 134 LEU LEU A . n 
A 1 135 ALA 135 135 135 ALA ALA A . n 
A 1 136 GLY 136 136 136 GLY GLY A . n 
A 1 137 LYS 137 137 137 LYS LYS A . n 
A 1 138 GLU 138 138 138 GLU GLU A . n 
A 1 139 VAL 139 139 139 VAL VAL A . n 
A 1 140 LYS 140 140 140 LYS LYS A . n 
A 1 141 TYR 141 141 141 TYR TYR A . n 
A 1 142 ARG 142 142 142 ARG ARG A . n 
A 1 143 ILE 143 143 143 ILE ILE A . n 
A 1 144 LYS 144 144 144 LYS LYS A . n 
A 1 145 ILE 145 145 145 ILE ILE A . n 
A 1 146 GLU 146 146 146 GLU GLU A . n 
A 1 147 GLU 147 147 147 GLU GLU A . n 
A 1 148 VAL 148 148 148 VAL VAL A . n 
A 1 149 VAL 149 149 149 VAL VAL A . n 
A 1 150 ASP 150 150 150 ASP ASP A . n 
A 1 151 LEU 151 151 ?   ?   ?   A . n 
A 1 152 HIS 152 152 ?   ?   ?   A . n 
A 1 153 HIS 153 153 ?   ?   ?   A . n 
A 1 154 HIS 154 154 ?   ?   ?   A . n 
A 1 155 HIS 155 155 ?   ?   ?   A . n 
A 1 156 HIS 156 156 ?   ?   ?   A . n 
A 1 157 HIS 157 157 ?   ?   ?   A . n 
# 
loop_
_pdbx_nonpoly_scheme.asym_id 
_pdbx_nonpoly_scheme.entity_id 
_pdbx_nonpoly_scheme.mon_id 
_pdbx_nonpoly_scheme.ndb_seq_num 
_pdbx_nonpoly_scheme.pdb_seq_num 
_pdbx_nonpoly_scheme.auth_seq_num 
_pdbx_nonpoly_scheme.pdb_mon_id 
_pdbx_nonpoly_scheme.auth_mon_id 
_pdbx_nonpoly_scheme.pdb_strand_id 
_pdbx_nonpoly_scheme.pdb_ins_code 
B 2 HOH 1   158 158 HOH HOH A . 
B 2 HOH 2   159 159 HOH HOH A . 
B 2 HOH 3   160 160 HOH HOH A . 
B 2 HOH 4   161 161 HOH HOH A . 
B 2 HOH 5   162 162 HOH HOH A . 
B 2 HOH 6   163 163 HOH HOH A . 
B 2 HOH 7   164 164 HOH HOH A . 
B 2 HOH 8   165 165 HOH HOH A . 
B 2 HOH 9   166 166 HOH HOH A . 
B 2 HOH 10  167 167 HOH HOH A . 
B 2 HOH 11  168 168 HOH HOH A . 
B 2 HOH 12  169 169 HOH HOH A . 
B 2 HOH 13  170 170 HOH HOH A . 
B 2 HOH 14  171 171 HOH HOH A . 
B 2 HOH 15  172 1   HOH HOH A . 
B 2 HOH 16  173 173 HOH HOH A . 
B 2 HOH 17  174 174 HOH HOH A . 
B 2 HOH 18  175 175 HOH HOH A . 
B 2 HOH 19  176 176 HOH HOH A . 
B 2 HOH 20  177 177 HOH HOH A . 
B 2 HOH 21  178 178 HOH HOH A . 
B 2 HOH 22  179 179 HOH HOH A . 
B 2 HOH 23  180 180 HOH HOH A . 
B 2 HOH 24  181 181 HOH HOH A . 
B 2 HOH 25  182 182 HOH HOH A . 
B 2 HOH 26  183 183 HOH HOH A . 
B 2 HOH 27  184 184 HOH HOH A . 
B 2 HOH 28  185 185 HOH HOH A . 
B 2 HOH 29  186 186 HOH HOH A . 
B 2 HOH 30  187 187 HOH HOH A . 
B 2 HOH 31  188 188 HOH HOH A . 
B 2 HOH 32  189 189 HOH HOH A . 
B 2 HOH 33  190 190 HOH HOH A . 
B 2 HOH 34  191 191 HOH HOH A . 
B 2 HOH 35  192 192 HOH HOH A . 
B 2 HOH 36  193 193 HOH HOH A . 
B 2 HOH 37  194 194 HOH HOH A . 
B 2 HOH 38  195 195 HOH HOH A . 
B 2 HOH 39  196 196 HOH HOH A . 
B 2 HOH 40  197 197 HOH HOH A . 
B 2 HOH 41  198 198 HOH HOH A . 
B 2 HOH 42  199 199 HOH HOH A . 
B 2 HOH 43  200 200 HOH HOH A . 
B 2 HOH 44  201 201 HOH HOH A . 
B 2 HOH 45  202 202 HOH HOH A . 
B 2 HOH 46  203 203 HOH HOH A . 
B 2 HOH 47  204 204 HOH HOH A . 
B 2 HOH 48  205 205 HOH HOH A . 
B 2 HOH 49  206 206 HOH HOH A . 
B 2 HOH 50  207 2   HOH HOH A . 
B 2 HOH 51  208 208 HOH HOH A . 
B 2 HOH 52  209 209 HOH HOH A . 
B 2 HOH 53  210 210 HOH HOH A . 
B 2 HOH 54  211 211 HOH HOH A . 
B 2 HOH 55  212 212 HOH HOH A . 
B 2 HOH 56  213 213 HOH HOH A . 
B 2 HOH 57  214 214 HOH HOH A . 
B 2 HOH 58  215 215 HOH HOH A . 
B 2 HOH 59  216 216 HOH HOH A . 
B 2 HOH 60  217 217 HOH HOH A . 
B 2 HOH 61  218 218 HOH HOH A . 
B 2 HOH 62  219 219 HOH HOH A . 
B 2 HOH 63  220 220 HOH HOH A . 
B 2 HOH 64  221 221 HOH HOH A . 
B 2 HOH 65  222 222 HOH HOH A . 
B 2 HOH 66  223 223 HOH HOH A . 
B 2 HOH 67  224 224 HOH HOH A . 
B 2 HOH 68  225 225 HOH HOH A . 
B 2 HOH 69  226 226 HOH HOH A . 
B 2 HOH 70  227 227 HOH HOH A . 
B 2 HOH 71  228 228 HOH HOH A . 
B 2 HOH 72  229 229 HOH HOH A . 
B 2 HOH 73  230 230 HOH HOH A . 
B 2 HOH 74  231 231 HOH HOH A . 
B 2 HOH 75  232 3   HOH HOH A . 
B 2 HOH 76  233 233 HOH HOH A . 
B 2 HOH 77  234 234 HOH HOH A . 
B 2 HOH 78  235 235 HOH HOH A . 
B 2 HOH 79  236 236 HOH HOH A . 
B 2 HOH 80  237 237 HOH HOH A . 
B 2 HOH 81  238 238 HOH HOH A . 
B 2 HOH 82  239 239 HOH HOH A . 
B 2 HOH 83  240 240 HOH HOH A . 
B 2 HOH 84  241 241 HOH HOH A . 
B 2 HOH 85  242 242 HOH HOH A . 
B 2 HOH 86  243 243 HOH HOH A . 
B 2 HOH 87  244 244 HOH HOH A . 
B 2 HOH 88  245 245 HOH HOH A . 
B 2 HOH 89  246 246 HOH HOH A . 
B 2 HOH 90  247 247 HOH HOH A . 
B 2 HOH 91  248 248 HOH HOH A . 
B 2 HOH 92  249 249 HOH HOH A . 
B 2 HOH 93  250 250 HOH HOH A . 
B 2 HOH 94  251 251 HOH HOH A . 
B 2 HOH 95  252 252 HOH HOH A . 
B 2 HOH 96  253 253 HOH HOH A . 
B 2 HOH 97  254 254 HOH HOH A . 
B 2 HOH 98  255 255 HOH HOH A . 
B 2 HOH 99  256 256 HOH HOH A . 
B 2 HOH 100 257 257 HOH HOH A . 
B 2 HOH 101 258 4   HOH HOH A . 
B 2 HOH 102 259 259 HOH HOH A . 
B 2 HOH 103 260 260 HOH HOH A . 
B 2 HOH 104 261 261 HOH HOH A . 
B 2 HOH 105 262 262 HOH HOH A . 
B 2 HOH 106 263 263 HOH HOH A . 
B 2 HOH 107 264 264 HOH HOH A . 
B 2 HOH 108 265 265 HOH HOH A . 
B 2 HOH 109 266 266 HOH HOH A . 
B 2 HOH 110 267 267 HOH HOH A . 
B 2 HOH 111 268 268 HOH HOH A . 
B 2 HOH 112 269 269 HOH HOH A . 
B 2 HOH 113 270 270 HOH HOH A . 
B 2 HOH 114 271 271 HOH HOH A . 
B 2 HOH 115 272 272 HOH HOH A . 
B 2 HOH 116 273 273 HOH HOH A . 
B 2 HOH 117 274 274 HOH HOH A . 
B 2 HOH 118 275 275 HOH HOH A . 
B 2 HOH 119 276 276 HOH HOH A . 
B 2 HOH 120 277 277 HOH HOH A . 
B 2 HOH 121 278 278 HOH HOH A . 
B 2 HOH 122 279 279 HOH HOH A . 
B 2 HOH 123 280 280 HOH HOH A . 
B 2 HOH 124 281 281 HOH HOH A . 
B 2 HOH 125 282 282 HOH HOH A . 
B 2 HOH 126 283 283 HOH HOH A . 
B 2 HOH 127 284 284 HOH HOH A . 
B 2 HOH 128 285 285 HOH HOH A . 
B 2 HOH 129 286 286 HOH HOH A . 
B 2 HOH 130 287 287 HOH HOH A . 
B 2 HOH 131 288 288 HOH HOH A . 
B 2 HOH 132 289 289 HOH HOH A . 
B 2 HOH 133 290 290 HOH HOH A . 
B 2 HOH 134 291 291 HOH HOH A . 
B 2 HOH 135 292 292 HOH HOH A . 
B 2 HOH 136 293 293 HOH HOH A . 
B 2 HOH 137 294 294 HOH HOH A . 
B 2 HOH 138 295 295 HOH HOH A . 
B 2 HOH 139 296 296 HOH HOH A . 
B 2 HOH 140 297 297 HOH HOH A . 
B 2 HOH 141 298 298 HOH HOH A . 
B 2 HOH 142 299 299 HOH HOH A . 
B 2 HOH 143 300 300 HOH HOH A . 
B 2 HOH 144 301 301 HOH HOH A . 
B 2 HOH 145 302 302 HOH HOH A . 
B 2 HOH 146 303 303 HOH HOH A . 
B 2 HOH 147 304 304 HOH HOH A . 
B 2 HOH 148 305 305 HOH HOH A . 
B 2 HOH 149 306 306 HOH HOH A . 
B 2 HOH 150 307 307 HOH HOH A . 
B 2 HOH 151 308 308 HOH HOH A . 
B 2 HOH 152 309 309 HOH HOH A . 
B 2 HOH 153 310 310 HOH HOH A . 
B 2 HOH 154 311 311 HOH HOH A . 
B 2 HOH 155 312 312 HOH HOH A . 
B 2 HOH 156 313 313 HOH HOH A . 
B 2 HOH 157 314 314 HOH HOH A . 
B 2 HOH 158 315 315 HOH HOH A . 
B 2 HOH 159 316 316 HOH HOH A . 
B 2 HOH 160 317 317 HOH HOH A . 
B 2 HOH 161 318 318 HOH HOH A . 
B 2 HOH 162 319 319 HOH HOH A . 
B 2 HOH 163 320 320 HOH HOH A . 
B 2 HOH 164 321 321 HOH HOH A . 
B 2 HOH 165 322 322 HOH HOH A . 
B 2 HOH 166 323 323 HOH HOH A . 
B 2 HOH 167 324 5   HOH HOH A . 
B 2 HOH 168 325 325 HOH HOH A . 
B 2 HOH 169 326 326 HOH HOH A . 
B 2 HOH 170 327 327 HOH HOH A . 
B 2 HOH 171 328 328 HOH HOH A . 
B 2 HOH 172 329 329 HOH HOH A . 
B 2 HOH 173 330 6   HOH HOH A . 
B 2 HOH 174 331 331 HOH HOH A . 
B 2 HOH 175 332 332 HOH HOH A . 
B 2 HOH 176 333 333 HOH HOH A . 
B 2 HOH 177 334 334 HOH HOH A . 
B 2 HOH 178 335 335 HOH HOH A . 
B 2 HOH 179 336 336 HOH HOH A . 
B 2 HOH 180 337 337 HOH HOH A . 
B 2 HOH 181 338 338 HOH HOH A . 
B 2 HOH 182 339 339 HOH HOH A . 
B 2 HOH 183 340 340 HOH HOH A . 
B 2 HOH 184 341 341 HOH HOH A . 
B 2 HOH 185 342 342 HOH HOH A . 
B 2 HOH 186 343 343 HOH HOH A . 
B 2 HOH 187 344 344 HOH HOH A . 
B 2 HOH 188 345 345 HOH HOH A . 
B 2 HOH 189 346 8   HOH HOH A . 
B 2 HOH 190 347 9   HOH HOH A . 
B 2 HOH 191 348 10  HOH HOH A . 
B 2 HOH 192 349 11  HOH HOH A . 
B 2 HOH 193 350 12  HOH HOH A . 
B 2 HOH 194 351 13  HOH HOH A . 
B 2 HOH 195 352 14  HOH HOH A . 
B 2 HOH 196 353 15  HOH HOH A . 
B 2 HOH 197 354 16  HOH HOH A . 
B 2 HOH 198 355 17  HOH HOH A . 
B 2 HOH 199 356 18  HOH HOH A . 
B 2 HOH 200 357 19  HOH HOH A . 
B 2 HOH 201 358 20  HOH HOH A . 
B 2 HOH 202 359 22  HOH HOH A . 
B 2 HOH 203 360 23  HOH HOH A . 
B 2 HOH 204 361 24  HOH HOH A . 
B 2 HOH 205 362 25  HOH HOH A . 
B 2 HOH 206 363 26  HOH HOH A . 
B 2 HOH 207 364 27  HOH HOH A . 
B 2 HOH 208 365 28  HOH HOH A . 
B 2 HOH 209 366 29  HOH HOH A . 
B 2 HOH 210 367 30  HOH HOH A . 
B 2 HOH 211 368 31  HOH HOH A . 
B 2 HOH 212 369 32  HOH HOH A . 
B 2 HOH 213 370 33  HOH HOH A . 
B 2 HOH 214 371 34  HOH HOH A . 
B 2 HOH 215 372 35  HOH HOH A . 
B 2 HOH 216 373 36  HOH HOH A . 
B 2 HOH 217 374 37  HOH HOH A . 
B 2 HOH 218 375 38  HOH HOH A . 
B 2 HOH 219 376 39  HOH HOH A . 
B 2 HOH 220 377 40  HOH HOH A . 
B 2 HOH 221 378 41  HOH HOH A . 
B 2 HOH 222 379 42  HOH HOH A . 
B 2 HOH 223 380 43  HOH HOH A . 
B 2 HOH 224 381 44  HOH HOH A . 
B 2 HOH 225 382 45  HOH HOH A . 
B 2 HOH 226 383 46  HOH HOH A . 
B 2 HOH 227 384 47  HOH HOH A . 
B 2 HOH 228 385 48  HOH HOH A . 
B 2 HOH 229 386 49  HOH HOH A . 
B 2 HOH 230 387 50  HOH HOH A . 
B 2 HOH 231 388 51  HOH HOH A . 
B 2 HOH 232 389 52  HOH HOH A . 
B 2 HOH 233 390 53  HOH HOH A . 
B 2 HOH 234 391 54  HOH HOH A . 
B 2 HOH 235 392 55  HOH HOH A . 
B 2 HOH 236 393 56  HOH HOH A . 
B 2 HOH 237 394 57  HOH HOH A . 
B 2 HOH 238 395 58  HOH HOH A . 
B 2 HOH 239 396 59  HOH HOH A . 
B 2 HOH 240 397 60  HOH HOH A . 
B 2 HOH 241 398 61  HOH HOH A . 
B 2 HOH 242 399 62  HOH HOH A . 
B 2 HOH 243 400 63  HOH HOH A . 
B 2 HOH 244 401 64  HOH HOH A . 
B 2 HOH 245 402 65  HOH HOH A . 
B 2 HOH 246 403 66  HOH HOH A . 
B 2 HOH 247 404 67  HOH HOH A . 
B 2 HOH 248 405 68  HOH HOH A . 
B 2 HOH 249 406 69  HOH HOH A . 
B 2 HOH 250 407 70  HOH HOH A . 
B 2 HOH 251 408 71  HOH HOH A . 
B 2 HOH 252 409 72  HOH HOH A . 
B 2 HOH 253 410 73  HOH HOH A . 
B 2 HOH 254 411 74  HOH HOH A . 
B 2 HOH 255 412 75  HOH HOH A . 
B 2 HOH 256 413 76  HOH HOH A . 
B 2 HOH 257 414 77  HOH HOH A . 
B 2 HOH 258 415 78  HOH HOH A . 
B 2 HOH 259 416 79  HOH HOH A . 
B 2 HOH 260 417 80  HOH HOH A . 
B 2 HOH 261 418 81  HOH HOH A . 
B 2 HOH 262 419 82  HOH HOH A . 
B 2 HOH 263 420 83  HOH HOH A . 
B 2 HOH 264 421 84  HOH HOH A . 
B 2 HOH 265 422 85  HOH HOH A . 
B 2 HOH 266 423 86  HOH HOH A . 
B 2 HOH 267 424 87  HOH HOH A . 
B 2 HOH 268 425 88  HOH HOH A . 
B 2 HOH 269 426 89  HOH HOH A . 
B 2 HOH 270 427 90  HOH HOH A . 
B 2 HOH 271 428 91  HOH HOH A . 
B 2 HOH 272 429 92  HOH HOH A . 
B 2 HOH 273 430 93  HOH HOH A . 
B 2 HOH 274 431 94  HOH HOH A . 
B 2 HOH 275 432 95  HOH HOH A . 
B 2 HOH 276 433 96  HOH HOH A . 
B 2 HOH 277 434 97  HOH HOH A . 
B 2 HOH 278 435 98  HOH HOH A . 
B 2 HOH 279 436 100 HOH HOH A . 
B 2 HOH 280 437 101 HOH HOH A . 
B 2 HOH 281 438 102 HOH HOH A . 
B 2 HOH 282 439 103 HOH HOH A . 
B 2 HOH 283 440 104 HOH HOH A . 
B 2 HOH 284 441 105 HOH HOH A . 
B 2 HOH 285 442 106 HOH HOH A . 
B 2 HOH 286 443 107 HOH HOH A . 
B 2 HOH 287 444 108 HOH HOH A . 
B 2 HOH 288 445 109 HOH HOH A . 
B 2 HOH 289 446 110 HOH HOH A . 
B 2 HOH 290 447 111 HOH HOH A . 
B 2 HOH 291 448 112 HOH HOH A . 
B 2 HOH 292 449 113 HOH HOH A . 
B 2 HOH 293 450 114 HOH HOH A . 
B 2 HOH 294 451 115 HOH HOH A . 
B 2 HOH 295 452 116 HOH HOH A . 
B 2 HOH 296 453 117 HOH HOH A . 
B 2 HOH 297 454 118 HOH HOH A . 
B 2 HOH 298 455 119 HOH HOH A . 
B 2 HOH 299 456 120 HOH HOH A . 
B 2 HOH 300 457 121 HOH HOH A . 
B 2 HOH 301 458 122 HOH HOH A . 
B 2 HOH 302 459 123 HOH HOH A . 
B 2 HOH 303 460 124 HOH HOH A . 
B 2 HOH 304 461 125 HOH HOH A . 
B 2 HOH 305 462 126 HOH HOH A . 
B 2 HOH 306 463 127 HOH HOH A . 
B 2 HOH 307 464 129 HOH HOH A . 
B 2 HOH 308 465 130 HOH HOH A . 
B 2 HOH 309 466 131 HOH HOH A . 
B 2 HOH 310 467 132 HOH HOH A . 
B 2 HOH 311 468 133 HOH HOH A . 
B 2 HOH 312 469 134 HOH HOH A . 
B 2 HOH 313 470 135 HOH HOH A . 
B 2 HOH 314 471 136 HOH HOH A . 
B 2 HOH 315 472 137 HOH HOH A . 
B 2 HOH 316 473 138 HOH HOH A . 
B 2 HOH 317 474 139 HOH HOH A . 
B 2 HOH 318 475 140 HOH HOH A . 
B 2 HOH 319 476 141 HOH HOH A . 
B 2 HOH 320 477 142 HOH HOH A . 
B 2 HOH 321 478 143 HOH HOH A . 
B 2 HOH 322 479 144 HOH HOH A . 
B 2 HOH 323 480 145 HOH HOH A . 
B 2 HOH 324 481 146 HOH HOH A . 
B 2 HOH 325 482 147 HOH HOH A . 
B 2 HOH 326 483 148 HOH HOH A . 
B 2 HOH 327 484 149 HOH HOH A . 
B 2 HOH 328 485 150 HOH HOH A . 
B 2 HOH 329 486 152 HOH HOH A . 
B 2 HOH 330 487 153 HOH HOH A . 
B 2 HOH 331 488 154 HOH HOH A . 
B 2 HOH 332 489 155 HOH HOH A . 
B 2 HOH 333 490 156 HOH HOH A . 
B 2 HOH 334 491 157 HOH HOH A . 
# 
loop_
_software.pdbx_ordinal 
_software.name 
_software.version 
_software.date 
_software.type 
_software.contact_author 
_software.contact_author_email 
_software.classification 
_software.location 
_software.language 
_software.citation_id 
1 REFMAC      .    ?               program 'Garib N. Murshudov' garib@ysbl.york.ac.uk    refinement        
http://www.ccp4.ac.uk/dist/html/refmac5.html Fortran_77 ? 
2 CNS         .    ?               package 'Axel T. Brunger'    axel.brunger@yale.edu    refinement        http://cns-online.org/ 
Fortran_77 ? 
3 PDB_EXTRACT 3.10 'June 10, 2010' package PDB                  deposit@deposit.rcsb.org 'data extraction' 
http://sw-tools.pdb.org/apps/PDB_EXTRACT/    C++        ? 
4 CNS         .    ?               ?       ?                    ?                        phasing           ? ?          ? 
# 
_cell.length_a           41.394 
_cell.length_b           41.394 
_cell.length_c           178.422 
_cell.angle_alpha        90.000 
_cell.angle_beta         90.000 
_cell.angle_gamma        120.000 
_cell.entry_id           3PR9 
_cell.pdbx_unique_axis   ? 
_cell.Z_PDB              6 
_cell.length_a_esd       ? 
_cell.length_b_esd       ? 
_cell.length_c_esd       ? 
_cell.angle_alpha_esd    ? 
_cell.angle_beta_esd     ? 
_cell.angle_gamma_esd    ? 
# 
_symmetry.space_group_name_H-M             'P 31 2 1' 
_symmetry.entry_id                         3PR9 
_symmetry.pdbx_full_space_group_name_H-M   ? 
_symmetry.Int_Tables_number                152 
_symmetry.cell_setting                     ? 
_symmetry.space_group_name_Hall            ? 
# 
_exptl.crystals_number   1 
_exptl.entry_id          3PR9 
_exptl.method            'X-RAY DIFFRACTION' 
# 
_exptl_crystal.id                    1 
_exptl_crystal.density_Matthews      2.52 
_exptl_crystal.density_meas          ? 
_exptl_crystal.density_percent_sol   51.19 
_exptl_crystal.description           ? 
_exptl_crystal.F_000                 ? 
_exptl_crystal.preparation           ? 
# 
_exptl_crystal_grow.crystal_id      1 
_exptl_crystal_grow.method          'hanging drop' 
_exptl_crystal_grow.pH              ? 
_exptl_crystal_grow.temp            298 
_exptl_crystal_grow.pdbx_details    '1.7 M NaMalonate (pH 8.0), hanging drop, temperature 298K' 
_exptl_crystal_grow.temp_details    ? 
_exptl_crystal_grow.pdbx_pH_range   '100 mM Tris, pH 8.4' 
# 
_diffrn.id                     1 
_diffrn.ambient_temp           100 
_diffrn.ambient_temp_details   ? 
_diffrn.crystal_id             1 
# 
_diffrn_detector.diffrn_id              1 
_diffrn_detector.detector               CCD 
_diffrn_detector.type                   ? 
_diffrn_detector.pdbx_collection_date   2000-10-01 
_diffrn_detector.details                ? 
# 
_diffrn_radiation.diffrn_id                        1 
_diffrn_radiation.pdbx_diffrn_protocol             'SINGLE WAVELENGTH' 
_diffrn_radiation.monochromator                    ? 
_diffrn_radiation.wavelength_id                    1 
_diffrn_radiation.pdbx_monochromatic_or_laue_m_l   M 
_diffrn_radiation.pdbx_scattering_type             x-ray 
# 
_diffrn_radiation_wavelength.id           1 
_diffrn_radiation_wavelength.wavelength   . 
_diffrn_radiation_wavelength.wt           1.0 
# 
_diffrn_source.diffrn_id                   1 
_diffrn_source.source                      SYNCHROTRON 
_diffrn_source.type                        'NSLS BEAMLINE X4A' 
_diffrn_source.pdbx_wavelength_list        ? 
_diffrn_source.pdbx_wavelength             ? 
_diffrn_source.pdbx_synchrotron_site       NSLS 
_diffrn_source.pdbx_synchrotron_beamline   X4A 
# 
_reflns.entry_id                     3PR9 
_reflns.observed_criterion_sigma_F   ? 
_reflns.observed_criterion_sigma_I   ? 
_reflns.d_resolution_high            1.95 
_reflns.d_resolution_low             19.84 
_reflns.number_all                   ? 
_reflns.number_obs                   12182 
_reflns.percent_possible_obs         ? 
_reflns.pdbx_Rmerge_I_obs            ? 
_reflns.pdbx_Rsym_value              ? 
_reflns.pdbx_netI_over_sigmaI        ? 
_reflns.B_iso_Wilson_estimate        ? 
_reflns.pdbx_redundancy              ? 
_reflns.R_free_details               ? 
_reflns.limit_h_max                  ? 
_reflns.limit_h_min                  ? 
_reflns.limit_k_max                  ? 
_reflns.limit_k_min                  ? 
_reflns.limit_l_max                  ? 
_reflns.limit_l_min                  ? 
_reflns.observed_criterion_F_max     ? 
_reflns.observed_criterion_F_min     ? 
_reflns.pdbx_chi_squared             ? 
_reflns.pdbx_scaling_rejects         ? 
_reflns.pdbx_diffrn_id               1 
_reflns.pdbx_ordinal                 1 
# 
_refine.entry_id                                 3PR9 
_refine.ls_d_res_high                            1.9500 
_refine.ls_d_res_low                             19.8400 
_refine.pdbx_ls_sigma_F                          0.000 
_refine.pdbx_data_cutoff_high_absF               ? 
_refine.pdbx_data_cutoff_low_absF                ? 
_refine.ls_percent_reflns_obs                    100.0000 
_refine.ls_number_reflns_obs                     12117 
_refine.ls_number_reflns_all                     ? 
_refine.pdbx_ls_cross_valid_method               THROUGHOUT 
_refine.pdbx_R_Free_selection_details            RANDOM 
_refine.details                                  
'HYDROGENS HAVE BEEN ADDED IN THE RIDING POSITIONS U VALUES      : REFINED INDIVIDUALLY' 
_refine.ls_R_factor_all                          ? 
_refine.ls_R_factor_obs                          0.2123 
_refine.ls_R_factor_R_work                       0.2094 
_refine.ls_wR_factor_R_work                      0.2519 
_refine.ls_R_factor_R_free                       0.2688 
_refine.ls_wR_factor_R_free                      0.3340 
_refine.ls_percent_reflns_R_free                 4.8000 
_refine.ls_number_reflns_R_free                  582 
_refine.ls_R_factor_R_free_error                 ? 
_refine.B_iso_mean                               20.3926 
_refine.solvent_model_param_bsol                 ? 
_refine.solvent_model_param_ksol                 ? 
_refine.pdbx_isotropic_thermal_model             ? 
_refine.aniso_B[1][1]                            0.5300 
_refine.aniso_B[2][2]                            0.5300 
_refine.aniso_B[3][3]                            -0.7900 
_refine.aniso_B[1][2]                            0.2600 
_refine.aniso_B[1][3]                            0.0000 
_refine.aniso_B[2][3]                            0.0000 
_refine.correlation_coeff_Fo_to_Fc               0.9200 
_refine.correlation_coeff_Fo_to_Fc_free          0.8920 
_refine.overall_SU_R_Cruickshank_DPI             0.2145 
_refine.overall_SU_R_free                        0.1915 
_refine.pdbx_overall_ESU_R_Free                  0.1910 
_refine.overall_SU_ML                            0.1230 
_refine.overall_SU_B                             4.1810 
_refine.solvent_model_details                    MASK 
_refine.pdbx_solvent_vdw_probe_radii             1.4000 
_refine.pdbx_solvent_ion_probe_radii             0.8000 
_refine.pdbx_solvent_shrinkage_radii             0.8000 
_refine.ls_number_parameters                     ? 
_refine.ls_number_restraints                     ? 
_refine.pdbx_starting_model                      ? 
_refine.pdbx_method_to_determine_struct          'MOLECULAR REPLACEMENT' 
_refine.pdbx_stereochemistry_target_values       'MAXIMUM LIKELIHOOD' 
_refine.pdbx_stereochem_target_val_spec_case     ? 
_refine.overall_FOM_work_R_set                   0.8023 
_refine.B_iso_max                                91.310 
_refine.B_iso_min                                5.300 
_refine.occupancy_max                            1.000 
_refine.occupancy_min                            1.000 
_refine.pdbx_ls_sigma_I                          ? 
_refine.ls_redundancy_reflns_obs                 ? 
_refine.ls_R_factor_R_free_error_details         ? 
_refine.pdbx_data_cutoff_high_rms_absF           ? 
_refine.overall_FOM_free_R_set                   ? 
_refine.pdbx_overall_phase_error                 ? 
_refine.pdbx_refine_id                           'X-RAY DIFFRACTION' 
_refine.pdbx_overall_ESU_R                       ? 
_refine.pdbx_diffrn_id                           1 
_refine.pdbx_TLS_residual_ADP_flag               ? 
_refine.pdbx_overall_SU_R_free_Cruickshank_DPI   ? 
_refine.pdbx_overall_SU_R_Blow_DPI               ? 
_refine.pdbx_overall_SU_R_free_Blow_DPI          ? 
# 
_refine_hist.pdbx_refine_id                   'X-RAY DIFFRACTION' 
_refine_hist.cycle_id                         LAST 
_refine_hist.pdbx_number_atoms_protein        1163 
_refine_hist.pdbx_number_atoms_nucleic_acid   0 
_refine_hist.pdbx_number_atoms_ligand         0 
_refine_hist.number_atoms_solvent             334 
_refine_hist.number_atoms_total               1497 
_refine_hist.d_res_high                       1.9500 
_refine_hist.d_res_low                        19.8400 
# 
loop_
_refine_ls_restr.type 
_refine_ls_restr.number 
_refine_ls_restr.dev_ideal 
_refine_ls_restr.dev_ideal_target 
_refine_ls_restr.weight 
_refine_ls_restr.pdbx_refine_id 
_refine_ls_restr.pdbx_restraint_function 
r_bond_refined_d       1183 0.008  0.022  ? 'X-RAY DIFFRACTION' ? 
r_angle_refined_deg    1592 1.100  2.014  ? 'X-RAY DIFFRACTION' ? 
r_dihedral_angle_1_deg 149  5.257  5.000  ? 'X-RAY DIFFRACTION' ? 
r_dihedral_angle_2_deg 46   35.589 25.435 ? 'X-RAY DIFFRACTION' ? 
r_dihedral_angle_3_deg 231  12.282 15.000 ? 'X-RAY DIFFRACTION' ? 
r_dihedral_angle_4_deg 5    13.016 15.000 ? 'X-RAY DIFFRACTION' ? 
r_chiral_restr         180  0.068  0.200  ? 'X-RAY DIFFRACTION' ? 
r_gen_planes_refined   862  0.004  0.021  ? 'X-RAY DIFFRACTION' ? 
r_mcbond_it            743  0.560  1.500  ? 'X-RAY DIFFRACTION' ? 
r_mcangle_it           1206 1.069  2.000  ? 'X-RAY DIFFRACTION' ? 
r_scbond_it            440  1.801  3.000  ? 'X-RAY DIFFRACTION' ? 
r_scangle_it           386  3.140  4.500  ? 'X-RAY DIFFRACTION' ? 
# 
_refine_ls_shell.d_res_high                       1.9500 
_refine_ls_shell.d_res_low                        2.0000 
_refine_ls_shell.pdbx_total_number_of_bins_used   20 
_refine_ls_shell.percent_reflns_obs               100.0000 
_refine_ls_shell.number_reflns_R_work             713 
_refine_ls_shell.R_factor_all                     ? 
_refine_ls_shell.R_factor_R_work                  0.1920 
_refine_ls_shell.R_factor_R_free                  0.2650 
_refine_ls_shell.percent_reflns_R_free            ? 
_refine_ls_shell.number_reflns_R_free             34 
_refine_ls_shell.R_factor_R_free_error            ? 
_refine_ls_shell.number_reflns_all                747 
_refine_ls_shell.number_reflns_obs                ? 
_refine_ls_shell.redundancy_reflns_obs            ? 
_refine_ls_shell.pdbx_refine_id                   'X-RAY DIFFRACTION' 
# 
_struct.entry_id                  3PR9 
_struct.title                     'Structural analysis of protein folding by the Methanococcus jannaschii chaperone FKBP26' 
_struct.pdbx_model_details        ? 
_struct.pdbx_CASP_flag            ? 
_struct.pdbx_model_type_details   ? 
# 
_struct_keywords.entry_id        3PR9 
_struct_keywords.text            'FKBP protein, chaperone' 
_struct_keywords.pdbx_keywords   CHAPERONE 
# 
loop_
_struct_asym.id 
_struct_asym.pdbx_blank_PDB_chainid_flag 
_struct_asym.pdbx_modified 
_struct_asym.entity_id 
_struct_asym.details 
A N N 1 ? 
B N N 2 ? 
# 
_struct_ref.id                         1 
_struct_ref.db_name                    UNP 
_struct_ref.db_code                    FKBP2_METJA 
_struct_ref.pdbx_db_accession          Q58235 
_struct_ref.entity_id                  1 
_struct_ref.pdbx_seq_one_letter_code   
;MVEKGKMVKISYDGYVDGKLFDTTNEELAKKEGIYNPAMIYGPVAIFAGEGQVLPGLDEAILEMDVGEEREVVLPPEKAF
GKRDPSKIKLIPLSEFTKRGIKPIKGLTITIDGIPGKIVSINSGRVLVDFNHELAGKEVKYRIKIEEVVD
;
_struct_ref.pdbx_align_begin           1 
_struct_ref.pdbx_db_isoform            ? 
# 
_struct_ref_seq.align_id                      1 
_struct_ref_seq.ref_id                        1 
_struct_ref_seq.pdbx_PDB_id_code              3PR9 
_struct_ref_seq.pdbx_strand_id                A 
_struct_ref_seq.seq_align_beg                 1 
_struct_ref_seq.pdbx_seq_align_beg_ins_code   ? 
_struct_ref_seq.seq_align_end                 150 
_struct_ref_seq.pdbx_seq_align_end_ins_code   ? 
_struct_ref_seq.pdbx_db_accession             Q58235 
_struct_ref_seq.db_align_beg                  1 
_struct_ref_seq.pdbx_db_align_beg_ins_code    ? 
_struct_ref_seq.db_align_end                  150 
_struct_ref_seq.pdbx_db_align_end_ins_code    ? 
_struct_ref_seq.pdbx_auth_seq_align_beg       1 
_struct_ref_seq.pdbx_auth_seq_align_end       150 
# 
loop_
_struct_ref_seq_dif.align_id 
_struct_ref_seq_dif.pdbx_pdb_id_code 
_struct_ref_seq_dif.mon_id 
_struct_ref_seq_dif.pdbx_pdb_strand_id 
_struct_ref_seq_dif.seq_num 
_struct_ref_seq_dif.pdbx_pdb_ins_code 
_struct_ref_seq_dif.pdbx_seq_db_name 
_struct_ref_seq_dif.pdbx_seq_db_accession_code 
_struct_ref_seq_dif.db_mon_id 
_struct_ref_seq_dif.pdbx_seq_db_seq_num 
_struct_ref_seq_dif.details 
_struct_ref_seq_dif.pdbx_auth_seq_num 
_struct_ref_seq_dif.pdbx_ordinal 
1 3PR9 LEU A 151 ? UNP Q58235 ? ? 'expression tag' 151 1 
1 3PR9 HIS A 152 ? UNP Q58235 ? ? 'expression tag' 152 2 
1 3PR9 HIS A 153 ? UNP Q58235 ? ? 'expression tag' 153 3 
1 3PR9 HIS A 154 ? UNP Q58235 ? ? 'expression tag' 154 4 
1 3PR9 HIS A 155 ? UNP Q58235 ? ? 'expression tag' 155 5 
1 3PR9 HIS A 156 ? UNP Q58235 ? ? 'expression tag' 156 6 
1 3PR9 HIS A 157 ? UNP Q58235 ? ? 'expression tag' 157 7 
# 
_pdbx_struct_assembly.id                   1 
_pdbx_struct_assembly.details              author_and_software_defined_assembly 
_pdbx_struct_assembly.method_details       PISA 
_pdbx_struct_assembly.oligomeric_details   monomeric 
_pdbx_struct_assembly.oligomeric_count     1 
# 
_pdbx_struct_assembly_gen.assembly_id       1 
_pdbx_struct_assembly_gen.oper_expression   1 
_pdbx_struct_assembly_gen.asym_id_list      A,B 
# 
_pdbx_struct_oper_list.id                   1 
_pdbx_struct_oper_list.type                 'identity operation' 
_pdbx_struct_oper_list.name                 1_555 
_pdbx_struct_oper_list.symmetry_operation   x,y,z 
_pdbx_struct_oper_list.matrix[1][1]         1.0000000000 
_pdbx_struct_oper_list.matrix[1][2]         0.0000000000 
_pdbx_struct_oper_list.matrix[1][3]         0.0000000000 
_pdbx_struct_oper_list.vector[1]            0.0000000000 
_pdbx_struct_oper_list.matrix[2][1]         0.0000000000 
_pdbx_struct_oper_list.matrix[2][2]         1.0000000000 
_pdbx_struct_oper_list.matrix[2][3]         0.0000000000 
_pdbx_struct_oper_list.vector[2]            0.0000000000 
_pdbx_struct_oper_list.matrix[3][1]         0.0000000000 
_pdbx_struct_oper_list.matrix[3][2]         0.0000000000 
_pdbx_struct_oper_list.matrix[3][3]         1.0000000000 
_pdbx_struct_oper_list.vector[3]            0.0000000000 
# 
_struct_biol.id        1 
_struct_biol.details   ? 
# 
loop_
_struct_conf.conf_type_id 
_struct_conf.id 
_struct_conf.pdbx_PDB_helix_id 
_struct_conf.beg_label_comp_id 
_struct_conf.beg_label_asym_id 
_struct_conf.beg_label_seq_id 
_struct_conf.pdbx_beg_PDB_ins_code 
_struct_conf.end_label_comp_id 
_struct_conf.end_label_asym_id 
_struct_conf.end_label_seq_id 
_struct_conf.pdbx_end_PDB_ins_code 
_struct_conf.beg_auth_comp_id 
_struct_conf.beg_auth_asym_id 
_struct_conf.beg_auth_seq_id 
_struct_conf.end_auth_comp_id 
_struct_conf.end_auth_asym_id 
_struct_conf.end_auth_seq_id 
_struct_conf.pdbx_PDB_helix_class 
_struct_conf.details 
_struct_conf.pdbx_PDB_helix_length 
HELX_P HELX_P1 1 ASN A 25 ? GLU A 32 ? ASN A 25 GLU A 32 1 ? 8  
HELX_P HELX_P2 2 LEU A 54 ? MET A 64 ? LEU A 54 MET A 64 1 ? 11 
HELX_P HELX_P3 3 PRO A 75 ? ALA A 79 ? PRO A 75 ALA A 79 5 ? 5  
HELX_P HELX_P4 4 ASP A 84 ? SER A 86 ? ASP A 84 SER A 86 5 ? 3  
HELX_P HELX_P5 5 LEU A 93 ? ARG A 99 ? LEU A 93 ARG A 99 1 ? 7  
# 
_struct_conf_type.id          HELX_P 
_struct_conf_type.criteria    ? 
_struct_conf_type.reference   ? 
# 
loop_
_struct_sheet.id 
_struct_sheet.type 
_struct_sheet.number_strands 
_struct_sheet.details 
A ? 3 ? 
B ? 4 ? 
C ? 4 ? 
# 
loop_
_struct_sheet_order.sheet_id 
_struct_sheet_order.range_id_1 
_struct_sheet_order.range_id_2 
_struct_sheet_order.offset 
_struct_sheet_order.sense 
A 1 2 ? anti-parallel 
A 2 3 ? anti-parallel 
B 1 2 ? anti-parallel 
B 2 3 ? anti-parallel 
B 3 4 ? anti-parallel 
C 1 2 ? anti-parallel 
C 2 3 ? anti-parallel 
C 3 4 ? anti-parallel 
# 
loop_
_struct_sheet_range.sheet_id 
_struct_sheet_range.id 
_struct_sheet_range.beg_label_comp_id 
_struct_sheet_range.beg_label_asym_id 
_struct_sheet_range.beg_label_seq_id 
_struct_sheet_range.pdbx_beg_PDB_ins_code 
_struct_sheet_range.end_label_comp_id 
_struct_sheet_range.end_label_asym_id 
_struct_sheet_range.end_label_seq_id 
_struct_sheet_range.pdbx_end_PDB_ins_code 
_struct_sheet_range.beg_auth_comp_id 
_struct_sheet_range.beg_auth_asym_id 
_struct_sheet_range.beg_auth_seq_id 
_struct_sheet_range.end_auth_comp_id 
_struct_sheet_range.end_auth_asym_id 
_struct_sheet_range.end_auth_seq_id 
A 1 LYS A 19  ? THR A 23  ? LYS A 19  THR A 23  
A 2 MET A 7   ? VAL A 16  ? MET A 7   VAL A 16  
A 3 VAL A 44  ? PHE A 47  ? VAL A 44  PHE A 47  
B 1 LYS A 19  ? THR A 23  ? LYS A 19  THR A 23  
B 2 MET A 7   ? VAL A 16  ? MET A 7   VAL A 16  
B 3 VAL A 139 ? VAL A 149 ? VAL A 139 VAL A 149 
B 4 GLU A 69  ? LEU A 74  ? GLU A 69  LEU A 74  
C 1 ILE A 88  ? PRO A 92  ? ILE A 88  PRO A 92  
C 2 ARG A 125 ? ASP A 129 ? ARG A 125 ASP A 129 
C 3 ILE A 114 ? ASN A 122 ? ILE A 114 ASN A 122 
C 4 THR A 108 ? ILE A 111 ? THR A 108 ILE A 111 
# 
loop_
_pdbx_struct_sheet_hbond.sheet_id 
_pdbx_struct_sheet_hbond.range_id_1 
_pdbx_struct_sheet_hbond.range_id_2 
_pdbx_struct_sheet_hbond.range_1_label_atom_id 
_pdbx_struct_sheet_hbond.range_1_label_comp_id 
_pdbx_struct_sheet_hbond.range_1_label_asym_id 
_pdbx_struct_sheet_hbond.range_1_label_seq_id 
_pdbx_struct_sheet_hbond.range_1_PDB_ins_code 
_pdbx_struct_sheet_hbond.range_1_auth_atom_id 
_pdbx_struct_sheet_hbond.range_1_auth_comp_id 
_pdbx_struct_sheet_hbond.range_1_auth_asym_id 
_pdbx_struct_sheet_hbond.range_1_auth_seq_id 
_pdbx_struct_sheet_hbond.range_2_label_atom_id 
_pdbx_struct_sheet_hbond.range_2_label_comp_id 
_pdbx_struct_sheet_hbond.range_2_label_asym_id 
_pdbx_struct_sheet_hbond.range_2_label_seq_id 
_pdbx_struct_sheet_hbond.range_2_PDB_ins_code 
_pdbx_struct_sheet_hbond.range_2_auth_atom_id 
_pdbx_struct_sheet_hbond.range_2_auth_comp_id 
_pdbx_struct_sheet_hbond.range_2_auth_asym_id 
_pdbx_struct_sheet_hbond.range_2_auth_seq_id 
A 1 2 O ASP A 22  ? O ASP A 22  N GLY A 14  ? N GLY A 14  
A 2 3 N ILE A 10  ? N ILE A 10  O VAL A 44  ? O VAL A 44  
B 1 2 O ASP A 22  ? O ASP A 22  N GLY A 14  ? N GLY A 14  
B 2 3 N TYR A 15  ? N TYR A 15  O LYS A 140 ? O LYS A 140 
B 3 4 O VAL A 139 ? O VAL A 139 N LEU A 74  ? N LEU A 74  
C 1 2 N ILE A 91  ? N ILE A 91  O VAL A 126 ? O VAL A 126 
C 2 3 O ASP A 129 ? O ASP A 129 N LYS A 117 ? N LYS A 117 
C 3 4 O GLY A 116 ? O GLY A 116 N ILE A 109 ? N ILE A 109 
# 
_pdbx_validate_torsion.id              1 
_pdbx_validate_torsion.PDB_model_num   1 
_pdbx_validate_torsion.auth_comp_id    ALA 
_pdbx_validate_torsion.auth_asym_id    A 
_pdbx_validate_torsion.auth_seq_id     79 
_pdbx_validate_torsion.PDB_ins_code    ? 
_pdbx_validate_torsion.label_alt_id    ? 
_pdbx_validate_torsion.phi             -114.35 
_pdbx_validate_torsion.psi             -113.20 
# 
_phasing.method   MR 
# 
loop_
_pdbx_unobs_or_zero_occ_residues.id 
_pdbx_unobs_or_zero_occ_residues.PDB_model_num 
_pdbx_unobs_or_zero_occ_residues.polymer_flag 
_pdbx_unobs_or_zero_occ_residues.occupancy_flag 
_pdbx_unobs_or_zero_occ_residues.auth_asym_id 
_pdbx_unobs_or_zero_occ_residues.auth_comp_id 
_pdbx_unobs_or_zero_occ_residues.auth_seq_id 
_pdbx_unobs_or_zero_occ_residues.PDB_ins_code 
_pdbx_unobs_or_zero_occ_residues.label_asym_id 
_pdbx_unobs_or_zero_occ_residues.label_comp_id 
_pdbx_unobs_or_zero_occ_residues.label_seq_id 
1 1 Y 1 A LEU 151 ? A LEU 151 
2 1 Y 1 A HIS 152 ? A HIS 152 
3 1 Y 1 A HIS 153 ? A HIS 153 
4 1 Y 1 A HIS 154 ? A HIS 154 
5 1 Y 1 A HIS 155 ? A HIS 155 
6 1 Y 1 A HIS 156 ? A HIS 156 
7 1 Y 1 A HIS 157 ? A HIS 157 
# 
loop_
_chem_comp_atom.comp_id 
_chem_comp_atom.atom_id 
_chem_comp_atom.type_symbol 
_chem_comp_atom.pdbx_aromatic_flag 
_chem_comp_atom.pdbx_stereo_config 
_chem_comp_atom.pdbx_ordinal 
ALA N    N N N 1   
ALA CA   C N S 2   
ALA C    C N N 3   
ALA O    O N N 4   
ALA CB   C N N 5   
ALA OXT  O N N 6   
ALA H    H N N 7   
ALA H2   H N N 8   
ALA HA   H N N 9   
ALA HB1  H N N 10  
ALA HB2  H N N 11  
ALA HB3  H N N 12  
ALA HXT  H N N 13  
ARG N    N N N 14  
ARG CA   C N S 15  
ARG C    C N N 16  
ARG O    O N N 17  
ARG CB   C N N 18  
ARG CG   C N N 19  
ARG CD   C N N 20  
ARG NE   N N N 21  
ARG CZ   C N N 22  
ARG NH1  N N N 23  
ARG NH2  N N N 24  
ARG OXT  O N N 25  
ARG H    H N N 26  
ARG H2   H N N 27  
ARG HA   H N N 28  
ARG HB2  H N N 29  
ARG HB3  H N N 30  
ARG HG2  H N N 31  
ARG HG3  H N N 32  
ARG HD2  H N N 33  
ARG HD3  H N N 34  
ARG HE   H N N 35  
ARG HH11 H N N 36  
ARG HH12 H N N 37  
ARG HH21 H N N 38  
ARG HH22 H N N 39  
ARG HXT  H N N 40  
ASN N    N N N 41  
ASN CA   C N S 42  
ASN C    C N N 43  
ASN O    O N N 44  
ASN CB   C N N 45  
ASN CG   C N N 46  
ASN OD1  O N N 47  
ASN ND2  N N N 48  
ASN OXT  O N N 49  
ASN H    H N N 50  
ASN H2   H N N 51  
ASN HA   H N N 52  
ASN HB2  H N N 53  
ASN HB3  H N N 54  
ASN HD21 H N N 55  
ASN HD22 H N N 56  
ASN HXT  H N N 57  
ASP N    N N N 58  
ASP CA   C N S 59  
ASP C    C N N 60  
ASP O    O N N 61  
ASP CB   C N N 62  
ASP CG   C N N 63  
ASP OD1  O N N 64  
ASP OD2  O N N 65  
ASP OXT  O N N 66  
ASP H    H N N 67  
ASP H2   H N N 68  
ASP HA   H N N 69  
ASP HB2  H N N 70  
ASP HB3  H N N 71  
ASP HD2  H N N 72  
ASP HXT  H N N 73  
GLN N    N N N 74  
GLN CA   C N S 75  
GLN C    C N N 76  
GLN O    O N N 77  
GLN CB   C N N 78  
GLN CG   C N N 79  
GLN CD   C N N 80  
GLN OE1  O N N 81  
GLN NE2  N N N 82  
GLN OXT  O N N 83  
GLN H    H N N 84  
GLN H2   H N N 85  
GLN HA   H N N 86  
GLN HB2  H N N 87  
GLN HB3  H N N 88  
GLN HG2  H N N 89  
GLN HG3  H N N 90  
GLN HE21 H N N 91  
GLN HE22 H N N 92  
GLN HXT  H N N 93  
GLU N    N N N 94  
GLU CA   C N S 95  
GLU C    C N N 96  
GLU O    O N N 97  
GLU CB   C N N 98  
GLU CG   C N N 99  
GLU CD   C N N 100 
GLU OE1  O N N 101 
GLU OE2  O N N 102 
GLU OXT  O N N 103 
GLU H    H N N 104 
GLU H2   H N N 105 
GLU HA   H N N 106 
GLU HB2  H N N 107 
GLU HB3  H N N 108 
GLU HG2  H N N 109 
GLU HG3  H N N 110 
GLU HE2  H N N 111 
GLU HXT  H N N 112 
GLY N    N N N 113 
GLY CA   C N N 114 
GLY C    C N N 115 
GLY O    O N N 116 
GLY OXT  O N N 117 
GLY H    H N N 118 
GLY H2   H N N 119 
GLY HA2  H N N 120 
GLY HA3  H N N 121 
GLY HXT  H N N 122 
HIS N    N N N 123 
HIS CA   C N S 124 
HIS C    C N N 125 
HIS O    O N N 126 
HIS CB   C N N 127 
HIS CG   C Y N 128 
HIS ND1  N Y N 129 
HIS CD2  C Y N 130 
HIS CE1  C Y N 131 
HIS NE2  N Y N 132 
HIS OXT  O N N 133 
HIS H    H N N 134 
HIS H2   H N N 135 
HIS HA   H N N 136 
HIS HB2  H N N 137 
HIS HB3  H N N 138 
HIS HD1  H N N 139 
HIS HD2  H N N 140 
HIS HE1  H N N 141 
HIS HE2  H N N 142 
HIS HXT  H N N 143 
HOH O    O N N 144 
HOH H1   H N N 145 
HOH H2   H N N 146 
ILE N    N N N 147 
ILE CA   C N S 148 
ILE C    C N N 149 
ILE O    O N N 150 
ILE CB   C N S 151 
ILE CG1  C N N 152 
ILE CG2  C N N 153 
ILE CD1  C N N 154 
ILE OXT  O N N 155 
ILE H    H N N 156 
ILE H2   H N N 157 
ILE HA   H N N 158 
ILE HB   H N N 159 
ILE HG12 H N N 160 
ILE HG13 H N N 161 
ILE HG21 H N N 162 
ILE HG22 H N N 163 
ILE HG23 H N N 164 
ILE HD11 H N N 165 
ILE HD12 H N N 166 
ILE HD13 H N N 167 
ILE HXT  H N N 168 
LEU N    N N N 169 
LEU CA   C N S 170 
LEU C    C N N 171 
LEU O    O N N 172 
LEU CB   C N N 173 
LEU CG   C N N 174 
LEU CD1  C N N 175 
LEU CD2  C N N 176 
LEU OXT  O N N 177 
LEU H    H N N 178 
LEU H2   H N N 179 
LEU HA   H N N 180 
LEU HB2  H N N 181 
LEU HB3  H N N 182 
LEU HG   H N N 183 
LEU HD11 H N N 184 
LEU HD12 H N N 185 
LEU HD13 H N N 186 
LEU HD21 H N N 187 
LEU HD22 H N N 188 
LEU HD23 H N N 189 
LEU HXT  H N N 190 
LYS N    N N N 191 
LYS CA   C N S 192 
LYS C    C N N 193 
LYS O    O N N 194 
LYS CB   C N N 195 
LYS CG   C N N 196 
LYS CD   C N N 197 
LYS CE   C N N 198 
LYS NZ   N N N 199 
LYS OXT  O N N 200 
LYS H    H N N 201 
LYS H2   H N N 202 
LYS HA   H N N 203 
LYS HB2  H N N 204 
LYS HB3  H N N 205 
LYS HG2  H N N 206 
LYS HG3  H N N 207 
LYS HD2  H N N 208 
LYS HD3  H N N 209 
LYS HE2  H N N 210 
LYS HE3  H N N 211 
LYS HZ1  H N N 212 
LYS HZ2  H N N 213 
LYS HZ3  H N N 214 
LYS HXT  H N N 215 
MET N    N N N 216 
MET CA   C N S 217 
MET C    C N N 218 
MET O    O N N 219 
MET CB   C N N 220 
MET CG   C N N 221 
MET SD   S N N 222 
MET CE   C N N 223 
MET OXT  O N N 224 
MET H    H N N 225 
MET H2   H N N 226 
MET HA   H N N 227 
MET HB2  H N N 228 
MET HB3  H N N 229 
MET HG2  H N N 230 
MET HG3  H N N 231 
MET HE1  H N N 232 
MET HE2  H N N 233 
MET HE3  H N N 234 
MET HXT  H N N 235 
PHE N    N N N 236 
PHE CA   C N S 237 
PHE C    C N N 238 
PHE O    O N N 239 
PHE CB   C N N 240 
PHE CG   C Y N 241 
PHE CD1  C Y N 242 
PHE CD2  C Y N 243 
PHE CE1  C Y N 244 
PHE CE2  C Y N 245 
PHE CZ   C Y N 246 
PHE OXT  O N N 247 
PHE H    H N N 248 
PHE H2   H N N 249 
PHE HA   H N N 250 
PHE HB2  H N N 251 
PHE HB3  H N N 252 
PHE HD1  H N N 253 
PHE HD2  H N N 254 
PHE HE1  H N N 255 
PHE HE2  H N N 256 
PHE HZ   H N N 257 
PHE HXT  H N N 258 
PRO N    N N N 259 
PRO CA   C N S 260 
PRO C    C N N 261 
PRO O    O N N 262 
PRO CB   C N N 263 
PRO CG   C N N 264 
PRO CD   C N N 265 
PRO OXT  O N N 266 
PRO H    H N N 267 
PRO HA   H N N 268 
PRO HB2  H N N 269 
PRO HB3  H N N 270 
PRO HG2  H N N 271 
PRO HG3  H N N 272 
PRO HD2  H N N 273 
PRO HD3  H N N 274 
PRO HXT  H N N 275 
SER N    N N N 276 
SER CA   C N S 277 
SER C    C N N 278 
SER O    O N N 279 
SER CB   C N N 280 
SER OG   O N N 281 
SER OXT  O N N 282 
SER H    H N N 283 
SER H2   H N N 284 
SER HA   H N N 285 
SER HB2  H N N 286 
SER HB3  H N N 287 
SER HG   H N N 288 
SER HXT  H N N 289 
THR N    N N N 290 
THR CA   C N S 291 
THR C    C N N 292 
THR O    O N N 293 
THR CB   C N R 294 
THR OG1  O N N 295 
THR CG2  C N N 296 
THR OXT  O N N 297 
THR H    H N N 298 
THR H2   H N N 299 
THR HA   H N N 300 
THR HB   H N N 301 
THR HG1  H N N 302 
THR HG21 H N N 303 
THR HG22 H N N 304 
THR HG23 H N N 305 
THR HXT  H N N 306 
TYR N    N N N 307 
TYR CA   C N S 308 
TYR C    C N N 309 
TYR O    O N N 310 
TYR CB   C N N 311 
TYR CG   C Y N 312 
TYR CD1  C Y N 313 
TYR CD2  C Y N 314 
TYR CE1  C Y N 315 
TYR CE2  C Y N 316 
TYR CZ   C Y N 317 
TYR OH   O N N 318 
TYR OXT  O N N 319 
TYR H    H N N 320 
TYR H2   H N N 321 
TYR HA   H N N 322 
TYR HB2  H N N 323 
TYR HB3  H N N 324 
TYR HD1  H N N 325 
TYR HD2  H N N 326 
TYR HE1  H N N 327 
TYR HE2  H N N 328 
TYR HH   H N N 329 
TYR HXT  H N N 330 
VAL N    N N N 331 
VAL CA   C N S 332 
VAL C    C N N 333 
VAL O    O N N 334 
VAL CB   C N N 335 
VAL CG1  C N N 336 
VAL CG2  C N N 337 
VAL OXT  O N N 338 
VAL H    H N N 339 
VAL H2   H N N 340 
VAL HA   H N N 341 
VAL HB   H N N 342 
VAL HG11 H N N 343 
VAL HG12 H N N 344 
VAL HG13 H N N 345 
VAL HG21 H N N 346 
VAL HG22 H N N 347 
VAL HG23 H N N 348 
VAL HXT  H N N 349 
# 
loop_
_chem_comp_bond.comp_id 
_chem_comp_bond.atom_id_1 
_chem_comp_bond.atom_id_2 
_chem_comp_bond.value_order 
_chem_comp_bond.pdbx_aromatic_flag 
_chem_comp_bond.pdbx_stereo_config 
_chem_comp_bond.pdbx_ordinal 
ALA N   CA   sing N N 1   
ALA N   H    sing N N 2   
ALA N   H2   sing N N 3   
ALA CA  C    sing N N 4   
ALA CA  CB   sing N N 5   
ALA CA  HA   sing N N 6   
ALA C   O    doub N N 7   
ALA C   OXT  sing N N 8   
ALA CB  HB1  sing N N 9   
ALA CB  HB2  sing N N 10  
ALA CB  HB3  sing N N 11  
ALA OXT HXT  sing N N 12  
ARG N   CA   sing N N 13  
ARG N   H    sing N N 14  
ARG N   H2   sing N N 15  
ARG CA  C    sing N N 16  
ARG CA  CB   sing N N 17  
ARG CA  HA   sing N N 18  
ARG C   O    doub N N 19  
ARG C   OXT  sing N N 20  
ARG CB  CG   sing N N 21  
ARG CB  HB2  sing N N 22  
ARG CB  HB3  sing N N 23  
ARG CG  CD   sing N N 24  
ARG CG  HG2  sing N N 25  
ARG CG  HG3  sing N N 26  
ARG CD  NE   sing N N 27  
ARG CD  HD2  sing N N 28  
ARG CD  HD3  sing N N 29  
ARG NE  CZ   sing N N 30  
ARG NE  HE   sing N N 31  
ARG CZ  NH1  sing N N 32  
ARG CZ  NH2  doub N N 33  
ARG NH1 HH11 sing N N 34  
ARG NH1 HH12 sing N N 35  
ARG NH2 HH21 sing N N 36  
ARG NH2 HH22 sing N N 37  
ARG OXT HXT  sing N N 38  
ASN N   CA   sing N N 39  
ASN N   H    sing N N 40  
ASN N   H2   sing N N 41  
ASN CA  C    sing N N 42  
ASN CA  CB   sing N N 43  
ASN CA  HA   sing N N 44  
ASN C   O    doub N N 45  
ASN C   OXT  sing N N 46  
ASN CB  CG   sing N N 47  
ASN CB  HB2  sing N N 48  
ASN CB  HB3  sing N N 49  
ASN CG  OD1  doub N N 50  
ASN CG  ND2  sing N N 51  
ASN ND2 HD21 sing N N 52  
ASN ND2 HD22 sing N N 53  
ASN OXT HXT  sing N N 54  
ASP N   CA   sing N N 55  
ASP N   H    sing N N 56  
ASP N   H2   sing N N 57  
ASP CA  C    sing N N 58  
ASP CA  CB   sing N N 59  
ASP CA  HA   sing N N 60  
ASP C   O    doub N N 61  
ASP C   OXT  sing N N 62  
ASP CB  CG   sing N N 63  
ASP CB  HB2  sing N N 64  
ASP CB  HB3  sing N N 65  
ASP CG  OD1  doub N N 66  
ASP CG  OD2  sing N N 67  
ASP OD2 HD2  sing N N 68  
ASP OXT HXT  sing N N 69  
GLN N   CA   sing N N 70  
GLN N   H    sing N N 71  
GLN N   H2   sing N N 72  
GLN CA  C    sing N N 73  
GLN CA  CB   sing N N 74  
GLN CA  HA   sing N N 75  
GLN C   O    doub N N 76  
GLN C   OXT  sing N N 77  
GLN CB  CG   sing N N 78  
GLN CB  HB2  sing N N 79  
GLN CB  HB3  sing N N 80  
GLN CG  CD   sing N N 81  
GLN CG  HG2  sing N N 82  
GLN CG  HG3  sing N N 83  
GLN CD  OE1  doub N N 84  
GLN CD  NE2  sing N N 85  
GLN NE2 HE21 sing N N 86  
GLN NE2 HE22 sing N N 87  
GLN OXT HXT  sing N N 88  
GLU N   CA   sing N N 89  
GLU N   H    sing N N 90  
GLU N   H2   sing N N 91  
GLU CA  C    sing N N 92  
GLU CA  CB   sing N N 93  
GLU CA  HA   sing N N 94  
GLU C   O    doub N N 95  
GLU C   OXT  sing N N 96  
GLU CB  CG   sing N N 97  
GLU CB  HB2  sing N N 98  
GLU CB  HB3  sing N N 99  
GLU CG  CD   sing N N 100 
GLU CG  HG2  sing N N 101 
GLU CG  HG3  sing N N 102 
GLU CD  OE1  doub N N 103 
GLU CD  OE2  sing N N 104 
GLU OE2 HE2  sing N N 105 
GLU OXT HXT  sing N N 106 
GLY N   CA   sing N N 107 
GLY N   H    sing N N 108 
GLY N   H2   sing N N 109 
GLY CA  C    sing N N 110 
GLY CA  HA2  sing N N 111 
GLY CA  HA3  sing N N 112 
GLY C   O    doub N N 113 
GLY C   OXT  sing N N 114 
GLY OXT HXT  sing N N 115 
HIS N   CA   sing N N 116 
HIS N   H    sing N N 117 
HIS N   H2   sing N N 118 
HIS CA  C    sing N N 119 
HIS CA  CB   sing N N 120 
HIS CA  HA   sing N N 121 
HIS C   O    doub N N 122 
HIS C   OXT  sing N N 123 
HIS CB  CG   sing N N 124 
HIS CB  HB2  sing N N 125 
HIS CB  HB3  sing N N 126 
HIS CG  ND1  sing Y N 127 
HIS CG  CD2  doub Y N 128 
HIS ND1 CE1  doub Y N 129 
HIS ND1 HD1  sing N N 130 
HIS CD2 NE2  sing Y N 131 
HIS CD2 HD2  sing N N 132 
HIS CE1 NE2  sing Y N 133 
HIS CE1 HE1  sing N N 134 
HIS NE2 HE2  sing N N 135 
HIS OXT HXT  sing N N 136 
HOH O   H1   sing N N 137 
HOH O   H2   sing N N 138 
ILE N   CA   sing N N 139 
ILE N   H    sing N N 140 
ILE N   H2   sing N N 141 
ILE CA  C    sing N N 142 
ILE CA  CB   sing N N 143 
ILE CA  HA   sing N N 144 
ILE C   O    doub N N 145 
ILE C   OXT  sing N N 146 
ILE CB  CG1  sing N N 147 
ILE CB  CG2  sing N N 148 
ILE CB  HB   sing N N 149 
ILE CG1 CD1  sing N N 150 
ILE CG1 HG12 sing N N 151 
ILE CG1 HG13 sing N N 152 
ILE CG2 HG21 sing N N 153 
ILE CG2 HG22 sing N N 154 
ILE CG2 HG23 sing N N 155 
ILE CD1 HD11 sing N N 156 
ILE CD1 HD12 sing N N 157 
ILE CD1 HD13 sing N N 158 
ILE OXT HXT  sing N N 159 
LEU N   CA   sing N N 160 
LEU N   H    sing N N 161 
LEU N   H2   sing N N 162 
LEU CA  C    sing N N 163 
LEU CA  CB   sing N N 164 
LEU CA  HA   sing N N 165 
LEU C   O    doub N N 166 
LEU C   OXT  sing N N 167 
LEU CB  CG   sing N N 168 
LEU CB  HB2  sing N N 169 
LEU CB  HB3  sing N N 170 
LEU CG  CD1  sing N N 171 
LEU CG  CD2  sing N N 172 
LEU CG  HG   sing N N 173 
LEU CD1 HD11 sing N N 174 
LEU CD1 HD12 sing N N 175 
LEU CD1 HD13 sing N N 176 
LEU CD2 HD21 sing N N 177 
LEU CD2 HD22 sing N N 178 
LEU CD2 HD23 sing N N 179 
LEU OXT HXT  sing N N 180 
LYS N   CA   sing N N 181 
LYS N   H    sing N N 182 
LYS N   H2   sing N N 183 
LYS CA  C    sing N N 184 
LYS CA  CB   sing N N 185 
LYS CA  HA   sing N N 186 
LYS C   O    doub N N 187 
LYS C   OXT  sing N N 188 
LYS CB  CG   sing N N 189 
LYS CB  HB2  sing N N 190 
LYS CB  HB3  sing N N 191 
LYS CG  CD   sing N N 192 
LYS CG  HG2  sing N N 193 
LYS CG  HG3  sing N N 194 
LYS CD  CE   sing N N 195 
LYS CD  HD2  sing N N 196 
LYS CD  HD3  sing N N 197 
LYS CE  NZ   sing N N 198 
LYS CE  HE2  sing N N 199 
LYS CE  HE3  sing N N 200 
LYS NZ  HZ1  sing N N 201 
LYS NZ  HZ2  sing N N 202 
LYS NZ  HZ3  sing N N 203 
LYS OXT HXT  sing N N 204 
MET N   CA   sing N N 205 
MET N   H    sing N N 206 
MET N   H2   sing N N 207 
MET CA  C    sing N N 208 
MET CA  CB   sing N N 209 
MET CA  HA   sing N N 210 
MET C   O    doub N N 211 
MET C   OXT  sing N N 212 
MET CB  CG   sing N N 213 
MET CB  HB2  sing N N 214 
MET CB  HB3  sing N N 215 
MET CG  SD   sing N N 216 
MET CG  HG2  sing N N 217 
MET CG  HG3  sing N N 218 
MET SD  CE   sing N N 219 
MET CE  HE1  sing N N 220 
MET CE  HE2  sing N N 221 
MET CE  HE3  sing N N 222 
MET OXT HXT  sing N N 223 
PHE N   CA   sing N N 224 
PHE N   H    sing N N 225 
PHE N   H2   sing N N 226 
PHE CA  C    sing N N 227 
PHE CA  CB   sing N N 228 
PHE CA  HA   sing N N 229 
PHE C   O    doub N N 230 
PHE C   OXT  sing N N 231 
PHE CB  CG   sing N N 232 
PHE CB  HB2  sing N N 233 
PHE CB  HB3  sing N N 234 
PHE CG  CD1  doub Y N 235 
PHE CG  CD2  sing Y N 236 
PHE CD1 CE1  sing Y N 237 
PHE CD1 HD1  sing N N 238 
PHE CD2 CE2  doub Y N 239 
PHE CD2 HD2  sing N N 240 
PHE CE1 CZ   doub Y N 241 
PHE CE1 HE1  sing N N 242 
PHE CE2 CZ   sing Y N 243 
PHE CE2 HE2  sing N N 244 
PHE CZ  HZ   sing N N 245 
PHE OXT HXT  sing N N 246 
PRO N   CA   sing N N 247 
PRO N   CD   sing N N 248 
PRO N   H    sing N N 249 
PRO CA  C    sing N N 250 
PRO CA  CB   sing N N 251 
PRO CA  HA   sing N N 252 
PRO C   O    doub N N 253 
PRO C   OXT  sing N N 254 
PRO CB  CG   sing N N 255 
PRO CB  HB2  sing N N 256 
PRO CB  HB3  sing N N 257 
PRO CG  CD   sing N N 258 
PRO CG  HG2  sing N N 259 
PRO CG  HG3  sing N N 260 
PRO CD  HD2  sing N N 261 
PRO CD  HD3  sing N N 262 
PRO OXT HXT  sing N N 263 
SER N   CA   sing N N 264 
SER N   H    sing N N 265 
SER N   H2   sing N N 266 
SER CA  C    sing N N 267 
SER CA  CB   sing N N 268 
SER CA  HA   sing N N 269 
SER C   O    doub N N 270 
SER C   OXT  sing N N 271 
SER CB  OG   sing N N 272 
SER CB  HB2  sing N N 273 
SER CB  HB3  sing N N 274 
SER OG  HG   sing N N 275 
SER OXT HXT  sing N N 276 
THR N   CA   sing N N 277 
THR N   H    sing N N 278 
THR N   H2   sing N N 279 
THR CA  C    sing N N 280 
THR CA  CB   sing N N 281 
THR CA  HA   sing N N 282 
THR C   O    doub N N 283 
THR C   OXT  sing N N 284 
THR CB  OG1  sing N N 285 
THR CB  CG2  sing N N 286 
THR CB  HB   sing N N 287 
THR OG1 HG1  sing N N 288 
THR CG2 HG21 sing N N 289 
THR CG2 HG22 sing N N 290 
THR CG2 HG23 sing N N 291 
THR OXT HXT  sing N N 292 
TYR N   CA   sing N N 293 
TYR N   H    sing N N 294 
TYR N   H2   sing N N 295 
TYR CA  C    sing N N 296 
TYR CA  CB   sing N N 297 
TYR CA  HA   sing N N 298 
TYR C   O    doub N N 299 
TYR C   OXT  sing N N 300 
TYR CB  CG   sing N N 301 
TYR CB  HB2  sing N N 302 
TYR CB  HB3  sing N N 303 
TYR CG  CD1  doub Y N 304 
TYR CG  CD2  sing Y N 305 
TYR CD1 CE1  sing Y N 306 
TYR CD1 HD1  sing N N 307 
TYR CD2 CE2  doub Y N 308 
TYR CD2 HD2  sing N N 309 
TYR CE1 CZ   doub Y N 310 
TYR CE1 HE1  sing N N 311 
TYR CE2 CZ   sing Y N 312 
TYR CE2 HE2  sing N N 313 
TYR CZ  OH   sing N N 314 
TYR OH  HH   sing N N 315 
TYR OXT HXT  sing N N 316 
VAL N   CA   sing N N 317 
VAL N   H    sing N N 318 
VAL N   H2   sing N N 319 
VAL CA  C    sing N N 320 
VAL CA  CB   sing N N 321 
VAL CA  HA   sing N N 322 
VAL C   O    doub N N 323 
VAL C   OXT  sing N N 324 
VAL CB  CG1  sing N N 325 
VAL CB  CG2  sing N N 326 
VAL CB  HB   sing N N 327 
VAL CG1 HG11 sing N N 328 
VAL CG1 HG12 sing N N 329 
VAL CG1 HG13 sing N N 330 
VAL CG2 HG21 sing N N 331 
VAL CG2 HG22 sing N N 332 
VAL CG2 HG23 sing N N 333 
VAL OXT HXT  sing N N 334 
# 
_atom_sites.entry_id                    3PR9 
_atom_sites.fract_transf_matrix[1][1]   0.01422072 
_atom_sites.fract_transf_matrix[1][2]   0.02398304 
_atom_sites.fract_transf_matrix[1][3]   0.00086053 
_atom_sites.fract_transf_matrix[2][1]   0.02726675 
_atom_sites.fract_transf_matrix[2][2]   -0.00015584 
_atom_sites.fract_transf_matrix[2][3]   0.00588482 
_atom_sites.fract_transf_matrix[3][1]   0.00117500 
_atom_sites.fract_transf_matrix[3][2]   -0.00050090 
_atom_sites.fract_transf_matrix[3][3]   -0.00545752 
_atom_sites.fract_transf_vector[1]      2.674667 
_atom_sites.fract_transf_vector[2]      2.287238 
_atom_sites.fract_transf_vector[3]      -0.632148 
# 
loop_
_atom_type.symbol 
C 
N 
O 
S 
# 
loop_
_atom_site.group_PDB 
_atom_site.id 
_atom_site.type_symbol 
_atom_site.label_atom_id 
_atom_site.label_alt_id 
_atom_site.label_comp_id 
_atom_site.label_asym_id 
_atom_site.label_entity_id 
_atom_site.label_seq_id 
_atom_site.pdbx_PDB_ins_code 
_atom_site.Cartn_x 
_atom_site.Cartn_y 
_atom_site.Cartn_z 
_atom_site.occupancy 
_atom_site.B_iso_or_equiv 
_atom_site.pdbx_formal_charge 
_atom_site.auth_seq_id 
_atom_site.auth_comp_id 
_atom_site.auth_asym_id 
_atom_site.auth_atom_id 
_atom_site.pdbx_PDB_model_num 
ATOM   1    N N   . MET A 1 1   ? 5.154   10.478  -22.909 1.00 24.67 ? 1   MET A N   1 
ATOM   2    C CA  . MET A 1 1   ? 3.841   10.807  -22.276 1.00 24.88 ? 1   MET A CA  1 
ATOM   3    C C   . MET A 1 1   ? 2.833   9.698   -22.544 1.00 24.03 ? 1   MET A C   1 
ATOM   4    O O   . MET A 1 1   ? 2.860   9.068   -23.604 1.00 24.09 ? 1   MET A O   1 
ATOM   5    C CB  . MET A 1 1   ? 3.282   12.127  -22.816 1.00 25.24 ? 1   MET A CB  1 
ATOM   6    C CG  . MET A 1 1   ? 4.196   13.317  -22.646 1.00 28.03 ? 1   MET A CG  1 
ATOM   7    S SD  . MET A 1 1   ? 4.555   13.706  -20.925 1.00 33.49 ? 1   MET A SD  1 
ATOM   8    C CE  . MET A 1 1   ? 3.061   14.564  -20.428 1.00 32.83 ? 1   MET A CE  1 
ATOM   9    N N   . VAL A 1 2   ? 1.953   9.457   -21.577 1.00 22.99 ? 2   VAL A N   1 
ATOM   10   C CA  . VAL A 1 2   ? 0.870   8.498   -21.741 1.00 22.00 ? 2   VAL A CA  1 
ATOM   11   C C   . VAL A 1 2   ? -0.441  9.201   -21.406 1.00 21.83 ? 2   VAL A C   1 
ATOM   12   O O   . VAL A 1 2   ? -0.590  9.762   -20.318 1.00 21.41 ? 2   VAL A O   1 
ATOM   13   C CB  . VAL A 1 2   ? 1.067   7.235   -20.857 1.00 22.06 ? 2   VAL A CB  1 
ATOM   14   C CG1 . VAL A 1 2   ? -0.177  6.354   -20.882 1.00 21.14 ? 2   VAL A CG1 1 
ATOM   15   C CG2 . VAL A 1 2   ? 2.273   6.436   -21.324 1.00 21.62 ? 2   VAL A CG2 1 
ATOM   16   N N   . GLU A 1 3   ? -1.379  9.185   -22.348 1.00 21.45 ? 3   GLU A N   1 
ATOM   17   C CA  . GLU A 1 3   ? -2.654  9.882   -22.178 1.00 21.54 ? 3   GLU A CA  1 
ATOM   18   C C   . GLU A 1 3   ? -3.497  9.245   -21.070 1.00 20.71 ? 3   GLU A C   1 
ATOM   19   O O   . GLU A 1 3   ? -3.522  8.027   -20.944 1.00 20.03 ? 3   GLU A O   1 
ATOM   20   C CB  . GLU A 1 3   ? -3.426  9.869   -23.496 1.00 22.10 ? 3   GLU A CB  1 
ATOM   21   C CG  . GLU A 1 3   ? -4.497  10.941  -23.609 1.00 24.68 ? 3   GLU A CG  1 
ATOM   22   C CD  . GLU A 1 3   ? -5.134  10.985  -24.987 1.00 28.11 ? 3   GLU A CD  1 
ATOM   23   O OE1 . GLU A 1 3   ? -5.218  9.927   -25.657 1.00 29.76 ? 3   GLU A OE1 1 
ATOM   24   O OE2 . GLU A 1 3   ? -5.560  12.086  -25.399 1.00 30.49 ? 3   GLU A OE2 1 
ATOM   25   N N   . LYS A 1 4   ? -4.174  10.074  -20.271 1.00 20.32 ? 4   LYS A N   1 
ATOM   26   C CA  . LYS A 1 4   ? -5.086  9.579   -19.227 1.00 19.96 ? 4   LYS A CA  1 
ATOM   27   C C   . LYS A 1 4   ? -6.159  8.678   -19.845 1.00 19.63 ? 4   LYS A C   1 
ATOM   28   O O   . LYS A 1 4   ? -6.749  9.023   -20.876 1.00 19.78 ? 4   LYS A O   1 
ATOM   29   C CB  . LYS A 1 4   ? -5.726  10.738  -18.440 1.00 20.02 ? 4   LYS A CB  1 
ATOM   30   C CG  . LYS A 1 4   ? -6.562  10.300  -17.222 1.00 20.23 ? 4   LYS A CG  1 
ATOM   31   C CD  . LYS A 1 4   ? -7.140  11.483  -16.448 1.00 20.48 ? 4   LYS A CD  1 
ATOM   32   C CE  . LYS A 1 4   ? -7.938  11.027  -15.224 1.00 20.64 ? 4   LYS A CE  1 
ATOM   33   N NZ  . LYS A 1 4   ? -9.287  10.465  -15.583 1.00 20.56 ? 4   LYS A NZ  1 
ATOM   34   N N   . GLY A 1 5   ? -6.376  7.514   -19.234 1.00 18.85 ? 5   GLY A N   1 
ATOM   35   C CA  . GLY A 1 5   ? -7.375  6.555   -19.707 1.00 18.40 ? 5   GLY A CA  1 
ATOM   36   C C   . GLY A 1 5   ? -6.806  5.448   -20.576 1.00 17.91 ? 5   GLY A C   1 
ATOM   37   O O   . GLY A 1 5   ? -7.470  4.439   -20.828 1.00 17.63 ? 5   GLY A O   1 
ATOM   38   N N   . LYS A 1 6   ? -5.571  5.648   -21.032 1.00 17.46 ? 6   LYS A N   1 
ATOM   39   C CA  . LYS A 1 6   ? -4.884  4.709   -21.903 1.00 17.01 ? 6   LYS A CA  1 
ATOM   40   C C   . LYS A 1 6   ? -4.497  3.435   -21.144 1.00 16.62 ? 6   LYS A C   1 
ATOM   41   O O   . LYS A 1 6   ? -3.970  3.500   -20.027 1.00 15.82 ? 6   LYS A O   1 
ATOM   42   C CB  . LYS A 1 6   ? -3.649  5.394   -22.507 1.00 17.34 ? 6   LYS A CB  1 
ATOM   43   C CG  . LYS A 1 6   ? -2.984  4.658   -23.650 1.00 18.36 ? 6   LYS A CG  1 
ATOM   44   C CD  . LYS A 1 6   ? -3.883  4.505   -24.877 1.00 20.08 ? 6   LYS A CD  1 
ATOM   45   C CE  . LYS A 1 6   ? -3.841  5.714   -25.783 1.00 21.37 ? 6   LYS A CE  1 
ATOM   46   N NZ  . LYS A 1 6   ? -4.248  5.353   -27.169 1.00 21.63 ? 6   LYS A NZ  1 
ATOM   47   N N   . MET A 1 7   ? -4.770  2.277   -21.742 1.00 16.00 ? 7   MET A N   1 
ATOM   48   C CA  . MET A 1 7   ? -4.424  1.020   -21.101 1.00 16.31 ? 7   MET A CA  1 
ATOM   49   C C   . MET A 1 7   ? -2.931  0.771   -21.213 1.00 15.48 ? 7   MET A C   1 
ATOM   50   O O   . MET A 1 7   ? -2.367  0.783   -22.315 1.00 15.55 ? 7   MET A O   1 
ATOM   51   C CB  . MET A 1 7   ? -5.212  -0.167  -21.662 1.00 16.69 ? 7   MET A CB  1 
ATOM   52   C CG  . MET A 1 7   ? -5.018  -1.422  -20.822 1.00 20.03 ? 7   MET A CG  1 
ATOM   53   S SD  . MET A 1 7   ? -5.709  -2.920  -21.520 1.00 28.90 ? 7   MET A SD  1 
ATOM   54   C CE  . MET A 1 7   ? -4.448  -4.093  -21.029 1.00 27.12 ? 7   MET A CE  1 
ATOM   55   N N   . VAL A 1 8   ? -2.304  0.563   -20.059 1.00 14.23 ? 8   VAL A N   1 
ATOM   56   C CA  . VAL A 1 8   ? -0.863  0.342   -19.977 1.00 13.30 ? 8   VAL A CA  1 
ATOM   57   C C   . VAL A 1 8   ? -0.576  -0.857  -19.088 1.00 12.47 ? 8   VAL A C   1 
ATOM   58   O O   . VAL A 1 8   ? -1.252  -1.068  -18.073 1.00 11.77 ? 8   VAL A O   1 
ATOM   59   C CB  . VAL A 1 8   ? -0.139  1.595   -19.425 1.00 13.78 ? 8   VAL A CB  1 
ATOM   60   C CG1 . VAL A 1 8   ? 1.273   1.266   -18.991 1.00 14.17 ? 8   VAL A CG1 1 
ATOM   61   C CG2 . VAL A 1 8   ? -0.112  2.696   -20.478 1.00 14.13 ? 8   VAL A CG2 1 
ATOM   62   N N   . LYS A 1 9   ? 0.430   -1.639  -19.465 1.00 11.27 ? 9   LYS A N   1 
ATOM   63   C CA  . LYS A 1 9   ? 0.886   -2.726  -18.618 1.00 10.52 ? 9   LYS A CA  1 
ATOM   64   C C   . LYS A 1 9   ? 2.200   -2.318  -17.953 1.00 9.88  ? 9   LYS A C   1 
ATOM   65   O O   . LYS A 1 9   ? 3.151   -1.929  -18.627 1.00 9.46  ? 9   LYS A O   1 
ATOM   66   C CB  . LYS A 1 9   ? 1.030   -4.020  -19.419 1.00 11.10 ? 9   LYS A CB  1 
ATOM   67   C CG  . LYS A 1 9   ? -0.319  -4.650  -19.812 1.00 12.85 ? 9   LYS A CG  1 
ATOM   68   C CD  . LYS A 1 9   ? -0.126  -5.967  -20.555 1.00 16.37 ? 9   LYS A CD  1 
ATOM   69   C CE  . LYS A 1 9   ? -1.404  -6.804  -20.530 1.00 18.36 ? 9   LYS A CE  1 
ATOM   70   N NZ  . LYS A 1 9   ? -1.163  -8.228  -20.945 1.00 18.91 ? 9   LYS A NZ  1 
ATOM   71   N N   . ILE A 1 10  ? 2.234   -2.396  -16.627 1.00 9.35  ? 10  ILE A N   1 
ATOM   72   C CA  . ILE A 1 10  ? 3.380   -1.912  -15.862 1.00 8.79  ? 10  ILE A CA  1 
ATOM   73   C C   . ILE A 1 10  ? 4.013   -2.987  -14.995 1.00 9.03  ? 10  ILE A C   1 
ATOM   74   O O   . ILE A 1 10  ? 3.334   -3.908  -14.532 1.00 9.08  ? 10  ILE A O   1 
ATOM   75   C CB  . ILE A 1 10  ? 2.989   -0.720  -14.939 1.00 8.93  ? 10  ILE A CB  1 
ATOM   76   C CG1 . ILE A 1 10  ? 1.913   -1.139  -13.917 1.00 7.88  ? 10  ILE A CG1 1 
ATOM   77   C CG2 . ILE A 1 10  ? 2.563   0.488   -15.774 1.00 8.15  ? 10  ILE A CG2 1 
ATOM   78   C CD1 . ILE A 1 10  ? 1.636   -0.066  -12.823 1.00 5.30  ? 10  ILE A CD1 1 
ATOM   79   N N   . SER A 1 11  ? 5.315   -2.840  -14.774 1.00 9.17  ? 11  SER A N   1 
ATOM   80   C CA  . SER A 1 11  ? 6.047   -3.628  -13.802 1.00 9.29  ? 11  SER A CA  1 
ATOM   81   C C   . SER A 1 11  ? 6.588   -2.665  -12.771 1.00 8.93  ? 11  SER A C   1 
ATOM   82   O O   . SER A 1 11  ? 6.986   -1.552  -13.109 1.00 8.43  ? 11  SER A O   1 
ATOM   83   C CB  . SER A 1 11  ? 7.213   -4.369  -14.457 1.00 9.41  ? 11  SER A CB  1 
ATOM   84   O OG  . SER A 1 11  ? 6.729   -5.370  -15.339 1.00 11.71 ? 11  SER A OG  1 
ATOM   85   N N   . TYR A 1 12  ? 6.604   -3.081  -11.509 1.00 8.79  ? 12  TYR A N   1 
ATOM   86   C CA  . TYR A 1 12  ? 7.139   -2.210  -10.460 1.00 8.69  ? 12  TYR A CA  1 
ATOM   87   C C   . TYR A 1 12  ? 7.716   -2.986  -9.283  1.00 8.91  ? 12  TYR A C   1 
ATOM   88   O O   . TYR A 1 12  ? 7.322   -4.132  -9.008  1.00 8.07  ? 12  TYR A O   1 
ATOM   89   C CB  . TYR A 1 12  ? 6.091   -1.178  -9.981  1.00 7.76  ? 12  TYR A CB  1 
ATOM   90   C CG  . TYR A 1 12  ? 4.803   -1.807  -9.534  1.00 10.08 ? 12  TYR A CG  1 
ATOM   91   C CD1 . TYR A 1 12  ? 4.692   -2.390  -8.266  1.00 10.49 ? 12  TYR A CD1 1 
ATOM   92   C CD2 . TYR A 1 12  ? 3.690   -1.849  -10.388 1.00 9.79  ? 12  TYR A CD2 1 
ATOM   93   C CE1 . TYR A 1 12  ? 3.509   -2.996  -7.854  1.00 11.57 ? 12  TYR A CE1 1 
ATOM   94   C CE2 . TYR A 1 12  ? 2.501   -2.454  -9.983  1.00 11.42 ? 12  TYR A CE2 1 
ATOM   95   C CZ  . TYR A 1 12  ? 2.420   -3.023  -8.715  1.00 12.31 ? 12  TYR A CZ  1 
ATOM   96   O OH  . TYR A 1 12  ? 1.250   -3.628  -8.314  1.00 11.97 ? 12  TYR A OH  1 
ATOM   97   N N   . ASP A 1 13  ? 8.641   -2.332  -8.592  1.00 9.14  ? 13  ASP A N   1 
ATOM   98   C CA  . ASP A 1 13  ? 9.203   -2.820  -7.343  1.00 9.99  ? 13  ASP A CA  1 
ATOM   99   C C   . ASP A 1 13  ? 9.103   -1.690  -6.340  1.00 9.90  ? 13  ASP A C   1 
ATOM   100  O O   . ASP A 1 13  ? 9.570   -0.588  -6.606  1.00 9.57  ? 13  ASP A O   1 
ATOM   101  C CB  . ASP A 1 13  ? 10.672  -3.195  -7.533  1.00 9.92  ? 13  ASP A CB  1 
ATOM   102  C CG  . ASP A 1 13  ? 10.894  -4.100  -8.718  1.00 11.02 ? 13  ASP A CG  1 
ATOM   103  O OD1 . ASP A 1 13  ? 10.074  -5.027  -8.946  1.00 12.42 ? 13  ASP A OD1 1 
ATOM   104  O OD2 . ASP A 1 13  ? 11.904  -3.887  -9.419  1.00 13.44 ? 13  ASP A OD2 1 
ATOM   105  N N   . GLY A 1 14  ? 8.480   -1.965  -5.199  1.00 10.21 ? 14  GLY A N   1 
ATOM   106  C CA  . GLY A 1 14  ? 8.280   -0.957  -4.169  1.00 10.73 ? 14  GLY A CA  1 
ATOM   107  C C   . GLY A 1 14  ? 9.119   -1.223  -2.933  1.00 11.48 ? 14  GLY A C   1 
ATOM   108  O O   . GLY A 1 14  ? 9.178   -2.356  -2.438  1.00 11.11 ? 14  GLY A O   1 
ATOM   109  N N   . TYR A 1 15  ? 9.743   -0.160  -2.437  1.00 11.97 ? 15  TYR A N   1 
ATOM   110  C CA  . TYR A 1 15  ? 10.617  -0.222  -1.271  1.00 13.12 ? 15  TYR A CA  1 
ATOM   111  C C   . TYR A 1 15  ? 10.169  0.746   -0.180  1.00 14.00 ? 15  TYR A C   1 
ATOM   112  O O   . TYR A 1 15  ? 9.746   1.867   -0.473  1.00 13.40 ? 15  TYR A O   1 
ATOM   113  C CB  . TYR A 1 15  ? 12.057  0.104   -1.677  1.00 13.10 ? 15  TYR A CB  1 
ATOM   114  C CG  . TYR A 1 15  ? 12.641  -0.835  -2.710  1.00 13.63 ? 15  TYR A CG  1 
ATOM   115  C CD1 . TYR A 1 15  ? 12.353  -0.677  -4.071  1.00 14.17 ? 15  TYR A CD1 1 
ATOM   116  C CD2 . TYR A 1 15  ? 13.494  -1.869  -2.328  1.00 14.75 ? 15  TYR A CD2 1 
ATOM   117  C CE1 . TYR A 1 15  ? 12.883  -1.542  -5.026  1.00 14.65 ? 15  TYR A CE1 1 
ATOM   118  C CE2 . TYR A 1 15  ? 14.040  -2.743  -3.278  1.00 14.13 ? 15  TYR A CE2 1 
ATOM   119  C CZ  . TYR A 1 15  ? 13.736  -2.569  -4.621  1.00 13.80 ? 15  TYR A CZ  1 
ATOM   120  O OH  . TYR A 1 15  ? 14.261  -3.424  -5.563  1.00 12.73 ? 15  TYR A OH  1 
ATOM   121  N N   . VAL A 1 16  ? 10.249  0.290   1.070   1.00 15.53 ? 16  VAL A N   1 
ATOM   122  C CA  . VAL A 1 16  ? 10.058  1.140   2.252   1.00 17.47 ? 16  VAL A CA  1 
ATOM   123  C C   . VAL A 1 16  ? 11.232  0.900   3.187   1.00 18.03 ? 16  VAL A C   1 
ATOM   124  O O   . VAL A 1 16  ? 11.592  -0.251  3.457   1.00 18.14 ? 16  VAL A O   1 
ATOM   125  C CB  . VAL A 1 16  ? 8.718   0.880   3.025   1.00 17.53 ? 16  VAL A CB  1 
ATOM   126  C CG1 . VAL A 1 16  ? 7.541   1.426   2.272   1.00 19.61 ? 16  VAL A CG1 1 
ATOM   127  C CG2 . VAL A 1 16  ? 8.504   -0.594  3.336   1.00 18.78 ? 16  VAL A CG2 1 
ATOM   128  N N   . ASP A 1 17  ? 11.837  1.989   3.657   1.00 19.26 ? 17  ASP A N   1 
ATOM   129  C CA  . ASP A 1 17  ? 13.032  1.939   4.510   1.00 20.31 ? 17  ASP A CA  1 
ATOM   130  C C   . ASP A 1 17  ? 14.108  0.996   3.956   1.00 20.78 ? 17  ASP A C   1 
ATOM   131  O O   . ASP A 1 17  ? 14.684  0.186   4.690   1.00 21.08 ? 17  ASP A O   1 
ATOM   132  C CB  . ASP A 1 17  ? 12.653  1.568   5.950   1.00 21.04 ? 17  ASP A CB  1 
ATOM   133  C CG  . ASP A 1 17  ? 11.782  2.626   6.620   1.00 21.70 ? 17  ASP A CG  1 
ATOM   134  O OD1 . ASP A 1 17  ? 12.114  3.828   6.531   1.00 23.23 ? 17  ASP A OD1 1 
ATOM   135  O OD2 . ASP A 1 17  ? 10.763  2.247   7.235   1.00 22.90 ? 17  ASP A OD2 1 
ATOM   136  N N   . GLY A 1 18  ? 14.352  1.103   2.649   1.00 20.65 ? 18  GLY A N   1 
ATOM   137  C CA  . GLY A 1 18  ? 15.366  0.305   1.964   1.00 20.40 ? 18  GLY A CA  1 
ATOM   138  C C   . GLY A 1 18  ? 15.046  -1.168  1.761   1.00 20.20 ? 18  GLY A C   1 
ATOM   139  O O   . GLY A 1 18  ? 15.921  -1.945  1.370   1.00 20.41 ? 18  GLY A O   1 
ATOM   140  N N   . LYS A 1 19  ? 13.803  -1.560  2.019   1.00 19.23 ? 19  LYS A N   1 
ATOM   141  C CA  . LYS A 1 19  ? 13.408  -2.963  1.917   1.00 18.96 ? 19  LYS A CA  1 
ATOM   142  C C   . LYS A 1 19  ? 12.276  -3.128  0.923   1.00 17.85 ? 19  LYS A C   1 
ATOM   143  O O   . LYS A 1 19  ? 11.278  -2.408  1.000   1.00 17.86 ? 19  LYS A O   1 
ATOM   144  C CB  . LYS A 1 19  ? 12.948  -3.508  3.281   1.00 19.25 ? 19  LYS A CB  1 
ATOM   145  C CG  . LYS A 1 19  ? 13.788  -3.073  4.477   1.00 21.48 ? 19  LYS A CG  1 
ATOM   146  C CD  . LYS A 1 19  ? 15.235  -3.543  4.360   1.00 24.02 ? 19  LYS A CD  1 
ATOM   147  C CE  . LYS A 1 19  ? 16.040  -3.210  5.612   1.00 26.58 ? 19  LYS A CE  1 
ATOM   148  N NZ  . LYS A 1 19  ? 15.577  -3.980  6.802   1.00 26.91 ? 19  LYS A NZ  1 
ATOM   149  N N   . LEU A 1 20  ? 12.420  -4.089  0.012   1.00 16.77 ? 20  LEU A N   1 
ATOM   150  C CA  . LEU A 1 20  ? 11.345  -4.430  -0.921  1.00 15.54 ? 20  LEU A CA  1 
ATOM   151  C C   . LEU A 1 20  ? 10.114  -4.925  -0.165  1.00 15.12 ? 20  LEU A C   1 
ATOM   152  O O   . LEU A 1 20  ? 10.211  -5.873  0.617   1.00 15.27 ? 20  LEU A O   1 
ATOM   153  C CB  . LEU A 1 20  ? 11.802  -5.494  -1.932  1.00 14.95 ? 20  LEU A CB  1 
ATOM   154  C CG  . LEU A 1 20  ? 10.845  -5.743  -3.102  1.00 14.19 ? 20  LEU A CG  1 
ATOM   155  C CD1 . LEU A 1 20  ? 11.014  -4.676  -4.180  1.00 11.15 ? 20  LEU A CD1 1 
ATOM   156  C CD2 . LEU A 1 20  ? 11.027  -7.139  -3.703  1.00 13.36 ? 20  LEU A CD2 1 
ATOM   157  N N   . PHE A 1 21  ? 8.969   -4.280  -0.388  1.00 14.49 ? 21  PHE A N   1 
ATOM   158  C CA  . PHE A 1 21  ? 7.716   -4.714  0.240   1.00 13.94 ? 21  PHE A CA  1 
ATOM   159  C C   . PHE A 1 21  ? 6.653   -5.181  -0.756  1.00 13.80 ? 21  PHE A C   1 
ATOM   160  O O   . PHE A 1 21  ? 5.669   -5.812  -0.369  1.00 13.22 ? 21  PHE A O   1 
ATOM   161  C CB  . PHE A 1 21  ? 7.150   -3.622  1.160   1.00 13.98 ? 21  PHE A CB  1 
ATOM   162  C CG  . PHE A 1 21  ? 6.572   -2.446  0.422   1.00 14.09 ? 21  PHE A CG  1 
ATOM   163  C CD1 . PHE A 1 21  ? 5.231   -2.433  0.055   1.00 14.04 ? 21  PHE A CD1 1 
ATOM   164  C CD2 . PHE A 1 21  ? 7.372   -1.360  0.079   1.00 13.63 ? 21  PHE A CD2 1 
ATOM   165  C CE1 . PHE A 1 21  ? 4.699   -1.365  -0.643  1.00 14.33 ? 21  PHE A CE1 1 
ATOM   166  C CE2 . PHE A 1 21  ? 6.842   -0.278  -0.615  1.00 13.41 ? 21  PHE A CE2 1 
ATOM   167  C CZ  . PHE A 1 21  ? 5.507   -0.281  -0.970  1.00 14.02 ? 21  PHE A CZ  1 
ATOM   168  N N   . ASP A 1 22  ? 6.834   -4.844  -2.032  1.00 13.25 ? 22  ASP A N   1 
ATOM   169  C CA  . ASP A 1 22  ? 5.898   -5.242  -3.079  1.00 13.36 ? 22  ASP A CA  1 
ATOM   170  C C   . ASP A 1 22  ? 6.611   -5.240  -4.423  1.00 13.00 ? 22  ASP A C   1 
ATOM   171  O O   . ASP A 1 22  ? 7.488   -4.400  -4.665  1.00 12.52 ? 22  ASP A O   1 
ATOM   172  C CB  . ASP A 1 22  ? 4.688   -4.298  -3.127  1.00 13.77 ? 22  ASP A CB  1 
ATOM   173  C CG  . ASP A 1 22  ? 3.555   -4.827  -3.999  1.00 14.53 ? 22  ASP A CG  1 
ATOM   174  O OD1 . ASP A 1 22  ? 2.800   -4.000  -4.540  1.00 15.91 ? 22  ASP A OD1 1 
ATOM   175  O OD2 . ASP A 1 22  ? 3.402   -6.063  -4.139  1.00 17.38 ? 22  ASP A OD2 1 
ATOM   176  N N   . THR A 1 23  ? 6.229   -6.189  -5.279  1.00 12.59 ? 23  THR A N   1 
ATOM   177  C CA  . THR A 1 23  ? 6.815   -6.349  -6.615  1.00 11.82 ? 23  THR A CA  1 
ATOM   178  C C   . THR A 1 23  ? 5.923   -7.181  -7.530  1.00 12.00 ? 23  THR A C   1 
ATOM   179  O O   . THR A 1 23  ? 5.210   -8.087  -7.073  1.00 11.45 ? 23  THR A O   1 
ATOM   180  C CB  . THR A 1 23  ? 8.247   -6.966  -6.572  1.00 11.81 ? 23  THR A CB  1 
ATOM   181  O OG1 . THR A 1 23  ? 8.764   -7.089  -7.907  1.00 11.71 ? 23  THR A OG1 1 
ATOM   182  C CG2 . THR A 1 23  ? 8.248   -8.342  -5.908  1.00 11.82 ? 23  THR A CG2 1 
ATOM   183  N N   . THR A 1 24  ? 5.973   -6.855  -8.821  1.00 11.49 ? 24  THR A N   1 
ATOM   184  C CA  . THR A 1 24  ? 5.324   -7.640  -9.860  1.00 11.82 ? 24  THR A CA  1 
ATOM   185  C C   . THR A 1 24  ? 6.237   -8.764  -10.363 1.00 12.33 ? 24  THR A C   1 
ATOM   186  O O   . THR A 1 24  ? 5.812   -9.590  -11.170 1.00 12.38 ? 24  THR A O   1 
ATOM   187  C CB  . THR A 1 24  ? 4.952   -6.770  -11.080 1.00 11.70 ? 24  THR A CB  1 
ATOM   188  O OG1 . THR A 1 24  ? 6.128   -6.115  -11.577 1.00 11.27 ? 24  THR A OG1 1 
ATOM   189  C CG2 . THR A 1 24  ? 3.907   -5.727  -10.708 1.00 11.48 ? 24  THR A CG2 1 
ATOM   190  N N   . ASN A 1 25  ? 7.483   -8.769  -9.886  1.00 12.78 ? 25  ASN A N   1 
ATOM   191  C CA  . ASN A 1 25  ? 8.527   -9.681  -10.352 1.00 13.50 ? 25  ASN A CA  1 
ATOM   192  C C   . ASN A 1 25  ? 8.649   -10.856 -9.388  1.00 13.72 ? 25  ASN A C   1 
ATOM   193  O O   . ASN A 1 25  ? 9.213   -10.713 -8.295  1.00 13.15 ? 25  ASN A O   1 
ATOM   194  C CB  . ASN A 1 25  ? 9.861   -8.911  -10.493 1.00 13.78 ? 25  ASN A CB  1 
ATOM   195  C CG  . ASN A 1 25  ? 11.009  -9.765  -11.072 1.00 14.93 ? 25  ASN A CG  1 
ATOM   196  O OD1 . ASN A 1 25  ? 11.074  -10.980 -10.887 1.00 14.08 ? 25  ASN A OD1 1 
ATOM   197  N ND2 . ASN A 1 25  ? 11.935  -9.100  -11.749 1.00 17.43 ? 25  ASN A ND2 1 
ATOM   198  N N   . GLU A 1 26  ? 8.098   -12.009 -9.783  1.00 14.12 ? 26  GLU A N   1 
ATOM   199  C CA  . GLU A 1 26  ? 8.127   -13.209 -8.933  1.00 14.90 ? 26  GLU A CA  1 
ATOM   200  C C   . GLU A 1 26  ? 9.542   -13.630 -8.520  1.00 14.75 ? 26  GLU A C   1 
ATOM   201  O O   . GLU A 1 26  ? 9.767   -13.999 -7.367  1.00 14.43 ? 26  GLU A O   1 
ATOM   202  C CB  . GLU A 1 26  ? 7.410   -14.386 -9.603  1.00 15.22 ? 26  GLU A CB  1 
ATOM   203  C CG  . GLU A 1 26  ? 7.353   -15.646 -8.740  1.00 17.89 ? 26  GLU A CG  1 
ATOM   204  C CD  . GLU A 1 26  ? 6.760   -16.847 -9.462  1.00 22.02 ? 26  GLU A CD  1 
ATOM   205  O OE1 . GLU A 1 26  ? 5.691   -16.714 -10.097 1.00 23.87 ? 26  GLU A OE1 1 
ATOM   206  O OE2 . GLU A 1 26  ? 7.365   -17.937 -9.381  1.00 25.21 ? 26  GLU A OE2 1 
ATOM   207  N N   . GLU A 1 27  ? 10.489  -13.578 -9.454  1.00 14.90 ? 27  GLU A N   1 
ATOM   208  C CA  . GLU A 1 27  ? 11.875  -13.974 -9.143  1.00 15.13 ? 27  GLU A CA  1 
ATOM   209  C C   . GLU A 1 27  ? 12.514  -13.068 -8.096  1.00 13.99 ? 27  GLU A C   1 
ATOM   210  O O   . GLU A 1 27  ? 13.177  -13.549 -7.169  1.00 13.73 ? 27  GLU A O   1 
ATOM   211  C CB  . GLU A 1 27  ? 12.742  -14.047 -10.413 1.00 15.51 ? 27  GLU A CB  1 
ATOM   212  C CG  . GLU A 1 27  ? 12.290  -15.106 -11.415 1.00 19.52 ? 27  GLU A CG  1 
ATOM   213  C CD  . GLU A 1 27  ? 12.021  -16.462 -10.774 1.00 24.98 ? 27  GLU A CD  1 
ATOM   214  O OE1 . GLU A 1 27  ? 12.967  -17.072 -10.223 1.00 28.22 ? 27  GLU A OE1 1 
ATOM   215  O OE2 . GLU A 1 27  ? 10.857  -16.924 -10.823 1.00 27.62 ? 27  GLU A OE2 1 
ATOM   216  N N   . LEU A 1 28  ? 12.298  -11.762 -8.237  1.00 13.39 ? 28  LEU A N   1 
ATOM   217  C CA  . LEU A 1 28  ? 12.793  -10.783 -7.270  1.00 12.71 ? 28  LEU A CA  1 
ATOM   218  C C   . LEU A 1 28  ? 12.153  -11.002 -5.894  1.00 12.73 ? 28  LEU A C   1 
ATOM   219  O O   . LEU A 1 28  ? 12.823  -10.893 -4.867  1.00 12.33 ? 28  LEU A O   1 
ATOM   220  C CB  . LEU A 1 28  ? 12.542  -9.345  -7.744  1.00 12.22 ? 28  LEU A CB  1 
ATOM   221  C CG  . LEU A 1 28  ? 13.052  -8.216  -6.827  1.00 11.70 ? 28  LEU A CG  1 
ATOM   222  C CD1 . LEU A 1 28  ? 14.586  -8.226  -6.668  1.00 10.34 ? 28  LEU A CD1 1 
ATOM   223  C CD2 . LEU A 1 28  ? 12.572  -6.847  -7.312  1.00 10.11 ? 28  LEU A CD2 1 
ATOM   224  N N   . ALA A 1 29  ? 10.860  -11.305 -5.892  1.00 12.50 ? 29  ALA A N   1 
ATOM   225  C CA  . ALA A 1 29  ? 10.137  -11.608 -4.659  1.00 13.29 ? 29  ALA A CA  1 
ATOM   226  C C   . ALA A 1 29  ? 10.783  -12.779 -3.907  1.00 13.68 ? 29  ALA A C   1 
ATOM   227  O O   . ALA A 1 29  ? 11.010  -12.705 -2.695  1.00 13.43 ? 29  ALA A O   1 
ATOM   228  C CB  . ALA A 1 29  ? 8.662   -11.901 -4.967  1.00 12.77 ? 29  ALA A CB  1 
ATOM   229  N N   . LYS A 1 30  ? 11.096  -13.851 -4.628  1.00 14.33 ? 30  LYS A N   1 
ATOM   230  C CA  . LYS A 1 30  ? 11.748  -15.005 -3.999  1.00 15.24 ? 30  LYS A CA  1 
ATOM   231  C C   . LYS A 1 30  ? 13.145  -14.661 -3.497  1.00 15.43 ? 30  LYS A C   1 
ATOM   232  O O   . LYS A 1 30  ? 13.532  -15.040 -2.390  1.00 15.34 ? 30  LYS A O   1 
ATOM   233  C CB  . LYS A 1 30  ? 11.770  -16.193 -4.949  1.00 15.66 ? 30  LYS A CB  1 
ATOM   234  C CG  . LYS A 1 30  ? 10.381  -16.718 -5.238  1.00 16.69 ? 30  LYS A CG  1 
ATOM   235  C CD  . LYS A 1 30  ? 10.394  -18.050 -5.949  1.00 19.08 ? 30  LYS A CD  1 
ATOM   236  C CE  . LYS A 1 30  ? 8.971   -18.605 -6.013  1.00 20.19 ? 30  LYS A CE  1 
ATOM   237  N NZ  . LYS A 1 30  ? 8.790   -19.582 -7.110  1.00 21.70 ? 30  LYS A NZ  1 
ATOM   238  N N   . LYS A 1 31  ? 13.882  -13.912 -4.310  1.00 15.84 ? 31  LYS A N   1 
ATOM   239  C CA  . LYS A 1 31  ? 15.213  -13.443 -3.966  1.00 16.22 ? 31  LYS A CA  1 
ATOM   240  C C   . LYS A 1 31  ? 15.199  -12.588 -2.704  1.00 16.10 ? 31  LYS A C   1 
ATOM   241  O O   . LYS A 1 31  ? 16.099  -12.694 -1.866  1.00 16.28 ? 31  LYS A O   1 
ATOM   242  C CB  . LYS A 1 31  ? 15.783  -12.639 -5.138  1.00 16.35 ? 31  LYS A CB  1 
ATOM   243  C CG  . LYS A 1 31  ? 17.207  -12.172 -4.956  1.00 18.52 ? 31  LYS A CG  1 
ATOM   244  C CD  . LYS A 1 31  ? 17.710  -11.479 -6.218  1.00 21.79 ? 31  LYS A CD  1 
ATOM   245  C CE  . LYS A 1 31  ? 19.110  -10.913 -6.008  1.00 23.88 ? 31  LYS A CE  1 
ATOM   246  N NZ  . LYS A 1 31  ? 19.685  -10.367 -7.271  1.00 25.90 ? 31  LYS A NZ  1 
ATOM   247  N N   . GLU A 1 32  ? 14.170  -11.751 -2.571  1.00 15.88 ? 32  GLU A N   1 
ATOM   248  C CA  . GLU A 1 32  ? 14.069  -10.814 -1.449  1.00 16.40 ? 32  GLU A CA  1 
ATOM   249  C C   . GLU A 1 32  ? 13.252  -11.368 -0.271  1.00 16.31 ? 32  GLU A C   1 
ATOM   250  O O   . GLU A 1 32  ? 13.094  -10.688 0.741   1.00 15.97 ? 32  GLU A O   1 
ATOM   251  C CB  . GLU A 1 32  ? 13.498  -9.465  -1.916  1.00 16.28 ? 32  GLU A CB  1 
ATOM   252  C CG  . GLU A 1 32  ? 14.360  -8.731  -2.959  1.00 17.79 ? 32  GLU A CG  1 
ATOM   253  C CD  . GLU A 1 32  ? 15.785  -8.486  -2.491  1.00 19.46 ? 32  GLU A CD  1 
ATOM   254  O OE1 . GLU A 1 32  ? 15.972  -7.873  -1.419  1.00 20.43 ? 32  GLU A OE1 1 
ATOM   255  O OE2 . GLU A 1 32  ? 16.724  -8.916  -3.193  1.00 21.06 ? 32  GLU A OE2 1 
ATOM   256  N N   . GLY A 1 33  ? 12.726  -12.585 -0.420  1.00 16.34 ? 33  GLY A N   1 
ATOM   257  C CA  . GLY A 1 33  ? 11.968  -13.249 0.653   1.00 16.62 ? 33  GLY A CA  1 
ATOM   258  C C   . GLY A 1 33  ? 10.564  -12.717 0.932   1.00 16.68 ? 33  GLY A C   1 
ATOM   259  O O   . GLY A 1 33  ? 10.070  -12.807 2.071   1.00 16.33 ? 33  GLY A O   1 
ATOM   260  N N   . ILE A 1 34  ? 9.913   -12.174 -0.097  1.00 16.38 ? 34  ILE A N   1 
ATOM   261  C CA  . ILE A 1 34  ? 8.532   -11.684 0.044   1.00 16.92 ? 34  ILE A CA  1 
ATOM   262  C C   . ILE A 1 34  ? 7.554   -12.396 -0.893  1.00 17.34 ? 34  ILE A C   1 
ATOM   263  O O   . ILE A 1 34  ? 6.417   -11.952 -1.073  1.00 16.97 ? 34  ILE A O   1 
ATOM   264  C CB  . ILE A 1 34  ? 8.417   -10.132 -0.106  1.00 16.40 ? 34  ILE A CB  1 
ATOM   265  C CG1 . ILE A 1 34  ? 8.872   -9.661  -1.493  1.00 16.17 ? 34  ILE A CG1 1 
ATOM   266  C CG2 . ILE A 1 34  ? 9.201   -9.417  0.995   1.00 16.42 ? 34  ILE A CG2 1 
ATOM   267  C CD1 . ILE A 1 34  ? 8.283   -8.309  -1.894  1.00 15.76 ? 34  ILE A CD1 1 
ATOM   268  N N   . TYR A 1 35  ? 7.995   -13.507 -1.479  1.00 18.10 ? 35  TYR A N   1 
ATOM   269  C CA  . TYR A 1 35  ? 7.148   -14.274 -2.394  1.00 19.41 ? 35  TYR A CA  1 
ATOM   270  C C   . TYR A 1 35  ? 5.864   -14.708 -1.700  1.00 20.35 ? 35  TYR A C   1 
ATOM   271  O O   . TYR A 1 35  ? 5.896   -15.161 -0.561  1.00 20.65 ? 35  TYR A O   1 
ATOM   272  C CB  . TYR A 1 35  ? 7.882   -15.508 -2.947  1.00 19.18 ? 35  TYR A CB  1 
ATOM   273  C CG  . TYR A 1 35  ? 6.990   -16.431 -3.758  1.00 19.56 ? 35  TYR A CG  1 
ATOM   274  C CD1 . TYR A 1 35  ? 6.506   -16.042 -5.010  1.00 19.98 ? 35  TYR A CD1 1 
ATOM   275  C CD2 . TYR A 1 35  ? 6.625   -17.690 -3.271  1.00 20.21 ? 35  TYR A CD2 1 
ATOM   276  C CE1 . TYR A 1 35  ? 5.684   -16.882 -5.755  1.00 20.86 ? 35  TYR A CE1 1 
ATOM   277  C CE2 . TYR A 1 35  ? 5.801   -18.542 -4.013  1.00 20.56 ? 35  TYR A CE2 1 
ATOM   278  C CZ  . TYR A 1 35  ? 5.332   -18.130 -5.245  1.00 21.52 ? 35  TYR A CZ  1 
ATOM   279  O OH  . TYR A 1 35  ? 4.514   -18.961 -5.982  1.00 22.86 ? 35  TYR A OH  1 
ATOM   280  N N   . ASN A 1 36  ? 4.739   -14.539 -2.386  1.00 21.68 ? 36  ASN A N   1 
ATOM   281  C CA  . ASN A 1 36  ? 3.454   -14.974 -1.866  1.00 22.85 ? 36  ASN A CA  1 
ATOM   282  C C   . ASN A 1 36  ? 2.774   -15.889 -2.877  1.00 23.51 ? 36  ASN A C   1 
ATOM   283  O O   . ASN A 1 36  ? 2.331   -15.422 -3.931  1.00 23.23 ? 36  ASN A O   1 
ATOM   284  C CB  . ASN A 1 36  ? 2.571   -13.768 -1.532  1.00 23.20 ? 36  ASN A CB  1 
ATOM   285  C CG  . ASN A 1 36  ? 1.299   -14.157 -0.782  1.00 24.54 ? 36  ASN A CG  1 
ATOM   286  O OD1 . ASN A 1 36  ? 0.761   -15.248 -0.963  1.00 25.66 ? 36  ASN A OD1 1 
ATOM   287  N ND2 . ASN A 1 36  ? 0.807   -13.247 0.055   1.00 26.40 ? 36  ASN A ND2 1 
ATOM   288  N N   . PRO A 1 37  ? 2.683   -17.199 -2.553  1.00 24.21 ? 37  PRO A N   1 
ATOM   289  C CA  . PRO A 1 37  ? 2.095   -18.212 -3.443  1.00 24.76 ? 37  PRO A CA  1 
ATOM   290  C C   . PRO A 1 37  ? 0.678   -17.851 -3.896  1.00 25.08 ? 37  PRO A C   1 
ATOM   291  O O   . PRO A 1 37  ? 0.222   -18.347 -4.923  1.00 25.56 ? 37  PRO A O   1 
ATOM   292  C CB  . PRO A 1 37  ? 2.064   -19.477 -2.575  1.00 24.92 ? 37  PRO A CB  1 
ATOM   293  C CG  . PRO A 1 37  ? 3.068   -19.245 -1.505  1.00 24.58 ? 37  PRO A CG  1 
ATOM   294  C CD  . PRO A 1 37  ? 3.100   -17.774 -1.260  1.00 24.28 ? 37  PRO A CD  1 
ATOM   295  N N   . ALA A 1 38  ? 0.005   -16.985 -3.143  1.00 25.31 ? 38  ALA A N   1 
ATOM   296  C CA  . ALA A 1 38  ? -1.368  -16.579 -3.459  1.00 25.67 ? 38  ALA A CA  1 
ATOM   297  C C   . ALA A 1 38  ? -1.434  -15.366 -4.393  1.00 25.85 ? 38  ALA A C   1 
ATOM   298  O O   . ALA A 1 38  ? -2.513  -15.001 -4.866  1.00 26.34 ? 38  ALA A O   1 
ATOM   299  C CB  . ALA A 1 38  ? -2.159  -16.321 -2.178  1.00 25.74 ? 38  ALA A CB  1 
ATOM   300  N N   . MET A 1 39  ? -0.280  -14.753 -4.665  1.00 25.53 ? 39  MET A N   1 
ATOM   301  C CA  . MET A 1 39  ? -0.213  -13.592 -5.559  1.00 25.27 ? 39  MET A CA  1 
ATOM   302  C C   . MET A 1 39  ? 0.038   -14.007 -7.005  1.00 24.26 ? 39  MET A C   1 
ATOM   303  O O   . MET A 1 39  ? 0.817   -14.921 -7.272  1.00 24.19 ? 39  MET A O   1 
ATOM   304  C CB  . MET A 1 39  ? 0.870   -12.607 -5.095  1.00 25.72 ? 39  MET A CB  1 
ATOM   305  C CG  . MET A 1 39  ? 1.017   -11.359 -5.988  1.00 27.67 ? 39  MET A CG  1 
ATOM   306  S SD  . MET A 1 39  ? 1.901   -10.000 -5.185  1.00 32.88 ? 39  MET A SD  1 
ATOM   307  C CE  . MET A 1 39  ? 0.703   -9.520  -3.936  1.00 31.76 ? 39  MET A CE  1 
ATOM   308  N N   . ILE A 1 40  ? -0.642  -13.332 -7.930  1.00 23.35 ? 40  ILE A N   1 
ATOM   309  C CA  . ILE A 1 40  ? -0.368  -13.471 -9.352  1.00 22.61 ? 40  ILE A CA  1 
ATOM   310  C C   . ILE A 1 40  ? 0.651   -12.396 -9.745  1.00 21.51 ? 40  ILE A C   1 
ATOM   311  O O   . ILE A 1 40  ? 0.359   -11.199 -9.694  1.00 21.28 ? 40  ILE A O   1 
ATOM   312  C CB  . ILE A 1 40  ? -1.658  -13.345 -10.223 1.00 22.82 ? 40  ILE A CB  1 
ATOM   313  C CG1 . ILE A 1 40  ? -2.823  -14.157 -9.626  1.00 23.97 ? 40  ILE A CG1 1 
ATOM   314  C CG2 . ILE A 1 40  ? -1.377  -13.735 -11.673 1.00 23.25 ? 40  ILE A CG2 1 
ATOM   315  C CD1 . ILE A 1 40  ? -2.565  -15.656 -9.473  1.00 25.39 ? 40  ILE A CD1 1 
ATOM   316  N N   . TYR A 1 41  ? 1.850   -12.836 -10.116 1.00 20.33 ? 41  TYR A N   1 
ATOM   317  C CA  . TYR A 1 41  ? 2.921   -11.921 -10.504 1.00 18.79 ? 41  TYR A CA  1 
ATOM   318  C C   . TYR A 1 41  ? 2.847   -11.587 -11.987 1.00 18.11 ? 41  TYR A C   1 
ATOM   319  O O   . TYR A 1 41  ? 1.940   -12.035 -12.685 1.00 18.74 ? 41  TYR A O   1 
ATOM   320  C CB  . TYR A 1 41  ? 4.282   -12.500 -10.108 1.00 18.59 ? 41  TYR A CB  1 
ATOM   321  C CG  . TYR A 1 41  ? 4.469   -12.518 -8.607  1.00 17.83 ? 41  TYR A CG  1 
ATOM   322  C CD1 . TYR A 1 41  ? 4.141   -13.650 -7.854  1.00 17.36 ? 41  TYR A CD1 1 
ATOM   323  C CD2 . TYR A 1 41  ? 4.933   -11.392 -7.933  1.00 17.13 ? 41  TYR A CD2 1 
ATOM   324  C CE1 . TYR A 1 41  ? 4.288   -13.659 -6.477  1.00 18.21 ? 41  TYR A CE1 1 
ATOM   325  C CE2 . TYR A 1 41  ? 5.087   -11.387 -6.552  1.00 17.36 ? 41  TYR A CE2 1 
ATOM   326  C CZ  . TYR A 1 41  ? 4.759   -12.522 -5.829  1.00 17.65 ? 41  TYR A CZ  1 
ATOM   327  O OH  . TYR A 1 41  ? 4.916   -12.521 -4.463  1.00 17.87 ? 41  TYR A OH  1 
ATOM   328  N N   . GLY A 1 42  ? 3.791   -10.783 -12.463 1.00 16.77 ? 42  GLY A N   1 
ATOM   329  C CA  . GLY A 1 42  ? 3.774   -10.326 -13.840 1.00 15.04 ? 42  GLY A CA  1 
ATOM   330  C C   . GLY A 1 42  ? 3.207   -8.923  -13.924 1.00 14.07 ? 42  GLY A C   1 
ATOM   331  O O   . GLY A 1 42  ? 2.624   -8.433  -12.957 1.00 13.52 ? 42  GLY A O   1 
ATOM   332  N N   . PRO A 1 43  ? 3.367   -8.268  -15.090 1.00 13.47 ? 43  PRO A N   1 
ATOM   333  C CA  . PRO A 1 43  ? 2.912   -6.897  -15.291 1.00 13.04 ? 43  PRO A CA  1 
ATOM   334  C C   . PRO A 1 43  ? 1.421   -6.717  -14.977 1.00 12.79 ? 43  PRO A C   1 
ATOM   335  O O   . PRO A 1 43  ? 0.625   -7.657  -15.139 1.00 12.68 ? 43  PRO A O   1 
ATOM   336  C CB  . PRO A 1 43  ? 3.193   -6.660  -16.779 1.00 13.19 ? 43  PRO A CB  1 
ATOM   337  C CG  . PRO A 1 43  ? 4.359   -7.533  -17.060 1.00 13.35 ? 43  PRO A CG  1 
ATOM   338  C CD  . PRO A 1 43  ? 4.041   -8.790  -16.291 1.00 13.65 ? 43  PRO A CD  1 
ATOM   339  N N   . VAL A 1 44  ? 1.072   -5.518  -14.518 1.00 12.02 ? 44  VAL A N   1 
ATOM   340  C CA  . VAL A 1 44  ? -0.291  -5.179  -14.112 1.00 11.60 ? 44  VAL A CA  1 
ATOM   341  C C   . VAL A 1 44  ? -0.895  -4.254  -15.157 1.00 11.05 ? 44  VAL A C   1 
ATOM   342  O O   . VAL A 1 44  ? -0.279  -3.256  -15.529 1.00 10.49 ? 44  VAL A O   1 
ATOM   343  C CB  . VAL A 1 44  ? -0.288  -4.473  -12.723 1.00 11.33 ? 44  VAL A CB  1 
ATOM   344  C CG1 . VAL A 1 44  ? -1.690  -3.996  -12.336 1.00 11.66 ? 44  VAL A CG1 1 
ATOM   345  C CG2 . VAL A 1 44  ? 0.277   -5.400  -11.652 1.00 11.26 ? 44  VAL A CG2 1 
ATOM   346  N N   . ALA A 1 45  ? -2.091  -4.587  -15.642 1.00 10.76 ? 45  ALA A N   1 
ATOM   347  C CA  . ALA A 1 45  ? -2.795  -3.701  -16.567 1.00 10.34 ? 45  ALA A CA  1 
ATOM   348  C C   . ALA A 1 45  ? -3.543  -2.629  -15.778 1.00 10.12 ? 45  ALA A C   1 
ATOM   349  O O   . ALA A 1 45  ? -4.286  -2.941  -14.851 1.00 9.80  ? 45  ALA A O   1 
ATOM   350  C CB  . ALA A 1 45  ? -3.762  -4.493  -17.459 1.00 10.72 ? 45  ALA A CB  1 
ATOM   351  N N   . ILE A 1 46  ? -3.311  -1.365  -16.126 1.00 9.84  ? 46  ILE A N   1 
ATOM   352  C CA  . ILE A 1 46  ? -4.066  -0.253  -15.554 1.00 9.92  ? 46  ILE A CA  1 
ATOM   353  C C   . ILE A 1 46  ? -4.576  0.626   -16.675 1.00 10.19 ? 46  ILE A C   1 
ATOM   354  O O   . ILE A 1 46  ? -4.164  0.492   -17.824 1.00 10.32 ? 46  ILE A O   1 
ATOM   355  C CB  . ILE A 1 46  ? -3.213  0.618   -14.567 1.00 9.75  ? 46  ILE A CB  1 
ATOM   356  C CG1 . ILE A 1 46  ? -2.179  1.464   -15.321 1.00 10.28 ? 46  ILE A CG1 1 
ATOM   357  C CG2 . ILE A 1 46  ? -2.527  -0.246  -13.515 1.00 9.52  ? 46  ILE A CG2 1 
ATOM   358  C CD1 . ILE A 1 46  ? -1.567  2.599   -14.488 1.00 13.28 ? 46  ILE A CD1 1 
ATOM   359  N N   . PHE A 1 47  ? -5.484  1.530   -16.340 1.00 10.33 ? 47  PHE A N   1 
ATOM   360  C CA  . PHE A 1 47  ? -5.730  2.661   -17.204 1.00 10.57 ? 47  PHE A CA  1 
ATOM   361  C C   . PHE A 1 47  ? -4.976  3.842   -16.603 1.00 10.82 ? 47  PHE A C   1 
ATOM   362  O O   . PHE A 1 47  ? -5.131  4.150   -15.413 1.00 10.67 ? 47  PHE A O   1 
ATOM   363  C CB  . PHE A 1 47  ? -7.225  2.952   -17.296 1.00 10.18 ? 47  PHE A CB  1 
ATOM   364  C CG  . PHE A 1 47  ? -8.010  1.882   -17.996 1.00 10.73 ? 47  PHE A CG  1 
ATOM   365  C CD1 . PHE A 1 47  ? -9.020  1.203   -17.332 1.00 10.65 ? 47  PHE A CD1 1 
ATOM   366  C CD2 . PHE A 1 47  ? -7.738  1.552   -19.325 1.00 11.45 ? 47  PHE A CD2 1 
ATOM   367  C CE1 . PHE A 1 47  ? -9.763  0.227   -17.975 1.00 10.53 ? 47  PHE A CE1 1 
ATOM   368  C CE2 . PHE A 1 47  ? -8.486  0.566   -19.983 1.00 12.81 ? 47  PHE A CE2 1 
ATOM   369  C CZ  . PHE A 1 47  ? -9.492  -0.096  -19.304 1.00 12.65 ? 47  PHE A CZ  1 
ATOM   370  N N   . ALA A 1 48  ? -4.152  4.496   -17.418 1.00 10.76 ? 48  ALA A N   1 
ATOM   371  C CA  . ALA A 1 48  ? -3.311  5.601   -16.937 1.00 11.31 ? 48  ALA A CA  1 
ATOM   372  C C   . ALA A 1 48  ? -4.119  6.715   -16.261 1.00 11.47 ? 48  ALA A C   1 
ATOM   373  O O   . ALA A 1 48  ? -5.142  7.155   -16.784 1.00 11.81 ? 48  ALA A O   1 
ATOM   374  C CB  . ALA A 1 48  ? -2.463  6.166   -18.082 1.00 11.55 ? 48  ALA A CB  1 
ATOM   375  N N   . GLY A 1 49  ? -3.659  7.136   -15.084 1.00 11.84 ? 49  GLY A N   1 
ATOM   376  C CA  . GLY A 1 49  ? -4.296  8.208   -14.316 1.00 12.74 ? 49  GLY A CA  1 
ATOM   377  C C   . GLY A 1 49  ? -5.670  7.900   -13.740 1.00 13.02 ? 49  GLY A C   1 
ATOM   378  O O   . GLY A 1 49  ? -6.376  8.815   -13.320 1.00 13.39 ? 49  GLY A O   1 
ATOM   379  N N   . GLU A 1 50  ? -6.056  6.624   -13.709 1.00 13.01 ? 50  GLU A N   1 
ATOM   380  C CA  . GLU A 1 50  ? -7.402  6.251   -13.249 1.00 13.28 ? 50  GLU A CA  1 
ATOM   381  C C   . GLU A 1 50  ? -7.476  5.744   -11.799 1.00 12.92 ? 50  GLU A C   1 
ATOM   382  O O   . GLU A 1 50  ? -8.520  5.244   -11.361 1.00 13.58 ? 50  GLU A O   1 
ATOM   383  C CB  . GLU A 1 50  ? -8.074  5.264   -14.221 1.00 13.50 ? 50  GLU A CB  1 
ATOM   384  C CG  . GLU A 1 50  ? -8.347  5.831   -15.628 1.00 13.65 ? 50  GLU A CG  1 
ATOM   385  C CD  . GLU A 1 50  ? -9.328  7.011   -15.652 1.00 16.29 ? 50  GLU A CD  1 
ATOM   386  O OE1 . GLU A 1 50  ? -9.223  7.846   -16.584 1.00 15.24 ? 50  GLU A OE1 1 
ATOM   387  O OE2 . GLU A 1 50  ? -10.189 7.105   -14.745 1.00 14.87 ? 50  GLU A OE2 1 
ATOM   388  N N   . GLY A 1 51  ? -6.380  5.883   -11.056 1.00 12.05 ? 51  GLY A N   1 
ATOM   389  C CA  . GLY A 1 51  ? -6.399  5.621   -9.610  1.00 11.38 ? 51  GLY A CA  1 
ATOM   390  C C   . GLY A 1 51  ? -6.320  4.168   -9.160  1.00 10.81 ? 51  GLY A C   1 
ATOM   391  O O   . GLY A 1 51  ? -6.670  3.855   -8.024  1.00 11.04 ? 51  GLY A O   1 
ATOM   392  N N   . GLN A 1 52  ? -5.849  3.283   -10.033 1.00 10.47 ? 52  GLN A N   1 
ATOM   393  C CA  . GLN A 1 52  ? -5.656  1.867   -9.676  1.00 10.48 ? 52  GLN A CA  1 
ATOM   394  C C   . GLN A 1 52  ? -4.359  1.666   -8.903  1.00 10.35 ? 52  GLN A C   1 
ATOM   395  O O   . GLN A 1 52  ? -4.214  0.692   -8.156  1.00 10.35 ? 52  GLN A O   1 
ATOM   396  C CB  . GLN A 1 52  ? -5.657  0.998   -10.932 1.00 10.40 ? 52  GLN A CB  1 
ATOM   397  C CG  . GLN A 1 52  ? -5.548  -0.514  -10.693 1.00 11.10 ? 52  GLN A CG  1 
ATOM   398  C CD  . GLN A 1 52  ? -5.623  -1.305  -11.986 1.00 11.70 ? 52  GLN A CD  1 
ATOM   399  O OE1 . GLN A 1 52  ? -6.223  -0.856  -12.973 1.00 10.66 ? 52  GLN A OE1 1 
ATOM   400  N NE2 . GLN A 1 52  ? -5.013  -2.487  -11.993 1.00 11.70 ? 52  GLN A NE2 1 
ATOM   401  N N   . VAL A 1 53  ? -3.415  2.582   -9.095  1.00 9.80  ? 53  VAL A N   1 
ATOM   402  C CA  . VAL A 1 53  ? -2.142  2.555   -8.364  1.00 9.32  ? 53  VAL A CA  1 
ATOM   403  C C   . VAL A 1 53  ? -2.020  3.788   -7.457  1.00 9.04  ? 53  VAL A C   1 
ATOM   404  O O   . VAL A 1 53  ? -2.864  4.684   -7.506  1.00 8.61  ? 53  VAL A O   1 
ATOM   405  C CB  . VAL A 1 53  ? -0.939  2.510   -9.329  1.00 9.40  ? 53  VAL A CB  1 
ATOM   406  C CG1 . VAL A 1 53  ? -0.901  1.172   -10.088 1.00 9.20  ? 53  VAL A CG1 1 
ATOM   407  C CG2 . VAL A 1 53  ? -0.997  3.687   -10.318 1.00 10.00 ? 53  VAL A CG2 1 
ATOM   408  N N   . LEU A 1 54  ? -0.964  3.831   -6.643  1.00 8.48  ? 54  LEU A N   1 
ATOM   409  C CA  . LEU A 1 54  ? -0.712  4.981   -5.773  1.00 8.91  ? 54  LEU A CA  1 
ATOM   410  C C   . LEU A 1 54  ? -0.704  6.270   -6.589  1.00 8.53  ? 54  LEU A C   1 
ATOM   411  O O   . LEU A 1 54  ? -0.249  6.265   -7.732  1.00 8.60  ? 54  LEU A O   1 
ATOM   412  C CB  . LEU A 1 54  ? 0.620   4.833   -5.042  1.00 8.10  ? 54  LEU A CB  1 
ATOM   413  C CG  . LEU A 1 54  ? 0.837   3.599   -4.168  1.00 8.72  ? 54  LEU A CG  1 
ATOM   414  C CD1 . LEU A 1 54  ? 2.234   3.674   -3.573  1.00 8.04  ? 54  LEU A CD1 1 
ATOM   415  C CD2 . LEU A 1 54  ? -0.225  3.454   -3.068  1.00 8.78  ? 54  LEU A CD2 1 
ATOM   416  N N   . PRO A 1 55  ? -1.207  7.375   -6.006  1.00 8.75  ? 55  PRO A N   1 
ATOM   417  C CA  . PRO A 1 55  ? -1.286  8.650   -6.725  1.00 8.83  ? 55  PRO A CA  1 
ATOM   418  C C   . PRO A 1 55  ? 0.018   9.033   -7.433  1.00 9.09  ? 55  PRO A C   1 
ATOM   419  O O   . PRO A 1 55  ? 0.004   9.378   -8.621  1.00 8.61  ? 55  PRO A O   1 
ATOM   420  C CB  . PRO A 1 55  ? -1.623  9.652   -5.611  1.00 9.19  ? 55  PRO A CB  1 
ATOM   421  C CG  . PRO A 1 55  ? -2.418  8.851   -4.637  1.00 8.79  ? 55  PRO A CG  1 
ATOM   422  C CD  . PRO A 1 55  ? -1.757  7.487   -4.636  1.00 8.68  ? 55  PRO A CD  1 
ATOM   423  N N   . GLY A 1 56  ? 1.137   8.947   -6.716  1.00 9.38  ? 56  GLY A N   1 
ATOM   424  C CA  . GLY A 1 56  ? 2.446   9.279   -7.274  1.00 9.30  ? 56  GLY A CA  1 
ATOM   425  C C   . GLY A 1 56  ? 2.895   8.377   -8.412  1.00 9.11  ? 56  GLY A C   1 
ATOM   426  O O   . GLY A 1 56  ? 3.682   8.792   -9.263  1.00 8.53  ? 56  GLY A O   1 
ATOM   427  N N   . LEU A 1 57  ? 2.419   7.135   -8.418  1.00 8.97  ? 57  LEU A N   1 
ATOM   428  C CA  . LEU A 1 57  ? 2.700   6.219   -9.524  1.00 9.29  ? 57  LEU A CA  1 
ATOM   429  C C   . LEU A 1 57  ? 1.909   6.610   -10.773 1.00 9.27  ? 57  LEU A C   1 
ATOM   430  O O   . LEU A 1 57  ? 2.465   6.681   -11.871 1.00 8.83  ? 57  LEU A O   1 
ATOM   431  C CB  . LEU A 1 57  ? 2.417   4.763   -9.122  1.00 9.20  ? 57  LEU A CB  1 
ATOM   432  C CG  . LEU A 1 57  ? 3.296   4.184   -8.016  1.00 9.91  ? 57  LEU A CG  1 
ATOM   433  C CD1 . LEU A 1 57  ? 2.821   2.787   -7.643  1.00 10.42 ? 57  LEU A CD1 1 
ATOM   434  C CD2 . LEU A 1 57  ? 4.778   4.157   -8.449  1.00 10.93 ? 57  LEU A CD2 1 
ATOM   435  N N   . ASP A 1 58  ? 0.616   6.886   -10.599 1.00 9.53  ? 58  ASP A N   1 
ATOM   436  C CA  . ASP A 1 58  ? -0.214  7.371   -11.698 1.00 9.77  ? 58  ASP A CA  1 
ATOM   437  C C   . ASP A 1 58  ? 0.390   8.624   -12.314 1.00 10.40 ? 58  ASP A C   1 
ATOM   438  O O   . ASP A 1 58  ? 0.482   8.741   -13.536 1.00 9.64  ? 58  ASP A O   1 
ATOM   439  C CB  . ASP A 1 58  ? -1.624  7.681   -11.210 1.00 9.91  ? 58  ASP A CB  1 
ATOM   440  C CG  . ASP A 1 58  ? -2.648  6.671   -11.678 1.00 9.96  ? 58  ASP A CG  1 
ATOM   441  O OD1 . ASP A 1 58  ? -2.362  5.853   -12.592 1.00 9.20  ? 58  ASP A OD1 1 
ATOM   442  O OD2 . ASP A 1 58  ? -3.768  6.724   -11.141 1.00 10.14 ? 58  ASP A OD2 1 
ATOM   443  N N   . GLU A 1 59  ? 0.806   9.550   -11.452 1.00 10.67 ? 59  GLU A N   1 
ATOM   444  C CA  . GLU A 1 59  ? 1.435   10.796  -11.875 1.00 11.92 ? 59  GLU A CA  1 
ATOM   445  C C   . GLU A 1 59  ? 2.663   10.559  -12.745 1.00 11.50 ? 59  GLU A C   1 
ATOM   446  O O   . GLU A 1 59  ? 2.802   11.168  -13.804 1.00 11.39 ? 59  GLU A O   1 
ATOM   447  C CB  . GLU A 1 59  ? 1.841   11.621  -10.657 1.00 12.32 ? 59  GLU A CB  1 
ATOM   448  C CG  . GLU A 1 59  ? 0.687   12.308  -9.997  1.00 16.46 ? 59  GLU A CG  1 
ATOM   449  C CD  . GLU A 1 59  ? 1.119   13.116  -8.795  1.00 20.70 ? 59  GLU A CD  1 
ATOM   450  O OE1 . GLU A 1 59  ? 2.228   13.709  -8.830  1.00 21.44 ? 59  GLU A OE1 1 
ATOM   451  O OE2 . GLU A 1 59  ? 0.341   13.144  -7.818  1.00 24.00 ? 59  GLU A OE2 1 
ATOM   452  N N   . ALA A 1 60  ? 3.547   9.671   -12.286 1.00 11.06 ? 60  ALA A N   1 
ATOM   453  C CA  . ALA A 1 60  ? 4.766   9.331   -13.016 1.00 11.10 ? 60  ALA A CA  1 
ATOM   454  C C   . ALA A 1 60  ? 4.442   8.693   -14.368 1.00 11.23 ? 60  ALA A C   1 
ATOM   455  O O   . ALA A 1 60  ? 4.993   9.091   -15.405 1.00 11.20 ? 60  ALA A O   1 
ATOM   456  C CB  . ALA A 1 60  ? 5.646   8.412   -12.180 1.00 11.11 ? 60  ALA A CB  1 
ATOM   457  N N   . ILE A 1 61  ? 3.525   7.729   -14.352 1.00 11.26 ? 61  ILE A N   1 
ATOM   458  C CA  . ILE A 1 61  ? 3.109   7.006   -15.569 1.00 11.20 ? 61  ILE A CA  1 
ATOM   459  C C   . ILE A 1 61  ? 2.653   7.939   -16.706 1.00 11.81 ? 61  ILE A C   1 
ATOM   460  O O   . ILE A 1 61  ? 3.000   7.731   -17.865 1.00 11.20 ? 61  ILE A O   1 
ATOM   461  C CB  . ILE A 1 61  ? 2.027   5.942   -15.236 1.00 11.23 ? 61  ILE A CB  1 
ATOM   462  C CG1 . ILE A 1 61  ? 2.687   4.744   -14.534 1.00 10.80 ? 61  ILE A CG1 1 
ATOM   463  C CG2 . ILE A 1 61  ? 1.278   5.487   -16.510 1.00 10.34 ? 61  ILE A CG2 1 
ATOM   464  C CD1 . ILE A 1 61  ? 1.750   3.961   -13.621 1.00 14.47 ? 61  ILE A CD1 1 
ATOM   465  N N   . LEU A 1 62  ? 1.882   8.967   -16.364 1.00 12.31 ? 62  LEU A N   1 
ATOM   466  C CA  . LEU A 1 62  ? 1.413   9.928   -17.355 1.00 13.29 ? 62  LEU A CA  1 
ATOM   467  C C   . LEU A 1 62  ? 2.561   10.696  -18.026 1.00 13.47 ? 62  LEU A C   1 
ATOM   468  O O   . LEU A 1 62  ? 2.436   11.097  -19.183 1.00 13.44 ? 62  LEU A O   1 
ATOM   469  C CB  . LEU A 1 62  ? 0.412   10.904  -16.732 1.00 13.28 ? 62  LEU A CB  1 
ATOM   470  C CG  . LEU A 1 62  ? -0.829  10.274  -16.100 1.00 14.24 ? 62  LEU A CG  1 
ATOM   471  C CD1 . LEU A 1 62  ? -1.467  11.241  -15.131 1.00 15.44 ? 62  LEU A CD1 1 
ATOM   472  C CD2 . LEU A 1 62  ? -1.839  9.792   -17.154 1.00 14.29 ? 62  LEU A CD2 1 
ATOM   473  N N   . GLU A 1 63  ? 3.662   10.890  -17.301 1.00 13.45 ? 63  GLU A N   1 
ATOM   474  C CA  . GLU A 1 63  ? 4.851   11.567  -17.835 1.00 14.28 ? 63  GLU A CA  1 
ATOM   475  C C   . GLU A 1 63  ? 5.758   10.638  -18.635 1.00 14.09 ? 63  GLU A C   1 
ATOM   476  O O   . GLU A 1 63  ? 6.614   11.106  -19.382 1.00 14.25 ? 63  GLU A O   1 
ATOM   477  C CB  . GLU A 1 63  ? 5.693   12.164  -16.710 1.00 14.52 ? 63  GLU A CB  1 
ATOM   478  C CG  . GLU A 1 63  ? 5.047   13.262  -15.917 1.00 16.47 ? 63  GLU A CG  1 
ATOM   479  C CD  . GLU A 1 63  ? 6.033   13.913  -14.968 1.00 18.75 ? 63  GLU A CD  1 
ATOM   480  O OE1 . GLU A 1 63  ? 7.162   13.393  -14.821 1.00 19.50 ? 63  GLU A OE1 1 
ATOM   481  O OE2 . GLU A 1 63  ? 5.681   14.940  -14.365 1.00 21.26 ? 63  GLU A OE2 1 
ATOM   482  N N   . MET A 1 64  ? 5.575   9.328   -18.476 1.00 13.83 ? 64  MET A N   1 
ATOM   483  C CA  . MET A 1 64  ? 6.524   8.359   -19.022 1.00 13.51 ? 64  MET A CA  1 
ATOM   484  C C   . MET A 1 64  ? 6.267   7.953   -20.476 1.00 14.02 ? 64  MET A C   1 
ATOM   485  O O   . MET A 1 64  ? 5.178   8.154   -21.016 1.00 14.60 ? 64  MET A O   1 
ATOM   486  C CB  . MET A 1 64  ? 6.612   7.125   -18.117 1.00 12.99 ? 64  MET A CB  1 
ATOM   487  C CG  . MET A 1 64  ? 7.314   7.377   -16.789 1.00 11.81 ? 64  MET A CG  1 
ATOM   488  S SD  . MET A 1 64  ? 7.002   6.120   -15.537 1.00 9.96  ? 64  MET A SD  1 
ATOM   489  C CE  . MET A 1 64  ? 7.802   4.706   -16.299 1.00 10.73 ? 64  MET A CE  1 
ATOM   490  N N   . ASP A 1 65  ? 7.287   7.390   -21.106 1.00 14.62 ? 65  ASP A N   1 
ATOM   491  C CA  . ASP A 1 65  ? 7.149   6.806   -22.431 1.00 15.38 ? 65  ASP A CA  1 
ATOM   492  C C   . ASP A 1 65  ? 6.953   5.306   -22.287 1.00 14.78 ? 65  ASP A C   1 
ATOM   493  O O   . ASP A 1 65  ? 7.422   4.715   -21.324 1.00 13.78 ? 65  ASP A O   1 
ATOM   494  C CB  . ASP A 1 65  ? 8.422   7.054   -23.244 1.00 15.94 ? 65  ASP A CB  1 
ATOM   495  C CG  . ASP A 1 65  ? 8.524   8.477   -23.778 1.00 17.65 ? 65  ASP A CG  1 
ATOM   496  O OD1 . ASP A 1 65  ? 9.649   8.877   -24.149 1.00 20.88 ? 65  ASP A OD1 1 
ATOM   497  O OD2 . ASP A 1 65  ? 7.499   9.182   -23.848 1.00 21.27 ? 65  ASP A OD2 1 
ATOM   498  N N   . VAL A 1 66  ? 6.297   4.683   -23.261 1.00 14.86 ? 66  VAL A N   1 
ATOM   499  C CA  . VAL A 1 66  ? 6.282   3.220   -23.323 1.00 14.58 ? 66  VAL A CA  1 
ATOM   500  C C   . VAL A 1 66  ? 7.723   2.683   -23.388 1.00 14.25 ? 66  VAL A C   1 
ATOM   501  O O   . VAL A 1 66  ? 8.568   3.226   -24.114 1.00 14.24 ? 66  VAL A O   1 
ATOM   502  C CB  . VAL A 1 66  ? 5.394   2.682   -24.484 1.00 14.78 ? 66  VAL A CB  1 
ATOM   503  C CG1 . VAL A 1 66  ? 5.892   3.145   -25.824 1.00 15.44 ? 66  VAL A CG1 1 
ATOM   504  C CG2 . VAL A 1 66  ? 5.291   1.154   -24.441 1.00 15.47 ? 66  VAL A CG2 1 
ATOM   505  N N   . GLY A 1 67  ? 7.997   1.641   -22.606 1.00 13.56 ? 67  GLY A N   1 
ATOM   506  C CA  . GLY A 1 67  ? 9.351   1.085   -22.483 1.00 13.55 ? 67  GLY A CA  1 
ATOM   507  C C   . GLY A 1 67  ? 10.246  1.800   -21.475 1.00 13.46 ? 67  GLY A C   1 
ATOM   508  O O   . GLY A 1 67  ? 11.309  1.286   -21.108 1.00 13.68 ? 67  GLY A O   1 
ATOM   509  N N   . GLU A 1 68  ? 9.831   2.981   -21.022 1.00 13.10 ? 68  GLU A N   1 
ATOM   510  C CA  . GLU A 1 68  ? 10.623  3.728   -20.033 1.00 13.34 ? 68  GLU A CA  1 
ATOM   511  C C   . GLU A 1 68  ? 10.563  3.087   -18.653 1.00 13.40 ? 68  GLU A C   1 
ATOM   512  O O   . GLU A 1 68  ? 9.501   2.661   -18.199 1.00 12.20 ? 68  GLU A O   1 
ATOM   513  C CB  . GLU A 1 68  ? 10.197  5.192   -19.936 1.00 13.24 ? 68  GLU A CB  1 
ATOM   514  C CG  . GLU A 1 68  ? 10.958  5.967   -18.855 1.00 14.41 ? 68  GLU A CG  1 
ATOM   515  C CD  . GLU A 1 68  ? 10.609  7.436   -18.798 1.00 14.14 ? 68  GLU A CD  1 
ATOM   516  O OE1 . GLU A 1 68  ? 11.247  8.152   -17.995 1.00 15.19 ? 68  GLU A OE1 1 
ATOM   517  O OE2 . GLU A 1 68  ? 9.724   7.880   -19.558 1.00 13.31 ? 68  GLU A OE2 1 
ATOM   518  N N   . GLU A 1 69  ? 11.725  3.014   -18.015 1.00 13.52 ? 69  GLU A N   1 
ATOM   519  C CA  . GLU A 1 69  ? 11.823  2.625   -16.633 1.00 14.64 ? 69  GLU A CA  1 
ATOM   520  C C   . GLU A 1 69  ? 12.438  3.778   -15.856 1.00 14.53 ? 69  GLU A C   1 
ATOM   521  O O   . GLU A 1 69  ? 13.476  4.333   -16.252 1.00 14.43 ? 69  GLU A O   1 
ATOM   522  C CB  . GLU A 1 69  ? 12.704  1.395   -16.491 1.00 14.87 ? 69  GLU A CB  1 
ATOM   523  C CG  . GLU A 1 69  ? 12.748  0.840   -15.090 1.00 18.16 ? 69  GLU A CG  1 
ATOM   524  C CD  . GLU A 1 69  ? 13.840  -0.179  -14.943 1.00 21.12 ? 69  GLU A CD  1 
ATOM   525  O OE1 . GLU A 1 69  ? 14.983  0.220   -14.644 1.00 24.18 ? 69  GLU A OE1 1 
ATOM   526  O OE2 . GLU A 1 69  ? 13.549  -1.374  -15.130 1.00 22.82 ? 69  GLU A OE2 1 
ATOM   527  N N   . ARG A 1 70  ? 11.785  4.149   -14.764 1.00 14.18 ? 70  ARG A N   1 
ATOM   528  C CA  . ARG A 1 70  ? 12.342  5.162   -13.884 1.00 13.82 ? 70  ARG A CA  1 
ATOM   529  C C   . ARG A 1 70  ? 12.064  4.840   -12.428 1.00 13.58 ? 70  ARG A C   1 
ATOM   530  O O   . ARG A 1 70  ? 11.170  4.041   -12.108 1.00 12.98 ? 70  ARG A O   1 
ATOM   531  C CB  . ARG A 1 70  ? 11.828  6.558   -14.241 1.00 14.03 ? 70  ARG A CB  1 
ATOM   532  C CG  . ARG A 1 70  ? 10.358  6.783   -13.987 1.00 15.09 ? 70  ARG A CG  1 
ATOM   533  C CD  . ARG A 1 70  ? 10.010  8.275   -13.987 1.00 15.74 ? 70  ARG A CD  1 
ATOM   534  N NE  . ARG A 1 70  ? 9.981   8.840   -15.332 1.00 15.79 ? 70  ARG A NE  1 
ATOM   535  C CZ  . ARG A 1 70  ? 9.477   10.035  -15.648 1.00 16.83 ? 70  ARG A CZ  1 
ATOM   536  N NH1 . ARG A 1 70  ? 8.950   10.828  -14.711 1.00 14.72 ? 70  ARG A NH1 1 
ATOM   537  N NH2 . ARG A 1 70  ? 9.497   10.438  -16.912 1.00 16.13 ? 70  ARG A NH2 1 
ATOM   538  N N   . GLU A 1 71  ? 12.836  5.469   -11.553 1.00 12.85 ? 71  GLU A N   1 
ATOM   539  C CA  . GLU A 1 71  ? 12.587  5.370   -10.127 1.00 12.93 ? 71  GLU A CA  1 
ATOM   540  C C   . GLU A 1 71  ? 11.842  6.609   -9.657  1.00 12.64 ? 71  GLU A C   1 
ATOM   541  O O   . GLU A 1 71  ? 12.009  7.705   -10.204 1.00 12.69 ? 71  GLU A O   1 
ATOM   542  C CB  . GLU A 1 71  ? 13.902  5.165   -9.366  1.00 13.53 ? 71  GLU A CB  1 
ATOM   543  C CG  . GLU A 1 71  ? 14.593  3.843   -9.714  1.00 15.99 ? 71  GLU A CG  1 
ATOM   544  C CD  . GLU A 1 71  ? 15.973  3.702   -9.087  1.00 19.97 ? 71  GLU A CD  1 
ATOM   545  O OE1 . GLU A 1 71  ? 16.567  2.614   -9.190  1.00 22.50 ? 71  GLU A OE1 1 
ATOM   546  O OE2 . GLU A 1 71  ? 16.472  4.676   -8.494  1.00 23.25 ? 71  GLU A OE2 1 
ATOM   547  N N   . VAL A 1 72  ? 10.990  6.427   -8.653  1.00 12.22 ? 72  VAL A N   1 
ATOM   548  C CA  . VAL A 1 72  ? 10.203  7.524   -8.120  1.00 11.98 ? 72  VAL A CA  1 
ATOM   549  C C   . VAL A 1 72  ? 10.239  7.432   -6.596  1.00 11.93 ? 72  VAL A C   1 
ATOM   550  O O   . VAL A 1 72  ? 10.198  6.345   -6.034  1.00 11.81 ? 72  VAL A O   1 
ATOM   551  C CB  . VAL A 1 72  ? 8.741   7.490   -8.653  1.00 12.04 ? 72  VAL A CB  1 
ATOM   552  C CG1 . VAL A 1 72  ? 7.960   8.696   -8.183  1.00 13.59 ? 72  VAL A CG1 1 
ATOM   553  C CG2 . VAL A 1 72  ? 8.720   7.461   -10.181 1.00 12.16 ? 72  VAL A CG2 1 
ATOM   554  N N   . VAL A 1 73  ? 10.363  8.580   -5.950  1.00 11.69 ? 73  VAL A N   1 
ATOM   555  C CA  . VAL A 1 73  ? 10.251  8.678   -4.500  1.00 11.80 ? 73  VAL A CA  1 
ATOM   556  C C   . VAL A 1 73  ? 8.933   9.370   -4.207  1.00 11.83 ? 73  VAL A C   1 
ATOM   557  O O   . VAL A 1 73  ? 8.660   10.447  -4.748  1.00 12.00 ? 73  VAL A O   1 
ATOM   558  C CB  . VAL A 1 73  ? 11.429  9.471   -3.912  1.00 11.73 ? 73  VAL A CB  1 
ATOM   559  C CG1 . VAL A 1 73  ? 11.207  9.773   -2.408  1.00 12.59 ? 73  VAL A CG1 1 
ATOM   560  C CG2 . VAL A 1 73  ? 12.720  8.704   -4.134  1.00 11.95 ? 73  VAL A CG2 1 
ATOM   561  N N   . LEU A 1 74  ? 8.101   8.750   -3.371  1.00 11.36 ? 74  LEU A N   1 
ATOM   562  C CA  . LEU A 1 74  ? 6.786   9.306   -3.092  1.00 11.22 ? 74  LEU A CA  1 
ATOM   563  C C   . LEU A 1 74  ? 6.635   9.647   -1.616  1.00 11.26 ? 74  LEU A C   1 
ATOM   564  O O   . LEU A 1 74  ? 6.850   8.779   -0.761  1.00 10.91 ? 74  LEU A O   1 
ATOM   565  C CB  . LEU A 1 74  ? 5.681   8.319   -3.492  1.00 11.42 ? 74  LEU A CB  1 
ATOM   566  C CG  . LEU A 1 74  ? 5.674   7.725   -4.903  1.00 11.44 ? 74  LEU A CG  1 
ATOM   567  C CD1 . LEU A 1 74  ? 4.429   6.872   -5.079  1.00 12.32 ? 74  LEU A CD1 1 
ATOM   568  C CD2 . LEU A 1 74  ? 5.725   8.843   -5.915  1.00 11.84 ? 74  LEU A CD2 1 
ATOM   569  N N   . PRO A 1 75  ? 6.257   10.904  -1.312  1.00 11.31 ? 75  PRO A N   1 
ATOM   570  C CA  . PRO A 1 75  ? 5.903   11.240  0.064   1.00 11.12 ? 75  PRO A CA  1 
ATOM   571  C C   . PRO A 1 75  ? 4.568   10.571  0.446   1.00 10.88 ? 75  PRO A C   1 
ATOM   572  O O   . PRO A 1 75  ? 3.821   10.118  -0.443  1.00 9.99  ? 75  PRO A O   1 
ATOM   573  C CB  . PRO A 1 75  ? 5.783   12.773  0.028   1.00 11.40 ? 75  PRO A CB  1 
ATOM   574  C CG  . PRO A 1 75  ? 5.367   13.082  -1.373  1.00 12.01 ? 75  PRO A CG  1 
ATOM   575  C CD  . PRO A 1 75  ? 6.111   12.061  -2.220  1.00 11.56 ? 75  PRO A CD  1 
ATOM   576  N N   . PRO A 1 76  ? 4.271   10.487  1.759   1.00 10.80 ? 76  PRO A N   1 
ATOM   577  C CA  . PRO A 1 76  ? 3.080   9.770   2.219   1.00 10.68 ? 76  PRO A CA  1 
ATOM   578  C C   . PRO A 1 76  ? 1.812   10.178  1.475   1.00 10.77 ? 76  PRO A C   1 
ATOM   579  O O   . PRO A 1 76  ? 1.015   9.315   1.097   1.00 10.55 ? 76  PRO A O   1 
ATOM   580  C CB  . PRO A 1 76  ? 2.993   10.145  3.705   1.00 10.73 ? 76  PRO A CB  1 
ATOM   581  C CG  . PRO A 1 76  ? 4.364   10.480  4.095   1.00 11.26 ? 76  PRO A CG  1 
ATOM   582  C CD  . PRO A 1 76  ? 5.079   10.998  2.882   1.00 11.03 ? 76  PRO A CD  1 
ATOM   583  N N   . GLU A 1 77  ? 1.645   11.479  1.234   1.00 11.14 ? 77  GLU A N   1 
ATOM   584  C CA  . GLU A 1 77  ? 0.438   12.003  0.592   1.00 11.49 ? 77  GLU A CA  1 
ATOM   585  C C   . GLU A 1 77  ? 0.227   11.498  -0.841  1.00 11.58 ? 77  GLU A C   1 
ATOM   586  O O   . GLU A 1 77  ? -0.901  11.468  -1.334  1.00 11.44 ? 77  GLU A O   1 
ATOM   587  C CB  . GLU A 1 77  ? 0.409   13.537  0.647   1.00 12.12 ? 77  GLU A CB  1 
ATOM   588  C CG  . GLU A 1 77  ? 1.634   14.238  0.071   1.00 14.41 ? 77  GLU A CG  1 
ATOM   589  C CD  . GLU A 1 77  ? 2.745   14.517  1.086   1.00 18.80 ? 77  GLU A CD  1 
ATOM   590  O OE1 . GLU A 1 77  ? 3.499   15.503  0.854   1.00 20.00 ? 77  GLU A OE1 1 
ATOM   591  O OE2 . GLU A 1 77  ? 2.885   13.765  2.092   1.00 17.67 ? 77  GLU A OE2 1 
ATOM   592  N N   . LYS A 1 78  ? 1.316   11.093  -1.487  1.00 10.85 ? 78  LYS A N   1 
ATOM   593  C CA  . LYS A 1 78  ? 1.259   10.528  -2.833  1.00 11.22 ? 78  LYS A CA  1 
ATOM   594  C C   . LYS A 1 78  ? 1.429   9.005   -2.832  1.00 10.70 ? 78  LYS A C   1 
ATOM   595  O O   . LYS A 1 78  ? 1.440   8.379   -3.886  1.00 10.51 ? 78  LYS A O   1 
ATOM   596  C CB  . LYS A 1 78  ? 2.308   11.183  -3.725  1.00 11.38 ? 78  LYS A CB  1 
ATOM   597  C CG  . LYS A 1 78  ? 1.974   12.630  -4.054  1.00 13.32 ? 78  LYS A CG  1 
ATOM   598  C CD  . LYS A 1 78  ? 2.731   13.110  -5.260  1.00 17.05 ? 78  LYS A CD  1 
ATOM   599  C CE  . LYS A 1 78  ? 2.424   14.575  -5.544  1.00 18.73 ? 78  LYS A CE  1 
ATOM   600  N NZ  . LYS A 1 78  ? 0.965   14.808  -5.809  1.00 21.61 ? 78  LYS A NZ  1 
ATOM   601  N N   . ALA A 1 79  ? 1.552   8.422   -1.641  1.00 10.33 ? 79  ALA A N   1 
ATOM   602  C CA  . ALA A 1 79  ? 1.722   6.985   -1.504  1.00 10.30 ? 79  ALA A CA  1 
ATOM   603  C C   . ALA A 1 79  ? 0.506   6.382   -0.805  1.00 10.69 ? 79  ALA A C   1 
ATOM   604  O O   . ALA A 1 79  ? -0.600  6.416   -1.359  1.00 10.26 ? 79  ALA A O   1 
ATOM   605  C CB  . ALA A 1 79  ? 3.021   6.669   -0.767  1.00 10.33 ? 79  ALA A CB  1 
ATOM   606  N N   . PHE A 1 80  ? 0.696   5.868   0.408   1.00 10.98 ? 80  PHE A N   1 
ATOM   607  C CA  . PHE A 1 80  ? -0.398  5.236   1.161   1.00 11.84 ? 80  PHE A CA  1 
ATOM   608  C C   . PHE A 1 80  ? -1.168  6.209   2.051   1.00 12.14 ? 80  PHE A C   1 
ATOM   609  O O   . PHE A 1 80  ? -2.060  5.805   2.799   1.00 13.00 ? 80  PHE A O   1 
ATOM   610  C CB  . PHE A 1 80  ? 0.133   4.040   1.954   1.00 11.55 ? 80  PHE A CB  1 
ATOM   611  C CG  . PHE A 1 80  ? 0.641   2.939   1.080   1.00 11.96 ? 80  PHE A CG  1 
ATOM   612  C CD1 . PHE A 1 80  ? 1.979   2.895   0.701   1.00 10.99 ? 80  PHE A CD1 1 
ATOM   613  C CD2 . PHE A 1 80  ? -0.227  1.960   0.603   1.00 11.83 ? 80  PHE A CD2 1 
ATOM   614  C CE1 . PHE A 1 80  ? 2.451   1.878   -0.121  1.00 11.39 ? 80  PHE A CE1 1 
ATOM   615  C CE2 . PHE A 1 80  ? 0.234   0.938   -0.222  1.00 12.74 ? 80  PHE A CE2 1 
ATOM   616  C CZ  . PHE A 1 80  ? 1.580   0.898   -0.585  1.00 11.63 ? 80  PHE A CZ  1 
ATOM   617  N N   . GLY A 1 81  ? -0.811  7.488   1.959   1.00 12.33 ? 81  GLY A N   1 
ATOM   618  C CA  . GLY A 1 81  ? -1.505  8.557   2.665   1.00 12.11 ? 81  GLY A CA  1 
ATOM   619  C C   . GLY A 1 81  ? -0.748  8.986   3.901   1.00 12.25 ? 81  GLY A C   1 
ATOM   620  O O   . GLY A 1 81  ? 0.065   8.234   4.444   1.00 11.64 ? 81  GLY A O   1 
ATOM   621  N N   . LYS A 1 82  ? -1.007  10.209  4.347   1.00 12.36 ? 82  LYS A N   1 
ATOM   622  C CA  . LYS A 1 82  ? -0.507  10.651  5.633   1.00 12.84 ? 82  LYS A CA  1 
ATOM   623  C C   . LYS A 1 82  ? -1.203  9.814   6.704   1.00 12.63 ? 82  LYS A C   1 
ATOM   624  O O   . LYS A 1 82  ? -2.293  9.278   6.478   1.00 11.46 ? 82  LYS A O   1 
ATOM   625  C CB  . LYS A 1 82  ? -0.774  12.146  5.831   1.00 13.31 ? 82  LYS A CB  1 
ATOM   626  C CG  . LYS A 1 82  ? 0.041   13.041  4.898   1.00 15.70 ? 82  LYS A CG  1 
ATOM   627  C CD  . LYS A 1 82  ? -0.348  14.502  5.019   1.00 19.23 ? 82  LYS A CD  1 
ATOM   628  C CE  . LYS A 1 82  ? 0.567   15.380  4.173   1.00 21.66 ? 82  LYS A CE  1 
ATOM   629  N NZ  . LYS A 1 82  ? 0.294   16.830  4.400   1.00 23.73 ? 82  LYS A NZ  1 
ATOM   630  N N   . ARG A 1 83  ? -0.553  9.659   7.853   1.00 12.99 ? 83  ARG A N   1 
ATOM   631  C CA  . ARG A 1 83  ? -1.167  8.957   8.967   1.00 13.66 ? 83  ARG A CA  1 
ATOM   632  C C   . ARG A 1 83  ? -2.170  9.913   9.622   1.00 14.09 ? 83  ARG A C   1 
ATOM   633  O O   . ARG A 1 83  ? -1.788  10.845  10.332  1.00 14.61 ? 83  ARG A O   1 
ATOM   634  C CB  . ARG A 1 83  ? -0.103  8.480   9.954   1.00 13.80 ? 83  ARG A CB  1 
ATOM   635  C CG  . ARG A 1 83  ? -0.651  7.568   11.049  1.00 14.59 ? 83  ARG A CG  1 
ATOM   636  C CD  . ARG A 1 83  ? 0.455   6.747   11.687  1.00 15.63 ? 83  ARG A CD  1 
ATOM   637  N NE  . ARG A 1 83  ? 1.081   5.845   10.720  1.00 16.25 ? 83  ARG A NE  1 
ATOM   638  C CZ  . ARG A 1 83  ? 0.661   4.611   10.454  1.00 16.01 ? 83  ARG A CZ  1 
ATOM   639  N NH1 . ARG A 1 83  ? -0.397  4.108   11.077  1.00 16.30 ? 83  ARG A NH1 1 
ATOM   640  N NH2 . ARG A 1 83  ? 1.298   3.881   9.554   1.00 15.90 ? 83  ARG A NH2 1 
ATOM   641  N N   . ASP A 1 84  ? -3.449  9.679   9.346   1.00 13.94 ? 84  ASP A N   1 
ATOM   642  C CA  . ASP A 1 84  ? -4.537  10.573  9.736   1.00 14.22 ? 84  ASP A CA  1 
ATOM   643  C C   . ASP A 1 84  ? -4.950  10.319  11.196  1.00 13.61 ? 84  ASP A C   1 
ATOM   644  O O   . ASP A 1 84  ? -5.365  9.214   11.524  1.00 12.96 ? 84  ASP A O   1 
ATOM   645  C CB  . ASP A 1 84  ? -5.729  10.330  8.807   1.00 14.59 ? 84  ASP A CB  1 
ATOM   646  C CG  . ASP A 1 84  ? -6.844  11.353  8.974   1.00 16.91 ? 84  ASP A CG  1 
ATOM   647  O OD1 . ASP A 1 84  ? -6.946  12.032  10.022  1.00 18.77 ? 84  ASP A OD1 1 
ATOM   648  O OD2 . ASP A 1 84  ? -7.646  11.462  8.030   1.00 21.56 ? 84  ASP A OD2 1 
ATOM   649  N N   . PRO A 1 85  ? -4.831  11.346  12.065  1.00 13.63 ? 85  PRO A N   1 
ATOM   650  C CA  . PRO A 1 85  ? -5.256  11.254  13.471  1.00 13.49 ? 85  PRO A CA  1 
ATOM   651  C C   . PRO A 1 85  ? -6.729  10.875  13.626  1.00 13.32 ? 85  PRO A C   1 
ATOM   652  O O   . PRO A 1 85  ? -7.095  10.210  14.599  1.00 12.94 ? 85  PRO A O   1 
ATOM   653  C CB  . PRO A 1 85  ? -5.040  12.677  14.006  1.00 13.60 ? 85  PRO A CB  1 
ATOM   654  C CG  . PRO A 1 85  ? -4.083  13.303  13.093  1.00 14.28 ? 85  PRO A CG  1 
ATOM   655  C CD  . PRO A 1 85  ? -4.254  12.667  11.749  1.00 13.42 ? 85  PRO A CD  1 
ATOM   656  N N   . SER A 1 86  ? -7.570  11.291  12.680  1.00 13.63 ? 86  SER A N   1 
ATOM   657  C CA  . SER A 1 86  ? -9.001  10.984  12.753  1.00 13.44 ? 86  SER A CA  1 
ATOM   658  C C   . SER A 1 86  ? -9.284  9.484   12.584  1.00 13.02 ? 86  SER A C   1 
ATOM   659  O O   . SER A 1 86  ? -10.369 9.019   12.925  1.00 13.10 ? 86  SER A O   1 
ATOM   660  C CB  . SER A 1 86  ? -9.812  11.832  11.758  1.00 13.96 ? 86  SER A CB  1 
ATOM   661  O OG  . SER A 1 86  ? -9.675  11.364  10.430  1.00 16.02 ? 86  SER A OG  1 
ATOM   662  N N   . LYS A 1 87  ? -8.292  8.734   12.097  1.00 11.92 ? 87  LYS A N   1 
ATOM   663  C CA  . LYS A 1 87  ? -8.410  7.277   11.936  1.00 11.03 ? 87  LYS A CA  1 
ATOM   664  C C   . LYS A 1 87  ? -7.791  6.505   13.108  1.00 10.66 ? 87  LYS A C   1 
ATOM   665  O O   . LYS A 1 87  ? -7.743  5.272   13.115  1.00 10.81 ? 87  LYS A O   1 
ATOM   666  C CB  . LYS A 1 87  ? -7.791  6.843   10.602  1.00 10.98 ? 87  LYS A CB  1 
ATOM   667  C CG  . LYS A 1 87  ? -8.507  7.438   9.382   1.00 11.84 ? 87  LYS A CG  1 
ATOM   668  C CD  . LYS A 1 87  ? -7.903  6.952   8.072   1.00 13.88 ? 87  LYS A CD  1 
ATOM   669  C CE  . LYS A 1 87  ? -8.745  7.423   6.878   1.00 16.10 ? 87  LYS A CE  1 
ATOM   670  N NZ  . LYS A 1 87  ? -8.033  7.224   5.577   1.00 18.04 ? 87  LYS A NZ  1 
ATOM   671  N N   . ILE A 1 88  ? -7.317  7.250   14.100  1.00 10.20 ? 88  ILE A N   1 
ATOM   672  C CA  . ILE A 1 88  ? -6.796  6.668   15.320  1.00 9.50  ? 88  ILE A CA  1 
ATOM   673  C C   . ILE A 1 88  ? -7.854  6.919   16.384  1.00 9.59  ? 88  ILE A C   1 
ATOM   674  O O   . ILE A 1 88  ? -8.073  8.066   16.789  1.00 9.24  ? 88  ILE A O   1 
ATOM   675  C CB  . ILE A 1 88  ? -5.440  7.288   15.707  1.00 9.61  ? 88  ILE A CB  1 
ATOM   676  C CG1 . ILE A 1 88  ? -4.491  7.240   14.497  1.00 8.42  ? 88  ILE A CG1 1 
ATOM   677  C CG2 . ILE A 1 88  ? -4.863  6.561   16.947  1.00 9.77  ? 88  ILE A CG2 1 
ATOM   678  C CD1 . ILE A 1 88  ? -3.088  7.828   14.712  1.00 7.78  ? 88  ILE A CD1 1 
ATOM   679  N N   . LYS A 1 89  ? -8.528  5.848   16.807  1.00 9.01  ? 89  LYS A N   1 
ATOM   680  C CA  . LYS A 1 89  ? -9.752  5.984   17.602  1.00 9.80  ? 89  LYS A CA  1 
ATOM   681  C C   . LYS A 1 89  ? -9.727  5.217   18.919  1.00 9.51  ? 89  LYS A C   1 
ATOM   682  O O   . LYS A 1 89  ? -9.185  4.109   19.006  1.00 9.17  ? 89  LYS A O   1 
ATOM   683  C CB  . LYS A 1 89  ? -10.981 5.537   16.793  1.00 9.36  ? 89  LYS A CB  1 
ATOM   684  C CG  . LYS A 1 89  ? -11.222 6.325   15.515  1.00 11.30 ? 89  LYS A CG  1 
ATOM   685  C CD  . LYS A 1 89  ? -12.372 5.719   14.717  1.00 11.79 ? 89  LYS A CD  1 
ATOM   686  C CE  . LYS A 1 89  ? -12.783 6.625   13.586  1.00 13.95 ? 89  LYS A CE  1 
ATOM   687  N NZ  . LYS A 1 89  ? -13.939 6.057   12.865  1.00 13.44 ? 89  LYS A NZ  1 
ATOM   688  N N   . LEU A 1 90  ? -10.355 5.817   19.920  1.00 9.67  ? 90  LEU A N   1 
ATOM   689  C CA  . LEU A 1 90  ? -10.519 5.208   21.234  1.00 10.64 ? 90  LEU A CA  1 
ATOM   690  C C   . LEU A 1 90  ? -11.786 4.342   21.270  1.00 10.41 ? 90  LEU A C   1 
ATOM   691  O O   . LEU A 1 90  ? -12.869 4.799   20.897  1.00 10.34 ? 90  LEU A O   1 
ATOM   692  C CB  . LEU A 1 90  ? -10.621 6.304   22.297  1.00 10.70 ? 90  LEU A CB  1 
ATOM   693  C CG  . LEU A 1 90  ? -9.373  7.082   22.700  1.00 11.39 ? 90  LEU A CG  1 
ATOM   694  C CD1 . LEU A 1 90  ? -9.780  8.313   23.498  1.00 12.95 ? 90  LEU A CD1 1 
ATOM   695  C CD2 . LEU A 1 90  ? -8.402  6.208   23.506  1.00 12.92 ? 90  LEU A CD2 1 
ATOM   696  N N   . ILE A 1 91  ? -11.629 3.095   21.714  1.00 10.64 ? 91  ILE A N   1 
ATOM   697  C CA  . ILE A 1 91  ? -12.723 2.118   21.795  1.00 10.80 ? 91  ILE A CA  1 
ATOM   698  C C   . ILE A 1 91  ? -12.672 1.435   23.165  1.00 11.31 ? 91  ILE A C   1 
ATOM   699  O O   . ILE A 1 91  ? -11.584 1.030   23.601  1.00 10.91 ? 91  ILE A O   1 
ATOM   700  C CB  . ILE A 1 91  ? -12.603 1.036   20.687  1.00 10.79 ? 91  ILE A CB  1 
ATOM   701  C CG1 . ILE A 1 91  ? -12.575 1.691   19.294  1.00 10.47 ? 91  ILE A CG1 1 
ATOM   702  C CG2 . ILE A 1 91  ? -13.758 0.007   20.782  1.00 11.03 ? 91  ILE A CG2 1 
ATOM   703  C CD1 . ILE A 1 91  ? -12.296 0.738   18.149  1.00 14.06 ? 91  ILE A CD1 1 
ATOM   704  N N   . PRO A 1 92  ? -13.840 1.296   23.842  1.00 11.39 ? 92  PRO A N   1 
ATOM   705  C CA  . PRO A 1 92  ? -13.853 0.648   25.154  1.00 11.90 ? 92  PRO A CA  1 
ATOM   706  C C   . PRO A 1 92  ? -13.381 -0.799  25.108  1.00 12.61 ? 92  PRO A C   1 
ATOM   707  O O   . PRO A 1 92  ? -13.828 -1.586  24.266  1.00 12.10 ? 92  PRO A O   1 
ATOM   708  C CB  . PRO A 1 92  ? -15.335 0.710   25.565  1.00 11.88 ? 92  PRO A CB  1 
ATOM   709  C CG  . PRO A 1 92  ? -15.861 1.901   24.833  1.00 11.78 ? 92  PRO A CG  1 
ATOM   710  C CD  . PRO A 1 92  ? -15.179 1.815   23.490  1.00 11.16 ? 92  PRO A CD  1 
ATOM   711  N N   . LEU A 1 93  ? -12.466 -1.131  26.010  1.00 13.87 ? 93  LEU A N   1 
ATOM   712  C CA  . LEU A 1 93  ? -12.045 -2.512  26.208  1.00 15.26 ? 93  LEU A CA  1 
ATOM   713  C C   . LEU A 1 93  ? -13.270 -3.419  26.302  1.00 15.76 ? 93  LEU A C   1 
ATOM   714  O O   . LEU A 1 93  ? -13.293 -4.509  25.732  1.00 15.46 ? 93  LEU A O   1 
ATOM   715  C CB  . LEU A 1 93  ? -11.195 -2.617  27.484  1.00 15.62 ? 93  LEU A CB  1 
ATOM   716  C CG  . LEU A 1 93  ? -10.886 -4.010  28.044  1.00 16.98 ? 93  LEU A CG  1 
ATOM   717  C CD1 . LEU A 1 93  ? -10.320 -4.898  26.980  1.00 19.37 ? 93  LEU A CD1 1 
ATOM   718  C CD2 . LEU A 1 93  ? -9.900  -3.889  29.187  1.00 19.00 ? 93  LEU A CD2 1 
ATOM   719  N N   . SER A 1 94  ? -14.278 -2.926  27.020  1.00 16.79 ? 94  SER A N   1 
ATOM   720  C CA  . SER A 1 94  ? -15.558 -3.591  27.247  1.00 18.33 ? 94  SER A CA  1 
ATOM   721  C C   . SER A 1 94  ? -16.137 -4.191  25.965  1.00 18.55 ? 94  SER A C   1 
ATOM   722  O O   . SER A 1 94  ? -16.638 -5.323  25.969  1.00 18.55 ? 94  SER A O   1 
ATOM   723  C CB  . SER A 1 94  ? -16.533 -2.577  27.868  1.00 18.36 ? 94  SER A CB  1 
ATOM   724  O OG  . SER A 1 94  ? -17.882 -2.995  27.783  1.00 21.22 ? 94  SER A OG  1 
ATOM   725  N N   . GLU A 1 95  ? -16.036 -3.442  24.865  1.00 18.83 ? 95  GLU A N   1 
ATOM   726  C CA  . GLU A 1 95  ? -16.642 -3.850  23.602  1.00 19.46 ? 95  GLU A CA  1 
ATOM   727  C C   . GLU A 1 95  ? -15.873 -4.975  22.916  1.00 19.88 ? 95  GLU A C   1 
ATOM   728  O O   . GLU A 1 95  ? -16.467 -5.778  22.196  1.00 20.00 ? 95  GLU A O   1 
ATOM   729  C CB  . GLU A 1 95  ? -16.854 -2.640  22.672  1.00 19.54 ? 95  GLU A CB  1 
ATOM   730  C CG  . GLU A 1 95  ? -17.875 -2.832  21.539  1.00 19.38 ? 95  GLU A CG  1 
ATOM   731  C CD  . GLU A 1 95  ? -19.260 -3.313  21.993  1.00 20.10 ? 95  GLU A CD  1 
ATOM   732  O OE1 . GLU A 1 95  ? -19.979 -3.904  21.158  1.00 21.88 ? 95  GLU A OE1 1 
ATOM   733  O OE2 . GLU A 1 95  ? -19.647 -3.109  23.161  1.00 19.39 ? 95  GLU A OE2 1 
ATOM   734  N N   . PHE A 1 96  ? -14.561 -5.048  23.150  1.00 20.55 ? 96  PHE A N   1 
ATOM   735  C CA  . PHE A 1 96  ? -13.764 -6.177  22.654  1.00 21.47 ? 96  PHE A CA  1 
ATOM   736  C C   . PHE A 1 96  ? -14.075 -7.480  23.408  1.00 22.22 ? 96  PHE A C   1 
ATOM   737  O O   . PHE A 1 96  ? -14.237 -8.531  22.798  1.00 22.48 ? 96  PHE A O   1 
ATOM   738  C CB  . PHE A 1 96  ? -12.261 -5.867  22.719  1.00 21.25 ? 96  PHE A CB  1 
ATOM   739  C CG  . PHE A 1 96  ? -11.795 -4.903  21.664  1.00 20.48 ? 96  PHE A CG  1 
ATOM   740  C CD1 . PHE A 1 96  ? -11.694 -3.542  21.943  1.00 20.10 ? 96  PHE A CD1 1 
ATOM   741  C CD2 . PHE A 1 96  ? -11.459 -5.353  20.387  1.00 20.00 ? 96  PHE A CD2 1 
ATOM   742  C CE1 . PHE A 1 96  ? -11.262 -2.640  20.972  1.00 18.69 ? 96  PHE A CE1 1 
ATOM   743  C CE2 . PHE A 1 96  ? -11.029 -4.456  19.404  1.00 19.43 ? 96  PHE A CE2 1 
ATOM   744  C CZ  . PHE A 1 96  ? -10.936 -3.094  19.703  1.00 19.10 ? 96  PHE A CZ  1 
ATOM   745  N N   . THR A 1 97  ? -14.157 -7.385  24.732  1.00 23.63 ? 97  THR A N   1 
ATOM   746  C CA  . THR A 1 97  ? -14.395 -8.542  25.606  1.00 24.85 ? 97  THR A CA  1 
ATOM   747  C C   . THR A 1 97  ? -15.827 -9.078  25.462  1.00 25.47 ? 97  THR A C   1 
ATOM   748  O O   . THR A 1 97  ? -16.052 -10.290 25.537  1.00 25.98 ? 97  THR A O   1 
ATOM   749  C CB  . THR A 1 97  ? -14.106 -8.201  27.081  1.00 24.71 ? 97  THR A CB  1 
ATOM   750  O OG1 . THR A 1 97  ? -15.110 -7.309  27.576  1.00 27.38 ? 97  THR A OG1 1 
ATOM   751  C CG2 . THR A 1 97  ? -12.757 -7.543  27.227  1.00 24.90 ? 97  THR A CG2 1 
ATOM   752  N N   . LYS A 1 98  ? -16.780 -8.170  25.247  1.00 25.93 ? 98  LYS A N   1 
ATOM   753  C CA  . LYS A 1 98  ? -18.153 -8.532  24.887  1.00 26.42 ? 98  LYS A CA  1 
ATOM   754  C C   . LYS A 1 98  ? -18.159 -9.416  23.642  1.00 26.76 ? 98  LYS A C   1 
ATOM   755  O O   . LYS A 1 98  ? -18.944 -10.362 23.553  1.00 26.83 ? 98  LYS A O   1 
ATOM   756  C CB  . LYS A 1 98  ? -18.998 -7.275  24.650  1.00 26.25 ? 98  LYS A CB  1 
ATOM   757  C CG  . LYS A 1 98  ? -20.396 -7.532  24.087  1.00 26.58 ? 98  LYS A CG  1 
ATOM   758  C CD  . LYS A 1 98  ? -21.018 -6.253  23.561  1.00 25.70 ? 98  LYS A CD  1 
ATOM   759  C CE  . LYS A 1 98  ? -21.998 -6.547  22.437  1.00 25.59 ? 98  LYS A CE  1 
ATOM   760  N NZ  . LYS A 1 98  ? -22.498 -5.298  21.819  1.00 24.79 ? 98  LYS A NZ  1 
ATOM   761  N N   . ARG A 1 99  ? -17.261 -9.117  22.704  1.00 27.15 ? 99  ARG A N   1 
ATOM   762  C CA  . ARG A 1 99  ? -17.192 -9.836  21.429  1.00 27.47 ? 99  ARG A CA  1 
ATOM   763  C C   . ARG A 1 99  ? -16.154 -10.957 21.419  1.00 27.19 ? 99  ARG A C   1 
ATOM   764  O O   . ARG A 1 99  ? -15.812 -11.495 20.358  1.00 27.21 ? 99  ARG A O   1 
ATOM   765  C CB  . ARG A 1 99  ? -16.969 -8.861  20.266  1.00 27.92 ? 99  ARG A CB  1 
ATOM   766  C CG  . ARG A 1 99  ? -18.054 -7.792  20.142  1.00 28.83 ? 99  ARG A CG  1 
ATOM   767  C CD  . ARG A 1 99  ? -17.874 -6.915  18.910  1.00 31.31 ? 99  ARG A CD  1 
ATOM   768  N NE  . ARG A 1 99  ? -16.558 -6.283  18.857  1.00 32.77 ? 99  ARG A NE  1 
ATOM   769  C CZ  . ARG A 1 99  ? -15.641 -6.516  17.919  1.00 33.51 ? 99  ARG A CZ  1 
ATOM   770  N NH1 . ARG A 1 99  ? -15.890 -7.355  16.922  1.00 33.68 ? 99  ARG A NH1 1 
ATOM   771  N NH2 . ARG A 1 99  ? -14.472 -5.895  17.972  1.00 34.48 ? 99  ARG A NH2 1 
ATOM   772  N N   . GLY A 1 100 ? -15.670 -11.311 22.607  1.00 27.11 ? 100 GLY A N   1 
ATOM   773  C CA  . GLY A 1 100 ? -14.777 -12.459 22.788  1.00 26.60 ? 100 GLY A CA  1 
ATOM   774  C C   . GLY A 1 100 ? -13.386 -12.268 22.223  1.00 26.33 ? 100 GLY A C   1 
ATOM   775  O O   . GLY A 1 100 ? -12.674 -13.244 21.961  1.00 26.29 ? 100 GLY A O   1 
ATOM   776  N N   . ILE A 1 101 ? -13.003 -11.006 22.037  1.00 25.47 ? 101 ILE A N   1 
ATOM   777  C CA  . ILE A 1 101 ? -11.696 -10.656 21.496  1.00 24.86 ? 101 ILE A CA  1 
ATOM   778  C C   . ILE A 1 101 ? -10.846 -10.098 22.630  1.00 24.06 ? 101 ILE A C   1 
ATOM   779  O O   . ILE A 1 101 ? -11.293 -9.227  23.378  1.00 23.81 ? 101 ILE A O   1 
ATOM   780  C CB  . ILE A 1 101 ? -11.814 -9.616  20.339  1.00 24.97 ? 101 ILE A CB  1 
ATOM   781  C CG1 . ILE A 1 101 ? -12.743 -10.153 19.242  1.00 25.33 ? 101 ILE A CG1 1 
ATOM   782  C CG2 . ILE A 1 101 ? -10.435 -9.275  19.757  1.00 25.37 ? 101 ILE A CG2 1 
ATOM   783  C CD1 . ILE A 1 101 ? -13.174 -9.125  18.221  1.00 25.86 ? 101 ILE A CD1 1 
ATOM   784  N N   . LYS A 1 102 ? -9.636  -10.627 22.769  1.00 23.28 ? 102 LYS A N   1 
ATOM   785  C CA  . LYS A 1 102 ? -8.688  -10.130 23.757  1.00 22.79 ? 102 LYS A CA  1 
ATOM   786  C C   . LYS A 1 102 ? -7.763  -9.112  23.090  1.00 21.66 ? 102 LYS A C   1 
ATOM   787  O O   . LYS A 1 102 ? -6.906  -9.487  22.284  1.00 21.72 ? 102 LYS A O   1 
ATOM   788  C CB  . LYS A 1 102 ? -7.872  -11.272 24.369  1.00 22.80 ? 102 LYS A CB  1 
ATOM   789  C CG  . LYS A 1 102 ? -6.649  -10.797 25.162  1.00 24.67 ? 102 LYS A CG  1 
ATOM   790  C CD  . LYS A 1 102 ? -7.000  -10.263 26.543  1.00 26.95 ? 102 LYS A CD  1 
ATOM   791  C CE  . LYS A 1 102 ? -7.004  -11.373 27.584  1.00 29.50 ? 102 LYS A CE  1 
ATOM   792  N NZ  . LYS A 1 102 ? -5.652  -11.984 27.737  1.00 30.51 ? 102 LYS A NZ  1 
ATOM   793  N N   . PRO A 1 103 ? -7.956  -7.819  23.399  1.00 20.80 ? 103 PRO A N   1 
ATOM   794  C CA  . PRO A 1 103 ? -7.095  -6.815  22.787  1.00 20.04 ? 103 PRO A CA  1 
ATOM   795  C C   . PRO A 1 103 ? -5.684  -6.940  23.336  1.00 19.20 ? 103 PRO A C   1 
ATOM   796  O O   . PRO A 1 103 ? -5.500  -7.144  24.538  1.00 19.44 ? 103 PRO A O   1 
ATOM   797  C CB  . PRO A 1 103 ? -7.735  -5.485  23.214  1.00 20.05 ? 103 PRO A CB  1 
ATOM   798  C CG  . PRO A 1 103 ? -8.504  -5.805  24.425  1.00 20.83 ? 103 PRO A CG  1 
ATOM   799  C CD  . PRO A 1 103 ? -8.990  -7.212  24.256  1.00 20.73 ? 103 PRO A CD  1 
ATOM   800  N N   . ILE A 1 104 ? -4.705  -6.845  22.443  1.00 18.12 ? 104 ILE A N   1 
ATOM   801  C CA  . ILE A 1 104 ? -3.294  -6.917  22.801  1.00 16.66 ? 104 ILE A CA  1 
ATOM   802  C C   . ILE A 1 104 ? -2.596  -5.810  22.022  1.00 16.33 ? 104 ILE A C   1 
ATOM   803  O O   . ILE A 1 104 ? -2.877  -5.618  20.846  1.00 15.54 ? 104 ILE A O   1 
ATOM   804  C CB  . ILE A 1 104 ? -2.675  -8.288  22.403  1.00 16.30 ? 104 ILE A CB  1 
ATOM   805  C CG1 . ILE A 1 104 ? -3.490  -9.452  22.985  1.00 15.81 ? 104 ILE A CG1 1 
ATOM   806  C CG2 . ILE A 1 104 ? -1.207  -8.376  22.843  1.00 15.99 ? 104 ILE A CG2 1 
ATOM   807  C CD1 . ILE A 1 104 ? -3.368  -10.748 22.207  1.00 15.70 ? 104 ILE A CD1 1 
ATOM   808  N N   . LYS A 1 105 ? -1.713  -5.069  22.680  1.00 16.03 ? 105 LYS A N   1 
ATOM   809  C CA  . LYS A 1 105 ? -0.880  -4.097  21.977  1.00 16.59 ? 105 LYS A CA  1 
ATOM   810  C C   . LYS A 1 105 ? -0.164  -4.757  20.794  1.00 16.21 ? 105 LYS A C   1 
ATOM   811  O O   . LYS A 1 105 ? 0.423   -5.827  20.941  1.00 15.93 ? 105 LYS A O   1 
ATOM   812  C CB  . LYS A 1 105 ? 0.132   -3.476  22.935  1.00 16.93 ? 105 LYS A CB  1 
ATOM   813  C CG  . LYS A 1 105 ? 1.092   -2.513  22.268  1.00 18.07 ? 105 LYS A CG  1 
ATOM   814  C CD  . LYS A 1 105 ? 1.852   -1.675  23.292  1.00 23.22 ? 105 LYS A CD  1 
ATOM   815  C CE  . LYS A 1 105 ? 2.839   -2.506  24.085  1.00 25.17 ? 105 LYS A CE  1 
ATOM   816  N NZ  . LYS A 1 105 ? 3.613   -1.661  25.052  1.00 27.65 ? 105 LYS A NZ  1 
ATOM   817  N N   . GLY A 1 106 ? -0.234  -4.127  19.624  1.00 16.58 ? 106 GLY A N   1 
ATOM   818  C CA  . GLY A 1 106 ? 0.414   -4.658  18.418  1.00 16.99 ? 106 GLY A CA  1 
ATOM   819  C C   . GLY A 1 106 ? -0.492  -5.530  17.565  1.00 17.54 ? 106 GLY A C   1 
ATOM   820  O O   . GLY A 1 106 ? -0.190  -5.786  16.400  1.00 17.90 ? 106 GLY A O   1 
ATOM   821  N N   . LEU A 1 107 ? -1.602  -5.983  18.142  1.00 17.66 ? 107 LEU A N   1 
ATOM   822  C CA  . LEU A 1 107 ? -2.556  -6.848  17.441  1.00 18.27 ? 107 LEU A CA  1 
ATOM   823  C C   . LEU A 1 107 ? -3.342  -6.107  16.358  1.00 18.72 ? 107 LEU A C   1 
ATOM   824  O O   . LEU A 1 107 ? -3.854  -5.000  16.589  1.00 17.80 ? 107 LEU A O   1 
ATOM   825  C CB  . LEU A 1 107 ? -3.528  -7.481  18.444  1.00 18.34 ? 107 LEU A CB  1 
ATOM   826  C CG  . LEU A 1 107 ? -4.653  -8.408  17.976  1.00 18.80 ? 107 LEU A CG  1 
ATOM   827  C CD1 . LEU A 1 107 ? -4.110  -9.752  17.520  1.00 20.13 ? 107 LEU A CD1 1 
ATOM   828  C CD2 . LEU A 1 107 ? -5.666  -8.589  19.093  1.00 20.37 ? 107 LEU A CD2 1 
ATOM   829  N N   . THR A 1 108 ? -3.429  -6.731  15.182  1.00 19.41 ? 108 THR A N   1 
ATOM   830  C CA  . THR A 1 108 ? -4.307  -6.247  14.112  1.00 20.83 ? 108 THR A CA  1 
ATOM   831  C C   . THR A 1 108 ? -5.709  -6.817  14.295  1.00 21.41 ? 108 THR A C   1 
ATOM   832  O O   . THR A 1 108 ? -5.906  -8.037  14.287  1.00 21.45 ? 108 THR A O   1 
ATOM   833  C CB  . THR A 1 108 ? -3.755  -6.570  12.696  1.00 20.62 ? 108 THR A CB  1 
ATOM   834  O OG1 . THR A 1 108 ? -2.499  -5.910  12.518  1.00 21.41 ? 108 THR A OG1 1 
ATOM   835  C CG2 . THR A 1 108 ? -4.720  -6.091  11.595  1.00 21.58 ? 108 THR A CG2 1 
ATOM   836  N N   . ILE A 1 109 ? -6.669  -5.919  14.491  1.00 22.09 ? 109 ILE A N   1 
ATOM   837  C CA  . ILE A 1 109 ? -8.077  -6.288  14.593  1.00 23.27 ? 109 ILE A CA  1 
ATOM   838  C C   . ILE A 1 109 ? -8.876  -5.734  13.414  1.00 24.21 ? 109 ILE A C   1 
ATOM   839  O O   . ILE A 1 109 ? -8.405  -4.857  12.686  1.00 23.88 ? 109 ILE A O   1 
ATOM   840  C CB  . ILE A 1 109 ? -8.712  -5.869  15.957  1.00 22.92 ? 109 ILE A CB  1 
ATOM   841  C CG1 . ILE A 1 109 ? -8.589  -4.359  16.213  1.00 23.28 ? 109 ILE A CG1 1 
ATOM   842  C CG2 . ILE A 1 109 ? -8.090  -6.651  17.100  1.00 23.52 ? 109 ILE A CG2 1 
ATOM   843  C CD1 . ILE A 1 109 ? -9.862  -3.565  15.954  1.00 23.75 ? 109 ILE A CD1 1 
ATOM   844  N N   . THR A 1 110 ? -10.085 -6.260  13.237  1.00 25.77 ? 110 THR A N   1 
ATOM   845  C CA  . THR A 1 110 ? -10.956 -5.854  12.143  1.00 27.64 ? 110 THR A CA  1 
ATOM   846  C C   . THR A 1 110 ? -12.331 -5.479  12.690  1.00 28.42 ? 110 THR A C   1 
ATOM   847  O O   . THR A 1 110 ? -13.040 -6.329  13.222  1.00 28.99 ? 110 THR A O   1 
ATOM   848  C CB  . THR A 1 110 ? -11.077 -6.979  11.095  1.00 27.58 ? 110 THR A CB  1 
ATOM   849  O OG1 . THR A 1 110 ? -9.781  -7.279  10.562  1.00 28.96 ? 110 THR A OG1 1 
ATOM   850  C CG2 . THR A 1 110 ? -11.984 -6.570  9.958   1.00 28.46 ? 110 THR A CG2 1 
ATOM   851  N N   . ILE A 1 111 ? -12.686 -4.199  12.568  1.00 29.65 ? 111 ILE A N   1 
ATOM   852  C CA  . ILE A 1 111 ? -14.011 -3.690  12.956  1.00 30.29 ? 111 ILE A CA  1 
ATOM   853  C C   . ILE A 1 111 ? -14.808 -3.379  11.695  1.00 30.66 ? 111 ILE A C   1 
ATOM   854  O O   . ILE A 1 111 ? -14.358 -2.596  10.849  1.00 31.02 ? 111 ILE A O   1 
ATOM   855  C CB  . ILE A 1 111 ? -13.928 -2.377  13.805  1.00 30.47 ? 111 ILE A CB  1 
ATOM   856  C CG1 . ILE A 1 111 ? -13.057 -2.550  15.057  1.00 30.58 ? 111 ILE A CG1 1 
ATOM   857  C CG2 . ILE A 1 111 ? -15.333 -1.847  14.156  1.00 30.72 ? 111 ILE A CG2 1 
ATOM   858  C CD1 . ILE A 1 111 ? -13.712 -3.287  16.214  1.00 30.33 ? 111 ILE A CD1 1 
ATOM   859  N N   . ASP A 1 112 ? -15.992 -3.982  11.576  1.00 30.92 ? 112 ASP A N   1 
ATOM   860  C CA  . ASP A 1 112 ? -16.865 -3.786  10.415  1.00 30.92 ? 112 ASP A CA  1 
ATOM   861  C C   . ASP A 1 112 ? -16.114 -3.948  9.089   1.00 30.15 ? 112 ASP A C   1 
ATOM   862  O O   . ASP A 1 112 ? -16.375 -3.224  8.126   1.00 30.72 ? 112 ASP A O   1 
ATOM   863  C CB  . ASP A 1 112 ? -17.565 -2.417  10.480  1.00 31.45 ? 112 ASP A CB  1 
ATOM   864  C CG  . ASP A 1 112 ? -18.591 -2.325  11.607  1.00 33.35 ? 112 ASP A CG  1 
ATOM   865  O OD1 . ASP A 1 112 ? -19.330 -3.309  11.843  1.00 35.61 ? 112 ASP A OD1 1 
ATOM   866  O OD2 . ASP A 1 112 ? -18.665 -1.255  12.254  1.00 35.33 ? 112 ASP A OD2 1 
ATOM   867  N N   . GLY A 1 113 ? -15.177 -4.893  9.053   1.00 29.03 ? 113 GLY A N   1 
ATOM   868  C CA  . GLY A 1 113 ? -14.384 -5.163  7.856   1.00 27.63 ? 113 GLY A CA  1 
ATOM   869  C C   . GLY A 1 113 ? -13.158 -4.284  7.683   1.00 26.44 ? 113 GLY A C   1 
ATOM   870  O O   . GLY A 1 113 ? -12.404 -4.452  6.722   1.00 26.58 ? 113 GLY A O   1 
ATOM   871  N N   . ILE A 1 114 ? -12.949 -3.350  8.610   1.00 25.07 ? 114 ILE A N   1 
ATOM   872  C CA  . ILE A 1 114 ? -11.845 -2.396  8.510   1.00 23.56 ? 114 ILE A CA  1 
ATOM   873  C C   . ILE A 1 114 ? -10.689 -2.790  9.432   1.00 21.96 ? 114 ILE A C   1 
ATOM   874  O O   . ILE A 1 114 ? -10.863 -2.839  10.651  1.00 21.71 ? 114 ILE A O   1 
ATOM   875  C CB  . ILE A 1 114 ? -12.301 -0.959  8.850   1.00 23.92 ? 114 ILE A CB  1 
ATOM   876  C CG1 . ILE A 1 114 ? -13.600 -0.617  8.100   1.00 24.43 ? 114 ILE A CG1 1 
ATOM   877  C CG2 . ILE A 1 114 ? -11.173 0.037   8.543   1.00 24.11 ? 114 ILE A CG2 1 
ATOM   878  C CD1 . ILE A 1 114 ? -14.519 0.357   8.838   1.00 26.07 ? 114 ILE A CD1 1 
ATOM   879  N N   . PRO A 1 115 ? -9.503  -3.059  8.855   1.00 20.51 ? 115 PRO A N   1 
ATOM   880  C CA  . PRO A 1 115 ? -8.373  -3.468  9.697   1.00 19.15 ? 115 PRO A CA  1 
ATOM   881  C C   . PRO A 1 115 ? -7.816  -2.310  10.535  1.00 17.75 ? 115 PRO A C   1 
ATOM   882  O O   . PRO A 1 115 ? -7.727  -1.171  10.060  1.00 16.97 ? 115 PRO A O   1 
ATOM   883  C CB  . PRO A 1 115 ? -7.335  -3.967  8.685   1.00 19.10 ? 115 PRO A CB  1 
ATOM   884  C CG  . PRO A 1 115 ? -7.659  -3.228  7.417   1.00 20.14 ? 115 PRO A CG  1 
ATOM   885  C CD  . PRO A 1 115 ? -9.152  -3.039  7.420   1.00 20.70 ? 115 PRO A CD  1 
ATOM   886  N N   . GLY A 1 116 ? -7.465  -2.609  11.783  1.00 16.43 ? 116 GLY A N   1 
ATOM   887  C CA  . GLY A 1 116 ? -6.861  -1.624  12.671  1.00 15.04 ? 116 GLY A CA  1 
ATOM   888  C C   . GLY A 1 116 ? -5.841  -2.242  13.599  1.00 13.96 ? 116 GLY A C   1 
ATOM   889  O O   . GLY A 1 116 ? -5.975  -3.392  14.001  1.00 13.51 ? 116 GLY A O   1 
ATOM   890  N N   . LYS A 1 117 ? -4.820  -1.468  13.944  1.00 13.38 ? 117 LYS A N   1 
ATOM   891  C CA  . LYS A 1 117 ? -3.751  -1.954  14.800  1.00 12.90 ? 117 LYS A CA  1 
ATOM   892  C C   . LYS A 1 117 ? -3.858  -1.307  16.176  1.00 12.14 ? 117 LYS A C   1 
ATOM   893  O O   . LYS A 1 117 ? -3.931  -0.080  16.289  1.00 11.28 ? 117 LYS A O   1 
ATOM   894  C CB  . LYS A 1 117 ? -2.392  -1.640  14.174  1.00 13.61 ? 117 LYS A CB  1 
ATOM   895  C CG  . LYS A 1 117 ? -1.210  -2.160  14.958  1.00 14.15 ? 117 LYS A CG  1 
ATOM   896  C CD  . LYS A 1 117 ? 0.076   -1.758  14.263  1.00 18.33 ? 117 LYS A CD  1 
ATOM   897  C CE  . LYS A 1 117 ? 1.262   -2.566  14.758  1.00 18.72 ? 117 LYS A CE  1 
ATOM   898  N NZ  . LYS A 1 117 ? 2.503   -2.179  14.006  1.00 20.14 ? 117 LYS A NZ  1 
ATOM   899  N N   . ILE A 1 118 ? -3.863  -2.134  17.216  1.00 11.78 ? 118 ILE A N   1 
ATOM   900  C CA  . ILE A 1 118 ? -3.976  -1.628  18.586  1.00 11.79 ? 118 ILE A CA  1 
ATOM   901  C C   . ILE A 1 118 ? -2.685  -0.929  19.010  1.00 12.07 ? 118 ILE A C   1 
ATOM   902  O O   . ILE A 1 118 ? -1.630  -1.562  19.102  1.00 11.68 ? 118 ILE A O   1 
ATOM   903  C CB  . ILE A 1 118 ? -4.371  -2.743  19.589  1.00 11.64 ? 118 ILE A CB  1 
ATOM   904  C CG1 . ILE A 1 118 ? -5.779  -3.257  19.267  1.00 12.39 ? 118 ILE A CG1 1 
ATOM   905  C CG2 . ILE A 1 118 ? -4.296  -2.217  21.036  1.00 11.16 ? 118 ILE A CG2 1 
ATOM   906  C CD1 . ILE A 1 118 ? -6.175  -4.480  20.045  1.00 12.95 ? 118 ILE A CD1 1 
ATOM   907  N N   . VAL A 1 119 ? -2.791  0.378   19.262  1.00 12.81 ? 119 VAL A N   1 
ATOM   908  C CA  . VAL A 1 119 ? -1.667  1.225   19.686  1.00 13.41 ? 119 VAL A CA  1 
ATOM   909  C C   . VAL A 1 119 ? -1.360  1.063   21.177  1.00 13.99 ? 119 VAL A C   1 
ATOM   910  O O   . VAL A 1 119 ? -0.200  0.915   21.584  1.00 14.28 ? 119 VAL A O   1 
ATOM   911  C CB  . VAL A 1 119 ? -1.971  2.723   19.401  1.00 13.75 ? 119 VAL A CB  1 
ATOM   912  C CG1 . VAL A 1 119 ? -0.880  3.631   19.993  1.00 14.24 ? 119 VAL A CG1 1 
ATOM   913  C CG2 . VAL A 1 119 ? -2.102  2.961   17.904  1.00 14.88 ? 119 VAL A CG2 1 
ATOM   914  N N   . SER A 1 120 ? -2.404  1.104   21.995  1.00 14.05 ? 120 SER A N   1 
ATOM   915  C CA  . SER A 1 120 ? -2.246  0.970   23.434  1.00 14.28 ? 120 SER A CA  1 
ATOM   916  C C   . SER A 1 120 ? -3.538  0.522   24.084  1.00 14.59 ? 120 SER A C   1 
ATOM   917  O O   . SER A 1 120 ? -4.619  0.612   23.485  1.00 13.60 ? 120 SER A O   1 
ATOM   918  C CB  . SER A 1 120 ? -1.804  2.304   24.044  1.00 14.20 ? 120 SER A CB  1 
ATOM   919  O OG  . SER A 1 120 ? -2.747  3.323   23.758  1.00 14.46 ? 120 SER A OG  1 
ATOM   920  N N   . ILE A 1 121 ? -3.409  0.035   25.316  1.00 14.92 ? 121 ILE A N   1 
ATOM   921  C CA  . ILE A 1 121 ? -4.546  -0.305  26.156  1.00 15.86 ? 121 ILE A CA  1 
ATOM   922  C C   . ILE A 1 121 ? -4.225  0.276   27.522  1.00 16.41 ? 121 ILE A C   1 
ATOM   923  O O   . ILE A 1 121 ? -3.246  -0.128  28.154  1.00 16.25 ? 121 ILE A O   1 
ATOM   924  C CB  . ILE A 1 121 ? -4.754  -1.840  26.271  1.00 15.65 ? 121 ILE A CB  1 
ATOM   925  C CG1 . ILE A 1 121 ? -4.919  -2.465  24.883  1.00 16.08 ? 121 ILE A CG1 1 
ATOM   926  C CG2 . ILE A 1 121 ? -5.972  -2.160  27.148  1.00 16.60 ? 121 ILE A CG2 1 
ATOM   927  C CD1 . ILE A 1 121 ? -4.548  -3.917  24.806  1.00 15.08 ? 121 ILE A CD1 1 
ATOM   928  N N   . ASN A 1 122 ? -5.024  1.255   27.950  1.00 17.13 ? 122 ASN A N   1 
ATOM   929  C CA  . ASN A 1 122 ? -4.824  1.906   29.249  1.00 18.33 ? 122 ASN A CA  1 
ATOM   930  C C   . ASN A 1 122 ? -6.149  2.185   29.936  1.00 18.48 ? 122 ASN A C   1 
ATOM   931  O O   . ASN A 1 122 ? -7.007  2.882   29.383  1.00 18.34 ? 122 ASN A O   1 
ATOM   932  C CB  . ASN A 1 122 ? -4.028  3.210   29.104  1.00 18.69 ? 122 ASN A CB  1 
ATOM   933  C CG  . ASN A 1 122 ? -2.598  2.976   28.634  1.00 20.86 ? 122 ASN A CG  1 
ATOM   934  O OD1 . ASN A 1 122 ? -2.315  3.021   27.438  1.00 22.88 ? 122 ASN A OD1 1 
ATOM   935  N ND2 . ASN A 1 122 ? -1.694  2.721   29.574  1.00 22.19 ? 122 ASN A ND2 1 
ATOM   936  N N   . SER A 1 123 ? -6.304  1.632   31.139  1.00 18.82 ? 123 SER A N   1 
ATOM   937  C CA  . SER A 1 123 ? -7.514  1.781   31.961  1.00 18.87 ? 123 SER A CA  1 
ATOM   938  C C   . SER A 1 123 ? -8.814  1.686   31.149  1.00 18.24 ? 123 SER A C   1 
ATOM   939  O O   . SER A 1 123 ? -9.625  2.619   31.132  1.00 18.64 ? 123 SER A O   1 
ATOM   940  C CB  . SER A 1 123 ? -7.464  3.078   32.777  1.00 19.34 ? 123 SER A CB  1 
ATOM   941  O OG  . SER A 1 123 ? -7.557  4.214   31.933  1.00 22.23 ? 123 SER A OG  1 
ATOM   942  N N   . GLY A 1 124 ? -8.991  0.553   30.476  1.00 17.49 ? 124 GLY A N   1 
ATOM   943  C CA  . GLY A 1 124 ? -10.218 0.274   29.726  1.00 16.74 ? 124 GLY A CA  1 
ATOM   944  C C   . GLY A 1 124 ? -10.383 0.993   28.390  1.00 15.92 ? 124 GLY A C   1 
ATOM   945  O O   . GLY A 1 124 ? -11.428 0.871   27.753  1.00 16.08 ? 124 GLY A O   1 
ATOM   946  N N   . ARG A 1 125 ? -9.369  1.747   27.973  1.00 15.01 ? 125 ARG A N   1 
ATOM   947  C CA  . ARG A 1 125 ? -9.404  2.467   26.700  1.00 14.63 ? 125 ARG A CA  1 
ATOM   948  C C   . ARG A 1 125 ? -8.426  1.822   25.717  1.00 13.37 ? 125 ARG A C   1 
ATOM   949  O O   . ARG A 1 125 ? -7.232  1.764   25.979  1.00 12.75 ? 125 ARG A O   1 
ATOM   950  C CB  . ARG A 1 125 ? -9.023  3.937   26.889  1.00 15.11 ? 125 ARG A CB  1 
ATOM   951  C CG  . ARG A 1 125 ? -9.872  4.719   27.888  1.00 18.20 ? 125 ARG A CG  1 
ATOM   952  C CD  . ARG A 1 125 ? -9.556  6.201   27.773  1.00 24.54 ? 125 ARG A CD  1 
ATOM   953  N NE  . ARG A 1 125 ? -10.188 6.980   28.838  1.00 30.03 ? 125 ARG A NE  1 
ATOM   954  C CZ  . ARG A 1 125 ? -10.029 8.291   29.022  1.00 31.22 ? 125 ARG A CZ  1 
ATOM   955  N NH1 . ARG A 1 125 ? -9.257  9.003   28.204  1.00 32.49 ? 125 ARG A NH1 1 
ATOM   956  N NH2 . ARG A 1 125 ? -10.655 8.896   30.025  1.00 31.65 ? 125 ARG A NH2 1 
ATOM   957  N N   . VAL A 1 126 ? -8.947  1.340   24.592  1.00 12.11 ? 126 VAL A N   1 
ATOM   958  C CA  . VAL A 1 126 ? -8.121  0.731   23.550  1.00 11.04 ? 126 VAL A CA  1 
ATOM   959  C C   . VAL A 1 126 ? -7.963  1.757   22.424  1.00 10.86 ? 126 VAL A C   1 
ATOM   960  O O   . VAL A 1 126 ? -8.945  2.177   21.811  1.00 10.26 ? 126 VAL A O   1 
ATOM   961  C CB  . VAL A 1 126 ? -8.732  -0.595  23.017  1.00 10.73 ? 126 VAL A CB  1 
ATOM   962  C CG1 . VAL A 1 126 ? -7.858  -1.215  21.912  1.00 9.97  ? 126 VAL A CG1 1 
ATOM   963  C CG2 . VAL A 1 126 ? -8.910  -1.601  24.149  1.00 11.25 ? 126 VAL A CG2 1 
ATOM   964  N N   . LEU A 1 127 ? -6.727  2.201   22.189  1.00 10.23 ? 127 LEU A N   1 
ATOM   965  C CA  . LEU A 1 127 ? -6.461  3.090   21.068  1.00 9.07  ? 127 LEU A CA  1 
ATOM   966  C C   . LEU A 1 127 ? -6.103  2.262   19.831  1.00 8.69  ? 127 LEU A C   1 
ATOM   967  O O   . LEU A 1 127 ? -5.171  1.453   19.873  1.00 7.90  ? 127 LEU A O   1 
ATOM   968  C CB  . LEU A 1 127 ? -5.338  4.072   21.420  1.00 9.67  ? 127 LEU A CB  1 
ATOM   969  C CG  . LEU A 1 127 ? -5.115  5.222   20.440  1.00 9.29  ? 127 LEU A CG  1 
ATOM   970  C CD1 . LEU A 1 127 ? -6.279  6.204   20.449  1.00 10.39 ? 127 LEU A CD1 1 
ATOM   971  C CD2 . LEU A 1 127 ? -3.801  5.937   20.764  1.00 10.12 ? 127 LEU A CD2 1 
ATOM   972  N N   . VAL A 1 128 ? -6.860  2.452   18.748  1.00 8.51  ? 128 VAL A N   1 
ATOM   973  C CA  . VAL A 1 128 ? -6.704  1.640   17.525  1.00 8.56  ? 128 VAL A CA  1 
ATOM   974  C C   . VAL A 1 128 ? -6.424  2.541   16.325  1.00 8.18  ? 128 VAL A C   1 
ATOM   975  O O   . VAL A 1 128 ? -7.162  3.498   16.068  1.00 7.84  ? 128 VAL A O   1 
ATOM   976  C CB  . VAL A 1 128 ? -7.950  0.755   17.226  1.00 8.67  ? 128 VAL A CB  1 
ATOM   977  C CG1 . VAL A 1 128 ? -7.665  -0.227  16.090  1.00 9.11  ? 128 VAL A CG1 1 
ATOM   978  C CG2 . VAL A 1 128 ? -8.379  -0.016  18.462  1.00 8.91  ? 128 VAL A CG2 1 
ATOM   979  N N   . ASP A 1 129 ? -5.356  2.225   15.600  1.00 8.12  ? 129 ASP A N   1 
ATOM   980  C CA  . ASP A 1 129 ? -4.964  2.998   14.422  1.00 8.30  ? 129 ASP A CA  1 
ATOM   981  C C   . ASP A 1 129 ? -5.459  2.268   13.184  1.00 8.48  ? 129 ASP A C   1 
ATOM   982  O O   . ASP A 1 129 ? -4.940  1.205   12.822  1.00 7.72  ? 129 ASP A O   1 
ATOM   983  C CB  . ASP A 1 129 ? -3.439  3.194   14.402  1.00 8.99  ? 129 ASP A CB  1 
ATOM   984  C CG  . ASP A 1 129 ? -2.975  4.151   13.306  1.00 9.06  ? 129 ASP A CG  1 
ATOM   985  O OD1 . ASP A 1 129 ? -3.731  4.388   12.337  1.00 9.41  ? 129 ASP A OD1 1 
ATOM   986  O OD2 . ASP A 1 129 ? -1.845  4.654   13.421  1.00 10.45 ? 129 ASP A OD2 1 
ATOM   987  N N   . PHE A 1 130 ? -6.489  2.836   12.556  1.00 8.83  ? 130 PHE A N   1 
ATOM   988  C CA  . PHE A 1 130 ? -7.100  2.243   11.376  1.00 9.42  ? 130 PHE A CA  1 
ATOM   989  C C   . PHE A 1 130 ? -6.480  2.726   10.060  1.00 9.94  ? 130 PHE A C   1 
ATOM   990  O O   . PHE A 1 130 ? -6.968  2.377   8.977   1.00 10.49 ? 130 PHE A O   1 
ATOM   991  C CB  . PHE A 1 130 ? -8.603  2.509   11.367  1.00 9.54  ? 130 PHE A CB  1 
ATOM   992  C CG  . PHE A 1 130 ? -9.351  1.814   12.461  1.00 9.02  ? 130 PHE A CG  1 
ATOM   993  C CD1 . PHE A 1 130 ? -9.666  2.487   13.642  1.00 9.10  ? 130 PHE A CD1 1 
ATOM   994  C CD2 . PHE A 1 130 ? -9.762  0.489   12.310  1.00 9.17  ? 130 PHE A CD2 1 
ATOM   995  C CE1 . PHE A 1 130 ? -10.380 1.854   14.657  1.00 9.24  ? 130 PHE A CE1 1 
ATOM   996  C CE2 . PHE A 1 130 ? -10.477 -0.151  13.325  1.00 8.18  ? 130 PHE A CE2 1 
ATOM   997  C CZ  . PHE A 1 130 ? -10.785 0.537   14.497  1.00 8.96  ? 130 PHE A CZ  1 
ATOM   998  N N   . ASN A 1 131 ? -5.410  3.513   10.150  1.00 10.11 ? 131 ASN A N   1 
ATOM   999  C CA  . ASN A 1 131 ? -4.673  3.949   8.960   1.00 10.24 ? 131 ASN A CA  1 
ATOM   1000 C C   . ASN A 1 131 ? -4.045  2.757   8.240   1.00 10.40 ? 131 ASN A C   1 
ATOM   1001 O O   . ASN A 1 131 ? -3.923  1.675   8.816   1.00 9.94  ? 131 ASN A O   1 
ATOM   1002 C CB  . ASN A 1 131 ? -3.592  4.977   9.323   1.00 10.22 ? 131 ASN A CB  1 
ATOM   1003 C CG  . ASN A 1 131 ? -4.164  6.355   9.648   1.00 11.36 ? 131 ASN A CG  1 
ATOM   1004 O OD1 . ASN A 1 131 ? -4.580  7.095   8.754   1.00 12.86 ? 131 ASN A OD1 1 
ATOM   1005 N ND2 . ASN A 1 131 ? -4.159  6.712   10.928  1.00 7.83  ? 131 ASN A ND2 1 
ATOM   1006 N N   . HIS A 1 132 ? -3.665  2.948   6.975   1.00 10.72 ? 132 HIS A N   1 
ATOM   1007 C CA  . HIS A 1 132 ? -2.919  1.929   6.251   1.00 11.08 ? 132 HIS A CA  1 
ATOM   1008 C C   . HIS A 1 132 ? -1.620  1.691   6.998   1.00 11.31 ? 132 HIS A C   1 
ATOM   1009 O O   . HIS A 1 132 ? -1.057  2.623   7.579   1.00 11.26 ? 132 HIS A O   1 
ATOM   1010 C CB  . HIS A 1 132 ? -2.633  2.351   4.799   1.00 11.23 ? 132 HIS A CB  1 
ATOM   1011 C CG  . HIS A 1 132 ? -2.014  1.269   3.962   1.00 11.62 ? 132 HIS A CG  1 
ATOM   1012 N ND1 . HIS A 1 132 ? -2.723  0.563   3.012   1.00 13.33 ? 132 HIS A ND1 1 
ATOM   1013 C CD2 . HIS A 1 132 ? -0.753  0.773   3.929   1.00 10.92 ? 132 HIS A CD2 1 
ATOM   1014 C CE1 . HIS A 1 132 ? -1.933  -0.328  2.440   1.00 11.23 ? 132 HIS A CE1 1 
ATOM   1015 N NE2 . HIS A 1 132 ? -0.732  -0.227  2.982   1.00 13.99 ? 132 HIS A NE2 1 
ATOM   1016 N N   . GLU A 1 133 ? -1.174  0.438   6.997   1.00 11.64 ? 133 GLU A N   1 
ATOM   1017 C CA  . GLU A 1 133 ? 0.086   0.035   7.617   1.00 12.73 ? 133 GLU A CA  1 
ATOM   1018 C C   . GLU A 1 133 ? 1.239   0.965   7.247   1.00 12.41 ? 133 GLU A C   1 
ATOM   1019 O O   . GLU A 1 133 ? 2.032   1.342   8.109   1.00 12.17 ? 133 GLU A O   1 
ATOM   1020 C CB  . GLU A 1 133 ? 0.411   -1.424  7.243   1.00 13.43 ? 133 GLU A CB  1 
ATOM   1021 C CG  . GLU A 1 133 ? 1.827   -1.875  7.563   1.00 17.02 ? 133 GLU A CG  1 
ATOM   1022 C CD  . GLU A 1 133 ? 2.026   -3.365  7.343   1.00 20.71 ? 133 GLU A CD  1 
ATOM   1023 O OE1 . GLU A 1 133 ? 1.650   -3.880  6.269   1.00 22.52 ? 133 GLU A OE1 1 
ATOM   1024 O OE2 . GLU A 1 133 ? 2.561   -4.022  8.253   1.00 24.31 ? 133 GLU A OE2 1 
ATOM   1025 N N   . LEU A 1 134 ? 1.310   1.341   5.971   1.00 12.03 ? 134 LEU A N   1 
ATOM   1026 C CA  . LEU A 1 134 ? 2.379   2.196   5.470   1.00 12.13 ? 134 LEU A CA  1 
ATOM   1027 C C   . LEU A 1 134 ? 2.029   3.690   5.396   1.00 11.94 ? 134 LEU A C   1 
ATOM   1028 O O   . LEU A 1 134 ? 2.796   4.478   4.823   1.00 11.48 ? 134 LEU A O   1 
ATOM   1029 C CB  . LEU A 1 134 ? 2.868   1.691   4.101   1.00 12.56 ? 134 LEU A CB  1 
ATOM   1030 C CG  . LEU A 1 134 ? 3.545   0.314   4.075   1.00 12.90 ? 134 LEU A CG  1 
ATOM   1031 C CD1 . LEU A 1 134 ? 4.001   -0.047  2.666   1.00 12.68 ? 134 LEU A CD1 1 
ATOM   1032 C CD2 . LEU A 1 134 ? 4.733   0.249   5.033   1.00 12.97 ? 134 LEU A CD2 1 
ATOM   1033 N N   . ALA A 1 135 ? 0.888   4.086   5.967   1.00 11.00 ? 135 ALA A N   1 
ATOM   1034 C CA  . ALA A 1 135 ? 0.564   5.513   6.052   1.00 10.89 ? 135 ALA A CA  1 
ATOM   1035 C C   . ALA A 1 135 ? 1.684   6.274   6.761   1.00 10.78 ? 135 ALA A C   1 
ATOM   1036 O O   . ALA A 1 135 ? 2.298   5.773   7.704   1.00 10.77 ? 135 ALA A O   1 
ATOM   1037 C CB  . ALA A 1 135 ? -0.785  5.750   6.750   1.00 10.62 ? 135 ALA A CB  1 
ATOM   1038 N N   . GLY A 1 136 ? 1.963   7.483   6.289   1.00 11.13 ? 136 GLY A N   1 
ATOM   1039 C CA  . GLY A 1 136 ? 3.019   8.300   6.872   1.00 11.49 ? 136 GLY A CA  1 
ATOM   1040 C C   . GLY A 1 136 ? 4.432   7.937   6.443   1.00 12.07 ? 136 GLY A C   1 
ATOM   1041 O O   . GLY A 1 136 ? 5.399   8.540   6.919   1.00 12.10 ? 136 GLY A O   1 
ATOM   1042 N N   . LYS A 1 137 ? 4.563   6.969   5.536   1.00 12.31 ? 137 LYS A N   1 
ATOM   1043 C CA  . LYS A 1 137 ? 5.881   6.496   5.104   1.00 12.90 ? 137 LYS A CA  1 
ATOM   1044 C C   . LYS A 1 137 ? 6.237   7.000   3.716   1.00 12.35 ? 137 LYS A C   1 
ATOM   1045 O O   . LYS A 1 137 ? 5.385   7.047   2.824   1.00 12.57 ? 137 LYS A O   1 
ATOM   1046 C CB  . LYS A 1 137 ? 5.964   4.961   5.137   1.00 13.38 ? 137 LYS A CB  1 
ATOM   1047 C CG  . LYS A 1 137 ? 6.157   4.349   6.551   1.00 16.24 ? 137 LYS A CG  1 
ATOM   1048 C CD  . LYS A 1 137 ? 7.647   4.272   6.917   1.00 19.65 ? 137 LYS A CD  1 
ATOM   1049 C CE  . LYS A 1 137 ? 7.905   3.547   8.236   1.00 22.55 ? 137 LYS A CE  1 
ATOM   1050 N NZ  . LYS A 1 137 ? 7.700   4.422   9.436   1.00 26.23 ? 137 LYS A NZ  1 
ATOM   1051 N N   . GLU A 1 138 ? 7.500   7.376   3.547   1.00 12.16 ? 138 GLU A N   1 
ATOM   1052 C CA  . GLU A 1 138 ? 8.046   7.637   2.224   1.00 12.04 ? 138 GLU A CA  1 
ATOM   1053 C C   . GLU A 1 138 ? 8.325   6.291   1.573   1.00 11.81 ? 138 GLU A C   1 
ATOM   1054 O O   . GLU A 1 138 ? 8.844   5.369   2.215   1.00 11.44 ? 138 GLU A O   1 
ATOM   1055 C CB  . GLU A 1 138 ? 9.331   8.459   2.321   1.00 12.19 ? 138 GLU A CB  1 
ATOM   1056 C CG  . GLU A 1 138 ? 10.001  8.748   0.974   1.00 13.05 ? 138 GLU A CG  1 
ATOM   1057 C CD  . GLU A 1 138 ? 11.286  9.526   1.137   1.00 15.20 ? 138 GLU A CD  1 
ATOM   1058 O OE1 . GLU A 1 138 ? 12.356  8.965   0.839   1.00 14.94 ? 138 GLU A OE1 1 
ATOM   1059 O OE2 . GLU A 1 138 ? 11.224  10.693  1.579   1.00 16.13 ? 138 GLU A OE2 1 
ATOM   1060 N N   . VAL A 1 139 ? 7.961   6.164   0.303   1.00 11.39 ? 139 VAL A N   1 
ATOM   1061 C CA  . VAL A 1 139 ? 8.227   4.925   -0.414  1.00 11.25 ? 139 VAL A CA  1 
ATOM   1062 C C   . VAL A 1 139 ? 9.022   5.235   -1.682  1.00 11.42 ? 139 VAL A C   1 
ATOM   1063 O O   . VAL A 1 139 ? 8.993   6.359   -2.180  1.00 11.10 ? 139 VAL A O   1 
ATOM   1064 C CB  . VAL A 1 139 ? 6.923   4.127   -0.737  1.00 10.94 ? 139 VAL A CB  1 
ATOM   1065 C CG1 . VAL A 1 139 ? 6.230   3.691   0.537   1.00 11.08 ? 139 VAL A CG1 1 
ATOM   1066 C CG2 . VAL A 1 139 ? 5.961   4.951   -1.570  1.00 10.47 ? 139 VAL A CG2 1 
ATOM   1067 N N   . LYS A 1 140 ? 9.748   4.240   -2.173  1.00 11.58 ? 140 LYS A N   1 
ATOM   1068 C CA  . LYS A 1 140 ? 10.473  4.374   -3.426  1.00 12.68 ? 140 LYS A CA  1 
ATOM   1069 C C   . LYS A 1 140 ? 10.071  3.220   -4.341  1.00 12.27 ? 140 LYS A C   1 
ATOM   1070 O O   . LYS A 1 140 ? 10.008  2.069   -3.909  1.00 12.69 ? 140 LYS A O   1 
ATOM   1071 C CB  . LYS A 1 140 ? 11.987  4.418   -3.165  1.00 13.12 ? 140 LYS A CB  1 
ATOM   1072 C CG  . LYS A 1 140 ? 12.866  4.588   -4.406  1.00 15.94 ? 140 LYS A CG  1 
ATOM   1073 C CD  . LYS A 1 140 ? 13.315  3.217   -4.912  1.00 21.09 ? 140 LYS A CD  1 
ATOM   1074 C CE  . LYS A 1 140 ? 14.216  3.334   -6.124  1.00 23.32 ? 140 LYS A CE  1 
ATOM   1075 N NZ  . LYS A 1 140 ? 15.571  3.849   -5.777  1.00 24.49 ? 140 LYS A NZ  1 
ATOM   1076 N N   . TYR A 1 141 ? 9.775   3.546   -5.595  1.00 11.95 ? 141 TYR A N   1 
ATOM   1077 C CA  . TYR A 1 141 ? 9.393   2.543   -6.576  1.00 11.44 ? 141 TYR A CA  1 
ATOM   1078 C C   . TYR A 1 141 ? 10.258  2.623   -7.806  1.00 11.37 ? 141 TYR A C   1 
ATOM   1079 O O   . TYR A 1 141 ? 10.599  3.710   -8.257  1.00 10.97 ? 141 TYR A O   1 
ATOM   1080 C CB  . TYR A 1 141 ? 7.940   2.723   -7.017  1.00 11.33 ? 141 TYR A CB  1 
ATOM   1081 C CG  . TYR A 1 141 ? 6.916   2.105   -6.106  1.00 11.18 ? 141 TYR A CG  1 
ATOM   1082 C CD1 . TYR A 1 141 ? 6.519   2.754   -4.940  1.00 11.83 ? 141 TYR A CD1 1 
ATOM   1083 C CD2 . TYR A 1 141 ? 6.306   0.884   -6.430  1.00 11.18 ? 141 TYR A CD2 1 
ATOM   1084 C CE1 . TYR A 1 141 ? 5.549   2.201   -4.107  1.00 12.03 ? 141 TYR A CE1 1 
ATOM   1085 C CE2 . TYR A 1 141 ? 5.342   0.325   -5.599  1.00 12.32 ? 141 TYR A CE2 1 
ATOM   1086 C CZ  . TYR A 1 141 ? 4.972   0.989   -4.436  1.00 11.96 ? 141 TYR A CZ  1 
ATOM   1087 O OH  . TYR A 1 141 ? 4.012   0.450   -3.604  1.00 12.45 ? 141 TYR A OH  1 
ATOM   1088 N N   . ARG A 1 142 ? 10.611  1.457   -8.337  1.00 11.40 ? 142 ARG A N   1 
ATOM   1089 C CA  . ARG A 1 142 ? 11.056  1.359   -9.715  1.00 12.14 ? 142 ARG A CA  1 
ATOM   1090 C C   . ARG A 1 142 ? 9.812   1.020   -10.514 1.00 11.90 ? 142 ARG A C   1 
ATOM   1091 O O   . ARG A 1 142 ? 9.062   0.102   -10.153 1.00 11.95 ? 142 ARG A O   1 
ATOM   1092 C CB  . ARG A 1 142 ? 12.111  0.260   -9.888  1.00 12.55 ? 142 ARG A CB  1 
ATOM   1093 C CG  . ARG A 1 142 ? 12.626  0.129   -11.326 1.00 15.27 ? 142 ARG A CG  1 
ATOM   1094 C CD  . ARG A 1 142 ? 13.198  -1.264  -11.606 1.00 19.50 ? 142 ARG A CD  1 
ATOM   1095 N NE  . ARG A 1 142 ? 12.153  -2.287  -11.523 1.00 24.35 ? 142 ARG A NE  1 
ATOM   1096 C CZ  . ARG A 1 142 ? 11.400  -2.701  -12.543 1.00 25.82 ? 142 ARG A CZ  1 
ATOM   1097 N NH1 . ARG A 1 142 ? 11.567  -2.205  -13.764 1.00 27.50 ? 142 ARG A NH1 1 
ATOM   1098 N NH2 . ARG A 1 142 ? 10.474  -3.626  -12.342 1.00 26.91 ? 142 ARG A NH2 1 
ATOM   1099 N N   . ILE A 1 143 ? 9.575   1.764   -11.584 1.00 11.53 ? 143 ILE A N   1 
ATOM   1100 C CA  . ILE A 1 143 ? 8.405   1.517   -12.414 1.00 11.42 ? 143 ILE A CA  1 
ATOM   1101 C C   . ILE A 1 143 ? 8.741   1.537   -13.903 1.00 11.02 ? 143 ILE A C   1 
ATOM   1102 O O   . ILE A 1 143 ? 9.436   2.435   -14.375 1.00 11.02 ? 143 ILE A O   1 
ATOM   1103 C CB  . ILE A 1 143 ? 7.212   2.475   -12.068 1.00 11.78 ? 143 ILE A CB  1 
ATOM   1104 C CG1 . ILE A 1 143 ? 5.967   2.085   -12.883 1.00 12.80 ? 143 ILE A CG1 1 
ATOM   1105 C CG2 . ILE A 1 143 ? 7.593   3.964   -12.235 1.00 11.88 ? 143 ILE A CG2 1 
ATOM   1106 C CD1 . ILE A 1 143 ? 4.647   2.393   -12.215 1.00 14.66 ? 143 ILE A CD1 1 
ATOM   1107 N N   . LYS A 1 144 ? 8.245   0.535   -14.622 1.00 10.30 ? 144 LYS A N   1 
ATOM   1108 C CA  . LYS A 1 144 ? 8.434   0.453   -16.066 1.00 10.17 ? 144 LYS A CA  1 
ATOM   1109 C C   . LYS A 1 144 ? 7.111   0.275   -16.786 1.00 9.98  ? 144 LYS A C   1 
ATOM   1110 O O   . LYS A 1 144 ? 6.262   -0.508  -16.358 1.00 9.56  ? 144 LYS A O   1 
ATOM   1111 C CB  . LYS A 1 144 ? 9.362   -0.710  -16.428 1.00 10.08 ? 144 LYS A CB  1 
ATOM   1112 C CG  . LYS A 1 144 ? 9.592   -0.851  -17.939 1.00 11.31 ? 144 LYS A CG  1 
ATOM   1113 C CD  . LYS A 1 144 ? 10.584  -1.954  -18.251 1.00 12.94 ? 144 LYS A CD  1 
ATOM   1114 C CE  . LYS A 1 144 ? 10.754  -2.112  -19.747 1.00 13.74 ? 144 LYS A CE  1 
ATOM   1115 N NZ  . LYS A 1 144 ? 11.751  -3.169  -20.026 1.00 16.09 ? 144 LYS A NZ  1 
ATOM   1116 N N   . ILE A 1 145 ? 6.950   0.999   -17.888 1.00 9.87  ? 145 ILE A N   1 
ATOM   1117 C CA  . ILE A 1 145 ? 5.811   0.795   -18.771 1.00 10.26 ? 145 ILE A CA  1 
ATOM   1118 C C   . ILE A 1 145 ? 6.204   -0.261  -19.802 1.00 10.44 ? 145 ILE A C   1 
ATOM   1119 O O   . ILE A 1 145 ? 6.959   0.022   -20.736 1.00 10.14 ? 145 ILE A O   1 
ATOM   1120 C CB  . ILE A 1 145 ? 5.382   2.106   -19.450 1.00 10.42 ? 145 ILE A CB  1 
ATOM   1121 C CG1 . ILE A 1 145 ? 4.933   3.118   -18.383 1.00 11.19 ? 145 ILE A CG1 1 
ATOM   1122 C CG2 . ILE A 1 145 ? 4.269   1.851   -20.480 1.00 10.20 ? 145 ILE A CG2 1 
ATOM   1123 C CD1 . ILE A 1 145 ? 4.498   4.450   -18.950 1.00 13.09 ? 145 ILE A CD1 1 
ATOM   1124 N N   . GLU A 1 146 ? 5.702   -1.481  -19.610 1.00 10.86 ? 146 GLU A N   1 
ATOM   1125 C CA  . GLU A 1 146 ? 6.027   -2.605  -20.499 1.00 11.73 ? 146 GLU A CA  1 
ATOM   1126 C C   . GLU A 1 146 ? 5.400   -2.428  -21.880 1.00 12.17 ? 146 GLU A C   1 
ATOM   1127 O O   . GLU A 1 146 ? 6.035   -2.684  -22.906 1.00 12.18 ? 146 GLU A O   1 
ATOM   1128 C CB  . GLU A 1 146 ? 5.564   -3.929  -19.890 1.00 11.59 ? 146 GLU A CB  1 
ATOM   1129 C CG  . GLU A 1 146 ? 6.136   -4.218  -18.516 1.00 11.86 ? 146 GLU A CG  1 
ATOM   1130 C CD  . GLU A 1 146 ? 7.616   -4.606  -18.537 1.00 13.55 ? 146 GLU A CD  1 
ATOM   1131 O OE1 . GLU A 1 146 ? 8.254   -4.572  -19.616 1.00 12.61 ? 146 GLU A OE1 1 
ATOM   1132 O OE2 . GLU A 1 146 ? 8.141   -4.943  -17.459 1.00 12.39 ? 146 GLU A OE2 1 
ATOM   1133 N N   . GLU A 1 147 ? 4.146   -1.995  -21.901 1.00 13.00 ? 147 GLU A N   1 
ATOM   1134 C CA  . GLU A 1 147 ? 3.431   -1.779  -23.164 1.00 14.27 ? 147 GLU A CA  1 
ATOM   1135 C C   . GLU A 1 147 ? 2.242   -0.863  -22.978 1.00 14.44 ? 147 GLU A C   1 
ATOM   1136 O O   . GLU A 1 147 ? 1.738   -0.701  -21.862 1.00 13.39 ? 147 GLU A O   1 
ATOM   1137 C CB  . GLU A 1 147 ? 2.971   -3.108  -23.791 1.00 14.68 ? 147 GLU A CB  1 
ATOM   1138 C CG  . GLU A 1 147 ? 2.426   -4.128  -22.810 1.00 17.60 ? 147 GLU A CG  1 
ATOM   1139 C CD  . GLU A 1 147 ? 2.100   -5.474  -23.461 1.00 20.07 ? 147 GLU A CD  1 
ATOM   1140 O OE1 . GLU A 1 147 ? 1.293   -5.501  -24.409 1.00 20.57 ? 147 GLU A OE1 1 
ATOM   1141 O OE2 . GLU A 1 147 ? 2.649   -6.502  -23.008 1.00 22.98 ? 147 GLU A OE2 1 
ATOM   1142 N N   . VAL A 1 148 ? 1.811   -0.273  -24.090 1.00 15.23 ? 148 VAL A N   1 
ATOM   1143 C CA  . VAL A 1 148 ? 0.583   0.514   -24.151 1.00 16.73 ? 148 VAL A CA  1 
ATOM   1144 C C   . VAL A 1 148 ? -0.360  -0.179  -25.134 1.00 17.81 ? 148 VAL A C   1 
ATOM   1145 O O   . VAL A 1 148 ? -0.005  -0.416  -26.298 1.00 18.07 ? 148 VAL A O   1 
ATOM   1146 C CB  . VAL A 1 148 ? 0.853   1.972   -24.607 1.00 16.74 ? 148 VAL A CB  1 
ATOM   1147 C CG1 . VAL A 1 148 ? -0.453  2.711   -24.901 1.00 17.13 ? 148 VAL A CG1 1 
ATOM   1148 C CG2 . VAL A 1 148 ? 1.666   2.726   -23.563 1.00 17.13 ? 148 VAL A CG2 1 
ATOM   1149 N N   . VAL A 1 149 ? -1.546  -0.540  -24.656 1.00 18.20 ? 149 VAL A N   1 
ATOM   1150 C CA  . VAL A 1 149 ? -2.528  -1.187  -25.513 1.00 18.93 ? 149 VAL A CA  1 
ATOM   1151 C C   . VAL A 1 149 ? -3.393  -0.069  -26.084 1.00 19.25 ? 149 VAL A C   1 
ATOM   1152 O O   . VAL A 1 149 ? -4.092  0.638   -25.340 1.00 19.06 ? 149 VAL A O   1 
ATOM   1153 C CB  . VAL A 1 149 ? -3.321  -2.287  -24.762 1.00 19.19 ? 149 VAL A CB  1 
ATOM   1154 C CG1 . VAL A 1 149 ? -4.391  -2.896  -25.649 1.00 19.80 ? 149 VAL A CG1 1 
ATOM   1155 C CG2 . VAL A 1 149 ? -2.369  -3.385  -24.290 1.00 20.35 ? 149 VAL A CG2 1 
ATOM   1156 N N   . ASP A 1 150 ? -3.279  0.086   -27.408 1.00 19.39 ? 150 ASP A N   1 
ATOM   1157 C CA  . ASP A 1 150 ? -3.798  1.203   -28.209 1.00 19.95 ? 150 ASP A CA  1 
ATOM   1158 C C   . ASP A 1 150 ? -2.748  2.265   -28.629 1.00 20.31 ? 150 ASP A C   1 
ATOM   1159 O O   . ASP A 1 150 ? -2.030  2.070   -29.622 1.00 20.05 ? 150 ASP A O   1 
ATOM   1160 C CB  . ASP A 1 150 ? -5.006  1.832   -27.553 1.00 20.03 ? 150 ASP A CB  1 
ATOM   1161 C CG  . ASP A 1 150 ? -6.265  1.062   -27.822 1.00 19.46 ? 150 ASP A CG  1 
ATOM   1162 O OD1 . ASP A 1 150 ? -6.282  -0.190  -27.679 1.00 17.74 ? 150 ASP A OD1 1 
ATOM   1163 O OD2 . ASP A 1 150 ? -7.241  1.728   -28.182 1.00 19.60 ? 150 ASP A OD2 1 
HETATM 1164 O O   . HOH B 2 .   ? 6.474   6.791   -27.360 1.00 27.38 ? 158 HOH A O   1 
HETATM 1165 O O   . HOH B 2 .   ? 9.373   -16.524 -12.626 1.00 31.01 ? 159 HOH A O   1 
HETATM 1166 O O   . HOH B 2 .   ? 3.448   -1.303  19.279  1.00 27.77 ? 160 HOH A O   1 
HETATM 1167 O O   . HOH B 2 .   ? 5.075   15.950  -3.598  1.00 28.05 ? 161 HOH A O   1 
HETATM 1168 O O   . HOH B 2 .   ? 1.735   5.425   25.557  1.00 75.20 ? 162 HOH A O   1 
HETATM 1169 O O   . HOH B 2 .   ? -3.841  -2.594  7.990   1.00 25.52 ? 163 HOH A O   1 
HETATM 1170 O O   . HOH B 2 .   ? -1.131  13.463  -12.597 1.00 34.21 ? 164 HOH A O   1 
HETATM 1171 O O   . HOH B 2 .   ? -0.241  1.841   14.322  1.00 25.82 ? 165 HOH A O   1 
HETATM 1172 O O   . HOH B 2 .   ? -21.251 -10.954 24.960  1.00 34.46 ? 166 HOH A O   1 
HETATM 1173 O O   . HOH B 2 .   ? -2.614  12.898  -8.367  1.00 24.49 ? 167 HOH A O   1 
HETATM 1174 O O   . HOH B 2 .   ? 2.822   -5.887  15.980  1.00 26.36 ? 168 HOH A O   1 
HETATM 1175 O O   . HOH B 2 .   ? -10.719 -8.578  15.198  1.00 39.08 ? 169 HOH A O   1 
HETATM 1176 O O   . HOH B 2 .   ? 14.705  11.154  4.685   1.00 33.14 ? 170 HOH A O   1 
HETATM 1177 O O   . HOH B 2 .   ? -10.727 12.041  15.815  1.00 46.92 ? 171 HOH A O   1 
HETATM 1178 O O   . HOH B 2 .   ? 2.021   -7.032  22.754  1.00 7.71  ? 172 HOH A O   1 
HETATM 1179 O O   . HOH B 2 .   ? 2.115   -2.586  -30.697 1.00 46.25 ? 173 HOH A O   1 
HETATM 1180 O O   . HOH B 2 .   ? 9.016   -3.845  4.481   1.00 39.36 ? 174 HOH A O   1 
HETATM 1181 O O   . HOH B 2 .   ? 6.017   16.015  1.153   1.00 28.98 ? 175 HOH A O   1 
HETATM 1182 O O   . HOH B 2 .   ? -2.463  -9.314  14.351  1.00 23.31 ? 176 HOH A O   1 
HETATM 1183 O O   . HOH B 2 .   ? 4.612   2.123   8.573   1.00 33.83 ? 177 HOH A O   1 
HETATM 1184 O O   . HOH B 2 .   ? 10.879  12.725  -19.846 1.00 33.14 ? 178 HOH A O   1 
HETATM 1185 O O   . HOH B 2 .   ? 3.267   0.564   14.419  1.00 33.35 ? 179 HOH A O   1 
HETATM 1186 O O   . HOH B 2 .   ? -6.543  6.156   29.306  1.00 33.72 ? 180 HOH A O   1 
HETATM 1187 O O   . HOH B 2 .   ? 7.717   10.617  6.110   1.00 44.75 ? 181 HOH A O   1 
HETATM 1188 O O   . HOH B 2 .   ? 16.630  -5.217  1.701   1.00 26.81 ? 182 HOH A O   1 
HETATM 1189 O O   . HOH B 2 .   ? 22.583  -8.264  -4.344  1.00 37.46 ? 183 HOH A O   1 
HETATM 1190 O O   . HOH B 2 .   ? 10.655  9.748   5.988   1.00 34.78 ? 184 HOH A O   1 
HETATM 1191 O O   . HOH B 2 .   ? 17.586  -6.674  -6.167  1.00 33.83 ? 185 HOH A O   1 
HETATM 1192 O O   . HOH B 2 .   ? -7.115  9.479   22.094  1.00 38.65 ? 186 HOH A O   1 
HETATM 1193 O O   . HOH B 2 .   ? 1.538   0.778   16.390  1.00 26.49 ? 187 HOH A O   1 
HETATM 1194 O O   . HOH B 2 .   ? -5.056  -11.991 -6.652  1.00 38.56 ? 188 HOH A O   1 
HETATM 1195 O O   . HOH B 2 .   ? 16.999  -4.040  -1.346  1.00 40.71 ? 189 HOH A O   1 
HETATM 1196 O O   . HOH B 2 .   ? -21.364 -5.063  17.159  1.00 34.63 ? 190 HOH A O   1 
HETATM 1197 O O   . HOH B 2 .   ? 17.290  -15.535 -7.842  1.00 29.53 ? 191 HOH A O   1 
HETATM 1198 O O   . HOH B 2 .   ? -16.838 -2.654  17.817  1.00 43.18 ? 192 HOH A O   1 
HETATM 1199 O O   . HOH B 2 .   ? 16.698  -0.017  -4.929  1.00 46.59 ? 193 HOH A O   1 
HETATM 1200 O O   . HOH B 2 .   ? -5.060  5.443   -29.999 1.00 41.74 ? 194 HOH A O   1 
HETATM 1201 O O   . HOH B 2 .   ? -1.462  -3.533  4.214   1.00 38.14 ? 195 HOH A O   1 
HETATM 1202 O O   . HOH B 2 .   ? 3.956   13.669  4.996   1.00 45.52 ? 196 HOH A O   1 
HETATM 1203 O O   . HOH B 2 .   ? 15.180  -18.205 -10.692 1.00 31.64 ? 197 HOH A O   1 
HETATM 1204 O O   . HOH B 2 .   ? 14.313  -10.503 -11.539 1.00 27.52 ? 198 HOH A O   1 
HETATM 1205 O O   . HOH B 2 .   ? 0.695   1.248   -30.040 1.00 47.79 ? 199 HOH A O   1 
HETATM 1206 O O   . HOH B 2 .   ? 6.122   -7.785  -20.512 1.00 36.25 ? 200 HOH A O   1 
HETATM 1207 O O   . HOH B 2 .   ? 9.928   -21.865 -6.463  1.00 57.29 ? 201 HOH A O   1 
HETATM 1208 O O   . HOH B 2 .   ? -7.997  -11.584 18.457  1.00 40.35 ? 202 HOH A O   1 
HETATM 1209 O O   . HOH B 2 .   ? 3.104   17.959  3.223   1.00 51.98 ? 203 HOH A O   1 
HETATM 1210 O O   . HOH B 2 .   ? -10.438 8.720   32.791  1.00 44.57 ? 204 HOH A O   1 
HETATM 1211 O O   . HOH B 2 .   ? 6.341   12.048  -11.816 1.00 44.90 ? 205 HOH A O   1 
HETATM 1212 O O   . HOH B 2 .   ? -15.644 -0.702  30.579  1.00 52.32 ? 206 HOH A O   1 
HETATM 1213 O O   . HOH B 2 .   ? 2.904   6.036   2.360   1.00 8.71  ? 207 HOH A O   1 
HETATM 1214 O O   . HOH B 2 .   ? -7.005  8.957   26.779  1.00 64.88 ? 208 HOH A O   1 
HETATM 1215 O O   . HOH B 2 .   ? 9.870   -18.639 -1.700  1.00 24.96 ? 209 HOH A O   1 
HETATM 1216 O O   . HOH B 2 .   ? 7.797   11.518  -9.948  1.00 91.31 ? 210 HOH A O   1 
HETATM 1217 O O   . HOH B 2 .   ? 10.173  -9.485  -14.073 1.00 47.03 ? 211 HOH A O   1 
HETATM 1218 O O   . HOH B 2 .   ? 4.594   -5.636  22.393  1.00 28.97 ? 212 HOH A O   1 
HETATM 1219 O O   . HOH B 2 .   ? 5.766   -14.351 1.789   1.00 38.61 ? 213 HOH A O   1 
HETATM 1220 O O   . HOH B 2 .   ? -6.613  -6.506  27.207  1.00 32.86 ? 214 HOH A O   1 
HETATM 1221 O O   . HOH B 2 .   ? -4.454  9.279   5.007   1.00 30.21 ? 215 HOH A O   1 
HETATM 1222 O O   . HOH B 2 .   ? 6.830   9.305   -26.523 1.00 32.52 ? 216 HOH A O   1 
HETATM 1223 O O   . HOH B 2 .   ? -1.273  -20.308 -2.166  1.00 39.84 ? 217 HOH A O   1 
HETATM 1224 O O   . HOH B 2 .   ? 12.575  -7.358  4.431   1.00 56.00 ? 218 HOH A O   1 
HETATM 1225 O O   . HOH B 2 .   ? 15.211  -3.902  -12.691 1.00 57.92 ? 219 HOH A O   1 
HETATM 1226 O O   . HOH B 2 .   ? -1.719  -0.882  -6.936  1.00 24.91 ? 220 HOH A O   1 
HETATM 1227 O O   . HOH B 2 .   ? 5.216   -7.622  1.533   1.00 45.88 ? 221 HOH A O   1 
HETATM 1228 O O   . HOH B 2 .   ? 10.652  -6.009  -18.073 1.00 38.71 ? 222 HOH A O   1 
HETATM 1229 O O   . HOH B 2 .   ? 1.099   14.366  -16.892 1.00 34.66 ? 223 HOH A O   1 
HETATM 1230 O O   . HOH B 2 .   ? -13.641 -9.248  14.201  1.00 43.61 ? 224 HOH A O   1 
HETATM 1231 O O   . HOH B 2 .   ? -18.971 -4.489  14.228  1.00 53.77 ? 225 HOH A O   1 
HETATM 1232 O O   . HOH B 2 .   ? 16.598  -6.354  4.546   1.00 48.95 ? 226 HOH A O   1 
HETATM 1233 O O   . HOH B 2 .   ? -20.837 -5.620  27.328  1.00 49.66 ? 227 HOH A O   1 
HETATM 1234 O O   . HOH B 2 .   ? 8.055   -5.438  -22.021 1.00 38.65 ? 228 HOH A O   1 
HETATM 1235 O O   . HOH B 2 .   ? 1.441   -2.951  1.704   1.00 44.84 ? 229 HOH A O   1 
HETATM 1236 O O   . HOH B 2 .   ? 16.877  -1.333  -1.000  1.00 40.86 ? 230 HOH A O   1 
HETATM 1237 O O   . HOH B 2 .   ? -1.739  -3.839  10.434  1.00 43.07 ? 231 HOH A O   1 
HETATM 1238 O O   . HOH B 2 .   ? -3.172  -1.896  -29.244 1.00 14.14 ? 232 HOH A O   1 
HETATM 1239 O O   . HOH B 2 .   ? 12.755  1.462   -25.320 1.00 28.67 ? 233 HOH A O   1 
HETATM 1240 O O   . HOH B 2 .   ? 6.958   7.676   9.584   1.00 49.79 ? 234 HOH A O   1 
HETATM 1241 O O   . HOH B 2 .   ? 3.503   6.530   13.264  1.00 38.94 ? 235 HOH A O   1 
HETATM 1242 O O   . HOH B 2 .   ? -6.106  -0.367  7.879   1.00 30.65 ? 236 HOH A O   1 
HETATM 1243 O O   . HOH B 2 .   ? 10.543  -4.888  -15.700 1.00 36.36 ? 237 HOH A O   1 
HETATM 1244 O O   . HOH B 2 .   ? 7.929   13.821  2.737   1.00 33.04 ? 238 HOH A O   1 
HETATM 1245 O O   . HOH B 2 .   ? -0.431  16.005  -10.392 1.00 35.92 ? 239 HOH A O   1 
HETATM 1246 O O   . HOH B 2 .   ? 1.529   -4.754  12.024  1.00 36.73 ? 240 HOH A O   1 
HETATM 1247 O O   . HOH B 2 .   ? 15.514  -0.488  -7.692  1.00 42.55 ? 241 HOH A O   1 
HETATM 1248 O O   . HOH B 2 .   ? 1.593   -9.041  -22.263 1.00 40.22 ? 242 HOH A O   1 
HETATM 1249 O O   . HOH B 2 .   ? 0.543   16.156  -2.513  1.00 51.19 ? 243 HOH A O   1 
HETATM 1250 O O   . HOH B 2 .   ? -22.064 -3.399  26.011  1.00 54.63 ? 244 HOH A O   1 
HETATM 1251 O O   . HOH B 2 .   ? 20.738  -6.550  -2.084  1.00 60.48 ? 245 HOH A O   1 
HETATM 1252 O O   . HOH B 2 .   ? -5.887  8.095   -30.984 1.00 71.14 ? 246 HOH A O   1 
HETATM 1253 O O   . HOH B 2 .   ? 5.710   -14.477 -13.147 1.00 30.16 ? 247 HOH A O   1 
HETATM 1254 O O   . HOH B 2 .   ? 0.914   -7.269  -8.504  1.00 39.67 ? 248 HOH A O   1 
HETATM 1255 O O   . HOH B 2 .   ? -9.532  4.785   -26.572 1.00 41.69 ? 249 HOH A O   1 
HETATM 1256 O O   . HOH B 2 .   ? 3.885   -18.460 -8.850  1.00 36.68 ? 250 HOH A O   1 
HETATM 1257 O O   . HOH B 2 .   ? -2.748  8.773   -26.887 1.00 45.86 ? 251 HOH A O   1 
HETATM 1258 O O   . HOH B 2 .   ? 2.314   -5.842  -0.867  1.00 37.73 ? 252 HOH A O   1 
HETATM 1259 O O   . HOH B 2 .   ? -0.847  -6.944  -23.970 1.00 39.97 ? 253 HOH A O   1 
HETATM 1260 O O   . HOH B 2 .   ? 1.991   -7.051  7.876   1.00 47.23 ? 254 HOH A O   1 
HETATM 1261 O O   . HOH B 2 .   ? -2.044  16.872  2.825   1.00 53.69 ? 255 HOH A O   1 
HETATM 1262 O O   . HOH B 2 .   ? 7.783   -17.318 0.200   1.00 30.54 ? 256 HOH A O   1 
HETATM 1263 O O   . HOH B 2 .   ? -7.742  6.322   0.293   1.00 42.47 ? 257 HOH A O   1 
HETATM 1264 O O   . HOH B 2 .   ? -15.647 4.831   21.183  1.00 7.54  ? 258 HOH A O   1 
HETATM 1265 O O   . HOH B 2 .   ? 7.225   18.622  -8.703  1.00 48.67 ? 259 HOH A O   1 
HETATM 1266 O O   . HOH B 2 .   ? -4.660  -12.806 -2.892  1.00 56.22 ? 260 HOH A O   1 
HETATM 1267 O O   . HOH B 2 .   ? 4.454   18.110  -10.327 1.00 60.51 ? 261 HOH A O   1 
HETATM 1268 O O   . HOH B 2 .   ? -6.944  16.598  7.374   1.00 54.95 ? 262 HOH A O   1 
HETATM 1269 O O   . HOH B 2 .   ? -11.625 11.444  27.868  1.00 56.60 ? 263 HOH A O   1 
HETATM 1270 O O   . HOH B 2 .   ? 11.181  4.564   10.240  1.00 40.43 ? 264 HOH A O   1 
HETATM 1271 O O   . HOH B 2 .   ? -3.529  12.737  -19.935 1.00 45.14 ? 265 HOH A O   1 
HETATM 1272 O O   . HOH B 2 .   ? -13.144 12.195  17.292  1.00 54.09 ? 266 HOH A O   1 
HETATM 1273 O O   . HOH B 2 .   ? -17.904 -4.717  16.592  1.00 51.58 ? 267 HOH A O   1 
HETATM 1274 O O   . HOH B 2 .   ? -6.333  -2.836  31.357  1.00 23.40 ? 268 HOH A O   1 
HETATM 1275 O O   . HOH B 2 .   ? 0.237   -0.684  -3.771  1.00 27.39 ? 269 HOH A O   1 
HETATM 1276 O O   . HOH B 2 .   ? -9.492  1.040   -27.690 1.00 20.11 ? 270 HOH A O   1 
HETATM 1277 O O   . HOH B 2 .   ? 14.130  -1.716  -18.417 1.00 28.58 ? 271 HOH A O   1 
HETATM 1278 O O   . HOH B 2 .   ? -0.013  -3.852  -31.789 1.00 29.23 ? 272 HOH A O   1 
HETATM 1279 O O   . HOH B 2 .   ? -16.556 4.273   12.095  1.00 32.69 ? 273 HOH A O   1 
HETATM 1280 O O   . HOH B 2 .   ? -4.582  -5.514  7.306   1.00 35.55 ? 274 HOH A O   1 
HETATM 1281 O O   . HOH B 2 .   ? 6.240   -19.527 0.182   1.00 33.77 ? 275 HOH A O   1 
HETATM 1282 O O   . HOH B 2 .   ? 2.381   2.846   -28.346 1.00 28.94 ? 276 HOH A O   1 
HETATM 1283 O O   . HOH B 2 .   ? 16.005  -11.007 -9.057  1.00 44.72 ? 277 HOH A O   1 
HETATM 1284 O O   . HOH B 2 .   ? 2.007   -9.962  -0.926  1.00 38.24 ? 278 HOH A O   1 
HETATM 1285 O O   . HOH B 2 .   ? 5.782   14.206  -5.561  1.00 37.15 ? 279 HOH A O   1 
HETATM 1286 O O   . HOH B 2 .   ? 4.184   17.575  -6.186  1.00 43.17 ? 280 HOH A O   1 
HETATM 1287 O O   . HOH B 2 .   ? 1.569   17.843  -6.272  1.00 45.85 ? 281 HOH A O   1 
HETATM 1288 O O   . HOH B 2 .   ? -4.967  13.556  -14.862 1.00 40.27 ? 282 HOH A O   1 
HETATM 1289 O O   . HOH B 2 .   ? 2.442   4.254   13.803  1.00 35.51 ? 283 HOH A O   1 
HETATM 1290 O O   . HOH B 2 .   ? 10.988  -2.049  5.906   1.00 32.45 ? 284 HOH A O   1 
HETATM 1291 O O   . HOH B 2 .   ? 9.171   6.729   8.411   1.00 41.76 ? 285 HOH A O   1 
HETATM 1292 O O   . HOH B 2 .   ? -3.710  13.898  -17.242 1.00 53.17 ? 286 HOH A O   1 
HETATM 1293 O O   . HOH B 2 .   ? -1.562  15.121  -3.907  1.00 45.82 ? 287 HOH A O   1 
HETATM 1294 O O   . HOH B 2 .   ? -11.879 -11.957 26.182  1.00 43.57 ? 288 HOH A O   1 
HETATM 1295 O O   . HOH B 2 .   ? 7.759   -8.356  -18.517 1.00 38.45 ? 289 HOH A O   1 
HETATM 1296 O O   . HOH B 2 .   ? -5.571  3.031   2.527   1.00 38.18 ? 290 HOH A O   1 
HETATM 1297 O O   . HOH B 2 .   ? 1.509   -2.275  10.936  1.00 44.15 ? 291 HOH A O   1 
HETATM 1298 O O   . HOH B 2 .   ? -3.696  -2.317  10.999  1.00 46.20 ? 292 HOH A O   1 
HETATM 1299 O O   . HOH B 2 .   ? -6.129  1.628   4.568   1.00 34.17 ? 293 HOH A O   1 
HETATM 1300 O O   . HOH B 2 .   ? 6.988   -7.529  3.598   1.00 39.34 ? 294 HOH A O   1 
HETATM 1301 O O   . HOH B 2 .   ? 1.429   -3.132  -1.000  1.00 33.94 ? 295 HOH A O   1 
HETATM 1302 O O   . HOH B 2 .   ? 12.306  -5.451  -13.766 1.00 50.67 ? 296 HOH A O   1 
HETATM 1303 O O   . HOH B 2 .   ? 4.676   -1.253  27.332  1.00 44.77 ? 297 HOH A O   1 
HETATM 1304 O O   . HOH B 2 .   ? 9.162   -6.402  -24.758 1.00 36.58 ? 298 HOH A O   1 
HETATM 1305 O O   . HOH B 2 .   ? 4.282   12.825  -26.976 1.00 38.51 ? 299 HOH A O   1 
HETATM 1306 O O   . HOH B 2 .   ? 6.583   -2.710  5.137   1.00 54.40 ? 300 HOH A O   1 
HETATM 1307 O O   . HOH B 2 .   ? 2.922   9.998   10.484  1.00 30.24 ? 301 HOH A O   1 
HETATM 1308 O O   . HOH B 2 .   ? 20.414  -9.410  -9.779  1.00 36.68 ? 302 HOH A O   1 
HETATM 1309 O O   . HOH B 2 .   ? 2.779   -8.250  5.568   1.00 43.93 ? 303 HOH A O   1 
HETATM 1310 O O   . HOH B 2 .   ? -7.994  3.735   -24.732 1.00 40.47 ? 304 HOH A O   1 
HETATM 1311 O O   . HOH B 2 .   ? 6.333   -5.296  -24.049 1.00 45.19 ? 305 HOH A O   1 
HETATM 1312 O O   . HOH B 2 .   ? 5.693   19.587  -6.747  1.00 55.77 ? 306 HOH A O   1 
HETATM 1313 O O   . HOH B 2 .   ? 19.850  -5.942  -4.580  1.00 49.81 ? 307 HOH A O   1 
HETATM 1314 O O   . HOH B 2 .   ? 7.051   -10.291 -16.892 1.00 39.12 ? 308 HOH A O   1 
HETATM 1315 O O   . HOH B 2 .   ? 1.523   6.017   -25.086 1.00 36.84 ? 309 HOH A O   1 
HETATM 1316 O O   . HOH B 2 .   ? 6.921   18.673  0.392   1.00 42.36 ? 310 HOH A O   1 
HETATM 1317 O O   . HOH B 2 .   ? -3.673  -13.359 12.120  1.00 58.32 ? 311 HOH A O   1 
HETATM 1318 O O   . HOH B 2 .   ? 2.680   -12.429 -16.982 1.00 51.20 ? 312 HOH A O   1 
HETATM 1319 O O   . HOH B 2 .   ? -9.582  11.491  -19.726 1.00 35.87 ? 313 HOH A O   1 
HETATM 1320 O O   . HOH B 2 .   ? -17.386 -0.562  6.603   1.00 37.31 ? 314 HOH A O   1 
HETATM 1321 O O   . HOH B 2 .   ? -3.678  1.903   -1.551  1.00 44.81 ? 315 HOH A O   1 
HETATM 1322 O O   . HOH B 2 .   ? -10.594 8.626   4.389   1.00 36.81 ? 316 HOH A O   1 
HETATM 1323 O O   . HOH B 2 .   ? -7.840  -12.632 -6.054  1.00 53.57 ? 317 HOH A O   1 
HETATM 1324 O O   . HOH B 2 .   ? 2.307   -6.470  1.788   1.00 42.95 ? 318 HOH A O   1 
HETATM 1325 O O   . HOH B 2 .   ? -17.688 -14.783 24.238  1.00 44.84 ? 319 HOH A O   1 
HETATM 1326 O O   . HOH B 2 .   ? -7.937  6.871   32.695  1.00 57.15 ? 320 HOH A O   1 
HETATM 1327 O O   . HOH B 2 .   ? -5.542  8.514   2.442   1.00 51.59 ? 321 HOH A O   1 
HETATM 1328 O O   . HOH B 2 .   ? 16.443  -5.328  -8.532  1.00 41.46 ? 322 HOH A O   1 
HETATM 1329 O O   . HOH B 2 .   ? -8.618  -7.923  28.355  1.00 43.61 ? 323 HOH A O   1 
HETATM 1330 O O   . HOH B 2 .   ? 6.676   -7.630  -13.868 1.00 14.90 ? 324 HOH A O   1 
HETATM 1331 O O   . HOH B 2 .   ? -22.069 -4.783  14.588  1.00 36.74 ? 325 HOH A O   1 
HETATM 1332 O O   . HOH B 2 .   ? -1.135  13.089  -5.626  1.00 64.12 ? 326 HOH A O   1 
HETATM 1333 O O   . HOH B 2 .   ? -7.852  13.560  -23.248 1.00 46.05 ? 327 HOH A O   1 
HETATM 1334 O O   . HOH B 2 .   ? -0.553  16.742  0.611   1.00 38.92 ? 328 HOH A O   1 
HETATM 1335 O O   . HOH B 2 .   ? -4.700  8.104   -28.538 1.00 61.88 ? 329 HOH A O   1 
HETATM 1336 O O   . HOH B 2 .   ? 11.764  -16.778 -1.150  1.00 15.20 ? 330 HOH A O   1 
HETATM 1337 O O   . HOH B 2 .   ? 1.189   18.432  1.427   1.00 42.09 ? 331 HOH A O   1 
HETATM 1338 O O   . HOH B 2 .   ? -20.672 -8.238  27.777  1.00 50.47 ? 332 HOH A O   1 
HETATM 1339 O O   . HOH B 2 .   ? -18.895 -2.057  15.461  1.00 34.37 ? 333 HOH A O   1 
HETATM 1340 O O   . HOH B 2 .   ? -0.103  -18.155 -0.108  1.00 64.24 ? 334 HOH A O   1 
HETATM 1341 O O   . HOH B 2 .   ? 6.123   12.910  6.376   1.00 36.85 ? 335 HOH A O   1 
HETATM 1342 O O   . HOH B 2 .   ? 3.238   -14.744 2.552   1.00 47.21 ? 336 HOH A O   1 
HETATM 1343 O O   . HOH B 2 .   ? -15.171 -0.136  16.907  1.00 53.73 ? 337 HOH A O   1 
HETATM 1344 O O   . HOH B 2 .   ? -1.718  -12.139 -1.887  1.00 51.09 ? 338 HOH A O   1 
HETATM 1345 O O   . HOH B 2 .   ? -9.049  -10.151 11.930  1.00 53.23 ? 339 HOH A O   1 
HETATM 1346 O O   . HOH B 2 .   ? -1.247  -6.438  5.677   1.00 51.39 ? 340 HOH A O   1 
HETATM 1347 O O   . HOH B 2 .   ? -3.922  17.184  4.608   1.00 51.20 ? 341 HOH A O   1 
HETATM 1348 O O   . HOH B 2 .   ? -0.341  18.625  -1.840  1.00 48.95 ? 342 HOH A O   1 
HETATM 1349 O O   . HOH B 2 .   ? -2.843  14.371  2.410   1.00 42.13 ? 343 HOH A O   1 
HETATM 1350 O O   . HOH B 2 .   ? -9.663  -12.729 14.980  1.00 49.75 ? 344 HOH A O   1 
HETATM 1351 O O   . HOH B 2 .   ? 12.313  -7.532  -16.849 1.00 53.83 ? 345 HOH A O   1 
HETATM 1352 O O   . HOH B 2 .   ? -19.615 -3.687  25.876  1.00 19.95 ? 346 HOH A O   1 
HETATM 1353 O O   . HOH B 2 .   ? -6.141  2.000   -24.222 1.00 16.75 ? 347 HOH A O   1 
HETATM 1354 O O   . HOH B 2 .   ? -11.013 5.694   -12.638 1.00 14.16 ? 348 HOH A O   1 
HETATM 1355 O O   . HOH B 2 .   ? -4.638  3.843   -12.592 1.00 12.29 ? 349 HOH A O   1 
HETATM 1356 O O   . HOH B 2 .   ? -2.803  -1.723  5.615   1.00 21.24 ? 350 HOH A O   1 
HETATM 1357 O O   . HOH B 2 .   ? 5.350   11.053  -8.875  1.00 13.17 ? 351 HOH A O   1 
HETATM 1358 O O   . HOH B 2 .   ? 14.695  7.450   -12.466 1.00 17.95 ? 352 HOH A O   1 
HETATM 1359 O O   . HOH B 2 .   ? -0.296  -6.611  13.900  1.00 16.84 ? 353 HOH A O   1 
HETATM 1360 O O   . HOH B 2 .   ? 11.362  10.353  -10.295 1.00 15.83 ? 354 HOH A O   1 
HETATM 1361 O O   . HOH B 2 .   ? 9.183   7.491   5.795   1.00 26.82 ? 355 HOH A O   1 
HETATM 1362 O O   . HOH B 2 .   ? 7.315   -12.388 -12.580 1.00 17.28 ? 356 HOH A O   1 
HETATM 1363 O O   . HOH B 2 .   ? 5.592   -10.373 -3.344  1.00 17.03 ? 357 HOH A O   1 
HETATM 1364 O O   . HOH B 2 .   ? 9.293   11.125  -11.950 1.00 15.78 ? 358 HOH A O   1 
HETATM 1365 O O   . HOH B 2 .   ? 1.235   -8.841  -10.807 1.00 19.21 ? 359 HOH A O   1 
HETATM 1366 O O   . HOH B 2 .   ? 14.098  -2.732  -8.263  1.00 14.91 ? 360 HOH A O   1 
HETATM 1367 O O   . HOH B 2 .   ? 0.790   -9.701  -17.156 1.00 19.70 ? 361 HOH A O   1 
HETATM 1368 O O   . HOH B 2 .   ? 0.935   -1.386  18.008  1.00 15.88 ? 362 HOH A O   1 
HETATM 1369 O O   . HOH B 2 .   ? 16.271  -4.758  -4.714  1.00 29.12 ? 363 HOH A O   1 
HETATM 1370 O O   . HOH B 2 .   ? -6.569  -11.698 20.831  1.00 20.56 ? 364 HOH A O   1 
HETATM 1371 O O   . HOH B 2 .   ? 1.657   0.317   10.793  1.00 24.88 ? 365 HOH A O   1 
HETATM 1372 O O   . HOH B 2 .   ? -2.370  10.724  -9.346  1.00 17.96 ? 366 HOH A O   1 
HETATM 1373 O O   . HOH B 2 .   ? -5.357  3.476   25.271  1.00 19.98 ? 367 HOH A O   1 
HETATM 1374 O O   . HOH B 2 .   ? 8.968   12.051  0.943   1.00 21.91 ? 368 HOH A O   1 
HETATM 1375 O O   . HOH B 2 .   ? -4.597  5.868   6.216   1.00 22.33 ? 369 HOH A O   1 
HETATM 1376 O O   . HOH B 2 .   ? -3.125  -7.336  26.499  1.00 20.97 ? 370 HOH A O   1 
HETATM 1377 O O   . HOH B 2 .   ? 14.720  -6.188  0.309   1.00 20.09 ? 371 HOH A O   1 
HETATM 1378 O O   . HOH B 2 .   ? -0.153  12.533  -20.216 1.00 20.15 ? 372 HOH A O   1 
HETATM 1379 O O   . HOH B 2 .   ? 1.567   13.527  -14.142 1.00 16.61 ? 373 HOH A O   1 
HETATM 1380 O O   . HOH B 2 .   ? -3.009  0.676   11.090  1.00 21.23 ? 374 HOH A O   1 
HETATM 1381 O O   . HOH B 2 .   ? 4.612   10.579  -25.568 1.00 26.47 ? 375 HOH A O   1 
HETATM 1382 O O   . HOH B 2 .   ? -0.633  -0.552  26.279  1.00 21.45 ? 376 HOH A O   1 
HETATM 1383 O O   . HOH B 2 .   ? 0.208   11.452  11.859  1.00 22.86 ? 377 HOH A O   1 
HETATM 1384 O O   . HOH B 2 .   ? -13.797 -0.340  28.913  1.00 17.17 ? 378 HOH A O   1 
HETATM 1385 O O   . HOH B 2 .   ? -1.083  7.983   -24.870 1.00 28.26 ? 379 HOH A O   1 
HETATM 1386 O O   . HOH B 2 .   ? 9.514   -6.214  3.321   1.00 23.31 ? 380 HOH A O   1 
HETATM 1387 O O   . HOH B 2 .   ? -1.139  -5.586  25.467  1.00 14.56 ? 381 HOH A O   1 
HETATM 1388 O O   . HOH B 2 .   ? 3.544   -6.790  -20.178 1.00 18.06 ? 382 HOH A O   1 
HETATM 1389 O O   . HOH B 2 .   ? 9.484   -15.493 -0.175  1.00 26.54 ? 383 HOH A O   1 
HETATM 1390 O O   . HOH B 2 .   ? -16.646 -6.196  13.050  1.00 38.07 ? 384 HOH A O   1 
HETATM 1391 O O   . HOH B 2 .   ? 11.632  4.830   2.133   1.00 35.93 ? 385 HOH A O   1 
HETATM 1392 O O   . HOH B 2 .   ? 3.211   15.478  -2.060  1.00 27.27 ? 386 HOH A O   1 
HETATM 1393 O O   . HOH B 2 .   ? -3.569  -3.406  -9.699  1.00 24.37 ? 387 HOH A O   1 
HETATM 1394 O O   . HOH B 2 .   ? -6.653  10.650  17.397  1.00 22.99 ? 388 HOH A O   1 
HETATM 1395 O O   . HOH B 2 .   ? -6.740  4.380   -27.013 1.00 29.93 ? 389 HOH A O   1 
HETATM 1396 O O   . HOH B 2 .   ? 12.437  -5.945  -11.060 1.00 21.00 ? 390 HOH A O   1 
HETATM 1397 O O   . HOH B 2 .   ? -19.616 -3.571  18.519  1.00 21.62 ? 391 HOH A O   1 
HETATM 1398 O O   . HOH B 2 .   ? 9.013   -5.540  -11.501 1.00 16.63 ? 392 HOH A O   1 
HETATM 1399 O O   . HOH B 2 .   ? -14.238 -13.173 25.949  1.00 44.69 ? 393 HOH A O   1 
HETATM 1400 O O   . HOH B 2 .   ? -12.468 7.698   27.374  1.00 31.54 ? 394 HOH A O   1 
HETATM 1401 O O   . HOH B 2 .   ? 3.450   7.352   10.501  1.00 27.82 ? 395 HOH A O   1 
HETATM 1402 O O   . HOH B 2 .   ? 15.262  -14.715 -12.415 1.00 35.54 ? 396 HOH A O   1 
HETATM 1403 O O   . HOH B 2 .   ? 2.542   -3.645  27.060  1.00 28.22 ? 397 HOH A O   1 
HETATM 1404 O O   . HOH B 2 .   ? -12.337 9.957   14.823  1.00 38.40 ? 398 HOH A O   1 
HETATM 1405 O O   . HOH B 2 .   ? -10.987 7.614   -18.681 1.00 36.61 ? 399 HOH A O   1 
HETATM 1406 O O   . HOH B 2 .   ? -4.260  6.990   -7.216  1.00 27.96 ? 400 HOH A O   1 
HETATM 1407 O O   . HOH B 2 .   ? -12.415 8.512   -14.807 1.00 25.55 ? 401 HOH A O   1 
HETATM 1408 O O   . HOH B 2 .   ? -0.140  4.526   15.212  1.00 20.87 ? 402 HOH A O   1 
HETATM 1409 O O   . HOH B 2 .   ? 14.638  -15.862 -7.511  1.00 24.83 ? 403 HOH A O   1 
HETATM 1410 O O   . HOH B 2 .   ? -2.724  11.778  2.714   1.00 24.05 ? 404 HOH A O   1 
HETATM 1411 O O   . HOH B 2 .   ? -4.410  8.596   -9.267  1.00 27.95 ? 405 HOH A O   1 
HETATM 1412 O O   . HOH B 2 .   ? 11.474  3.970   -24.261 1.00 28.65 ? 406 HOH A O   1 
HETATM 1413 O O   . HOH B 2 .   ? 11.936  -12.420 -13.639 1.00 28.16 ? 407 HOH A O   1 
HETATM 1414 O O   . HOH B 2 .   ? -8.628  2.333   -10.934 1.00 19.54 ? 408 HOH A O   1 
HETATM 1415 O O   . HOH B 2 .   ? -4.525  0.125   32.600  1.00 27.11 ? 409 HOH A O   1 
HETATM 1416 O O   . HOH B 2 .   ? 17.875  -6.656  -0.576  1.00 35.36 ? 410 HOH A O   1 
HETATM 1417 O O   . HOH B 2 .   ? -6.735  10.476  5.342   1.00 24.55 ? 411 HOH A O   1 
HETATM 1418 O O   . HOH B 2 .   ? -4.969  11.293  -13.091 1.00 26.02 ? 412 HOH A O   1 
HETATM 1419 O O   . HOH B 2 .   ? -3.600  -12.459 29.675  1.00 39.97 ? 413 HOH A O   1 
HETATM 1420 O O   . HOH B 2 .   ? 19.457  -9.804  -2.292  1.00 21.00 ? 414 HOH A O   1 
HETATM 1421 O O   . HOH B 2 .   ? 8.209   5.341   -26.455 1.00 28.57 ? 415 HOH A O   1 
HETATM 1422 O O   . HOH B 2 .   ? 2.090   16.757  -11.577 1.00 41.51 ? 416 HOH A O   1 
HETATM 1423 O O   . HOH B 2 .   ? 21.111  -12.560 -8.137  1.00 38.77 ? 417 HOH A O   1 
HETATM 1424 O O   . HOH B 2 .   ? -12.259 -6.433  16.386  1.00 24.51 ? 418 HOH A O   1 
HETATM 1425 O O   . HOH B 2 .   ? -0.072  3.972   26.540  1.00 45.66 ? 419 HOH A O   1 
HETATM 1426 O O   . HOH B 2 .   ? 4.637   6.405   -24.968 1.00 28.35 ? 420 HOH A O   1 
HETATM 1427 O O   . HOH B 2 .   ? -3.082  10.858  0.254   1.00 34.85 ? 421 HOH A O   1 
HETATM 1428 O O   . HOH B 2 .   ? 12.076  10.824  4.085   1.00 33.13 ? 422 HOH A O   1 
HETATM 1429 O O   . HOH B 2 .   ? -2.336  -11.226 -7.168  1.00 32.54 ? 423 HOH A O   1 
HETATM 1430 O O   . HOH B 2 .   ? 12.614  6.485   -0.288  1.00 32.48 ? 424 HOH A O   1 
HETATM 1431 O O   . HOH B 2 .   ? 9.703   10.379  -20.479 1.00 34.47 ? 425 HOH A O   1 
HETATM 1432 O O   . HOH B 2 .   ? -10.574 5.434   32.622  1.00 38.50 ? 426 HOH A O   1 
HETATM 1433 O O   . HOH B 2 .   ? -10.154 9.900   17.063  1.00 26.97 ? 427 HOH A O   1 
HETATM 1434 O O   . HOH B 2 .   ? -18.826 -3.938  30.511  1.00 30.90 ? 428 HOH A O   1 
HETATM 1435 O O   . HOH B 2 .   ? -4.114  6.897   3.875   1.00 38.12 ? 429 HOH A O   1 
HETATM 1436 O O   . HOH B 2 .   ? 2.718   -16.928 -7.124  1.00 36.09 ? 430 HOH A O   1 
HETATM 1437 O O   . HOH B 2 .   ? 18.787  2.647   -7.664  1.00 39.80 ? 431 HOH A O   1 
HETATM 1438 O O   . HOH B 2 .   ? -2.756  8.330   -0.788  1.00 38.46 ? 432 HOH A O   1 
HETATM 1439 O O   . HOH B 2 .   ? 16.242  2.238   -3.604  1.00 44.51 ? 433 HOH A O   1 
HETATM 1440 O O   . HOH B 2 .   ? 1.496   -5.683  -6.484  1.00 36.30 ? 434 HOH A O   1 
HETATM 1441 O O   . HOH B 2 .   ? -1.180  -2.769  -8.681  1.00 26.43 ? 435 HOH A O   1 
HETATM 1442 O O   . HOH B 2 .   ? -1.870  6.794   -29.863 1.00 65.76 ? 436 HOH A O   1 
HETATM 1443 O O   . HOH B 2 .   ? 4.203   -3.726  15.531  1.00 31.61 ? 437 HOH A O   1 
HETATM 1444 O O   . HOH B 2 .   ? -7.048  3.615   6.137   1.00 39.61 ? 438 HOH A O   1 
HETATM 1445 O O   . HOH B 2 .   ? 16.622  5.540   -3.542  1.00 35.31 ? 439 HOH A O   1 
HETATM 1446 O O   . HOH B 2 .   ? 3.150   15.506  -13.714 1.00 43.16 ? 440 HOH A O   1 
HETATM 1447 O O   . HOH B 2 .   ? -2.161  12.270  -3.457  1.00 37.76 ? 441 HOH A O   1 
HETATM 1448 O O   . HOH B 2 .   ? -1.601  5.476   23.654  1.00 24.64 ? 442 HOH A O   1 
HETATM 1449 O O   . HOH B 2 .   ? 22.228  -9.383  -6.570  1.00 43.18 ? 443 HOH A O   1 
HETATM 1450 O O   . HOH B 2 .   ? -8.298  -9.840  16.264  1.00 34.96 ? 444 HOH A O   1 
HETATM 1451 O O   . HOH B 2 .   ? 3.774   -8.477  -2.849  1.00 36.63 ? 445 HOH A O   1 
HETATM 1452 O O   . HOH B 2 .   ? -17.693 -6.564  28.296  1.00 34.94 ? 446 HOH A O   1 
HETATM 1453 O O   . HOH B 2 .   ? 7.407   13.693  -19.769 1.00 35.18 ? 447 HOH A O   1 
HETATM 1454 O O   . HOH B 2 .   ? -2.077  0.335   -31.524 1.00 36.65 ? 448 HOH A O   1 
HETATM 1455 O O   . HOH B 2 .   ? -14.883 -3.861  19.863  1.00 39.55 ? 449 HOH A O   1 
HETATM 1456 O O   . HOH B 2 .   ? -0.411  0.411   28.742  1.00 61.94 ? 450 HOH A O   1 
HETATM 1457 O O   . HOH B 2 .   ? -18.055 -14.084 20.911  1.00 35.86 ? 451 HOH A O   1 
HETATM 1458 O O   . HOH B 2 .   ? 0.603   -2.222  -28.307 1.00 40.75 ? 452 HOH A O   1 
HETATM 1459 O O   . HOH B 2 .   ? -2.004  -10.001 -9.573  1.00 26.33 ? 453 HOH A O   1 
HETATM 1460 O O   . HOH B 2 .   ? 10.273  4.499   4.349   1.00 43.92 ? 454 HOH A O   1 
HETATM 1461 O O   . HOH B 2 .   ? 9.022   13.480  -17.607 1.00 32.67 ? 455 HOH A O   1 
HETATM 1462 O O   . HOH B 2 .   ? -8.088  9.547   19.352  1.00 22.23 ? 456 HOH A O   1 
HETATM 1463 O O   . HOH B 2 .   ? 1.974   15.489  7.249   1.00 43.36 ? 457 HOH A O   1 
HETATM 1464 O O   . HOH B 2 .   ? -7.613  11.519  -21.604 1.00 45.42 ? 458 HOH A O   1 
HETATM 1465 O O   . HOH B 2 .   ? 6.022   14.534  -11.532 1.00 44.74 ? 459 HOH A O   1 
HETATM 1466 O O   . HOH B 2 .   ? 8.676   13.086  -4.423  1.00 24.56 ? 460 HOH A O   1 
HETATM 1467 O O   . HOH B 2 .   ? -4.857  -10.542 13.783  1.00 41.61 ? 461 HOH A O   1 
HETATM 1468 O O   . HOH B 2 .   ? 15.931  1.207   -11.876 1.00 41.59 ? 462 HOH A O   1 
HETATM 1469 O O   . HOH B 2 .   ? -6.337  7.255   -24.133 1.00 38.83 ? 463 HOH A O   1 
HETATM 1470 O O   . HOH B 2 .   ? 16.801  -7.964  7.819   1.00 67.43 ? 464 HOH A O   1 
HETATM 1471 O O   . HOH B 2 .   ? -3.310  5.958   -1.937  1.00 36.82 ? 465 HOH A O   1 
HETATM 1472 O O   . HOH B 2 .   ? 7.433   12.067  -23.426 1.00 45.18 ? 466 HOH A O   1 
HETATM 1473 O O   . HOH B 2 .   ? 12.990  2.489   0.613   1.00 25.12 ? 467 HOH A O   1 
HETATM 1474 O O   . HOH B 2 .   ? 6.430   -20.584 -8.192  1.00 42.34 ? 468 HOH A O   1 
HETATM 1475 O O   . HOH B 2 .   ? -7.550  5.848   -31.030 1.00 47.39 ? 469 HOH A O   1 
HETATM 1476 O O   . HOH B 2 .   ? 4.450   -10.449 0.032   1.00 36.96 ? 470 HOH A O   1 
HETATM 1477 O O   . HOH B 2 .   ? 12.718  -7.784  1.368   1.00 28.24 ? 471 HOH A O   1 
HETATM 1478 O O   . HOH B 2 .   ? 2.110   -15.609 -10.556 1.00 29.52 ? 472 HOH A O   1 
HETATM 1479 O O   . HOH B 2 .   ? -8.414  6.969   2.859   1.00 39.13 ? 473 HOH A O   1 
HETATM 1480 O O   . HOH B 2 .   ? -4.311  -16.439 -5.964  1.00 48.29 ? 474 HOH A O   1 
HETATM 1481 O O   . HOH B 2 .   ? -8.303  13.889  14.788  1.00 40.30 ? 475 HOH A O   1 
HETATM 1482 O O   . HOH B 2 .   ? 7.169   -10.146 -14.309 1.00 16.58 ? 476 HOH A O   1 
HETATM 1483 O O   . HOH B 2 .   ? 2.419   -1.392  -4.555  1.00 19.12 ? 477 HOH A O   1 
HETATM 1484 O O   . HOH B 2 .   ? -5.505  5.841   25.957  1.00 24.73 ? 478 HOH A O   1 
HETATM 1485 O O   . HOH B 2 .   ? 0.007   0.826   -6.375  1.00 17.22 ? 479 HOH A O   1 
HETATM 1486 O O   . HOH B 2 .   ? -10.851 10.024  -17.692 1.00 83.89 ? 480 HOH A O   1 
HETATM 1487 O O   . HOH B 2 .   ? 10.083  -6.847  -13.643 1.00 15.36 ? 481 HOH A O   1 
HETATM 1488 O O   . HOH B 2 .   ? -0.646  1.325   11.728  1.00 19.84 ? 482 HOH A O   1 
HETATM 1489 O O   . HOH B 2 .   ? 2.039   -9.232  -19.446 1.00 22.73 ? 483 HOH A O   1 
HETATM 1490 O O   . HOH B 2 .   ? -2.495  11.289  -11.972 1.00 23.77 ? 484 HOH A O   1 
HETATM 1491 O O   . HOH B 2 .   ? 14.759  -7.369  6.077   1.00 29.62 ? 485 HOH A O   1 
HETATM 1492 O O   . HOH B 2 .   ? -0.403  4.895   -27.930 1.00 19.98 ? 486 HOH A O   1 
HETATM 1493 O O   . HOH B 2 .   ? -0.746  -3.238  26.653  1.00 18.64 ? 487 HOH A O   1 
HETATM 1494 O O   . HOH B 2 .   ? -4.006  3.506   0.603   1.00 43.67 ? 488 HOH A O   1 
HETATM 1495 O O   . HOH B 2 .   ? 13.590  3.972   -22.271 1.00 25.50 ? 489 HOH A O   1 
HETATM 1496 O O   . HOH B 2 .   ? 9.813   -13.520 -12.489 1.00 22.00 ? 490 HOH A O   1 
HETATM 1497 O O   . HOH B 2 .   ? 1.387   1.449   26.164  1.00 36.32 ? 491 HOH A O   1 
# 
